data_3VC8
# 
_entry.id   3VC8 
# 
_audit_conform.dict_name       mmcif_pdbx.dic 
_audit_conform.dict_version    5.397 
_audit_conform.dict_location   http://mmcif.pdb.org/dictionaries/ascii/mmcif_pdbx.dic 
# 
loop_
_database_2.database_id 
_database_2.database_code 
_database_2.pdbx_database_accession 
_database_2.pdbx_DOI 
PDB   3VC8         pdb_00003vc8 10.2210/pdb3vc8/pdb 
RCSB  RCSB069862   ?            ?                   
WWPDB D_1000069862 ?            ?                   
# 
loop_
_pdbx_audit_revision_history.ordinal 
_pdbx_audit_revision_history.data_content_type 
_pdbx_audit_revision_history.major_revision 
_pdbx_audit_revision_history.minor_revision 
_pdbx_audit_revision_history.revision_date 
1 'Structure model' 1 0 2012-01-11 
2 'Structure model' 1 1 2024-10-30 
# 
_pdbx_audit_revision_details.ordinal             1 
_pdbx_audit_revision_details.revision_ordinal    1 
_pdbx_audit_revision_details.data_content_type   'Structure model' 
_pdbx_audit_revision_details.provider            repository 
_pdbx_audit_revision_details.type                'Initial release' 
_pdbx_audit_revision_details.description         ? 
_pdbx_audit_revision_details.details             ? 
# 
loop_
_pdbx_audit_revision_group.ordinal 
_pdbx_audit_revision_group.revision_ordinal 
_pdbx_audit_revision_group.data_content_type 
_pdbx_audit_revision_group.group 
1 2 'Structure model' 'Data collection'     
2 2 'Structure model' 'Database references' 
3 2 'Structure model' 'Structure summary'   
# 
loop_
_pdbx_audit_revision_category.ordinal 
_pdbx_audit_revision_category.revision_ordinal 
_pdbx_audit_revision_category.data_content_type 
_pdbx_audit_revision_category.category 
1 2 'Structure model' chem_comp_atom            
2 2 'Structure model' chem_comp_bond            
3 2 'Structure model' database_2                
4 2 'Structure model' pdbx_entry_details        
5 2 'Structure model' pdbx_modification_feature 
6 2 'Structure model' struct_ref_seq_dif        
# 
loop_
_pdbx_audit_revision_item.ordinal 
_pdbx_audit_revision_item.revision_ordinal 
_pdbx_audit_revision_item.data_content_type 
_pdbx_audit_revision_item.item 
1 2 'Structure model' '_database_2.pdbx_DOI'                
2 2 'Structure model' '_database_2.pdbx_database_accession' 
3 2 'Structure model' '_struct_ref_seq_dif.details'         
# 
_pdbx_database_status.status_code                     REL 
_pdbx_database_status.entry_id                        3VC8 
_pdbx_database_status.recvd_initial_deposition_date   2012-01-03 
_pdbx_database_status.deposit_site                    RCSB 
_pdbx_database_status.process_site                    RCSB 
_pdbx_database_status.status_code_sf                  REL 
_pdbx_database_status.status_code_mr                  ? 
_pdbx_database_status.SG_entry                        ? 
_pdbx_database_status.status_code_cs                  ? 
_pdbx_database_status.methods_development_category    ? 
_pdbx_database_status.pdb_format_compatible           Y 
_pdbx_database_status.status_code_nmr_data            ? 
# 
loop_
_audit_author.name 
_audit_author.pdbx_ordinal 
'Xu, X.'      1  
'Lou, Z.'     2  
'Ma, Y.'      3  
'Chen, X.'    4  
'Yang, Z.'    5  
'Tong, X.'    6  
'Zhao, Q.'    7  
'Xu, Y.'      8  
'Deng, H.'    9  
'Bartlam, M.' 10 
'Rao, Z.'     11 
# 
_citation.id                        primary 
_citation.title                     
'Crystal structure of the C-terminal cytoplasmic domain of non-structural protein 4 from mouse hepatitis virus A59.' 
_citation.journal_abbrev            'Plos One' 
_citation.journal_volume            4 
_citation.page_first                e6217 
_citation.page_last                 e6217 
_citation.year                      2009 
_citation.journal_id_ASTM           ? 
_citation.country                   US 
_citation.journal_id_ISSN           1932-6203 
_citation.journal_id_CSD            ? 
_citation.book_publisher            ? 
_citation.pdbx_database_id_PubMed   19593433 
_citation.pdbx_database_id_DOI      10.1371/journal.pone.0006217 
# 
loop_
_citation_author.citation_id 
_citation_author.name 
_citation_author.ordinal 
_citation_author.identifier_ORCID 
primary 'Xu, X.'      1  ? 
primary 'Lou, Z.'     2  ? 
primary 'Ma, Y.'      3  ? 
primary 'Chen, X.'    4  ? 
primary 'Yang, Z.'    5  ? 
primary 'Tong, X.'    6  ? 
primary 'Zhao, Q.'    7  ? 
primary 'Xu, Y.'      8  ? 
primary 'Deng, H.'    9  ? 
primary 'Bartlam, M.' 10 ? 
primary 'Rao, Z.'     11 ? 
# 
loop_
_entity.id 
_entity.type 
_entity.src_method 
_entity.pdbx_description 
_entity.formula_weight 
_entity.pdbx_number_of_molecules 
_entity.pdbx_ec 
_entity.pdbx_mutation 
_entity.pdbx_fragment 
_entity.details 
1 polymer man 'RNA-directed RNA polymerase' 10600.918 2   ? ? 'C-TERMINAL CYTOPLASMIC DOMAIN' ? 
2 water   nat water                         18.015    152 ? ? ?                               ? 
# 
_entity_poly.entity_id                      1 
_entity_poly.type                           'polypeptide(L)' 
_entity_poly.nstd_linkage                   no 
_entity_poly.nstd_monomer                   no 
_entity_poly.pdbx_seq_one_letter_code       
;GPLGSTFEEMALTTFMITKESYCKLKNSVSDVAFNRYLSLYNKYRYFSGKMDTAAYREAACSQLAKAMETFNHNNGNDVL
YQPPTASVTTSFLQ
;
_entity_poly.pdbx_seq_one_letter_code_can   
;GPLGSTFEEMALTTFMITKESYCKLKNSVSDVAFNRYLSLYNKYRYFSGKMDTAAYREAACSQLAKAMETFNHNNGNDVL
YQPPTASVTTSFLQ
;
_entity_poly.pdbx_strand_id                 A,B 
_entity_poly.pdbx_target_identifier         ? 
# 
_pdbx_entity_nonpoly.entity_id   2 
_pdbx_entity_nonpoly.name        water 
_pdbx_entity_nonpoly.comp_id     HOH 
# 
loop_
_entity_poly_seq.entity_id 
_entity_poly_seq.num 
_entity_poly_seq.mon_id 
_entity_poly_seq.hetero 
1 1  GLY n 
1 2  PRO n 
1 3  LEU n 
1 4  GLY n 
1 5  SER n 
1 6  THR n 
1 7  PHE n 
1 8  GLU n 
1 9  GLU n 
1 10 MET n 
1 11 ALA n 
1 12 LEU n 
1 13 THR n 
1 14 THR n 
1 15 PHE n 
1 16 MET n 
1 17 ILE n 
1 18 THR n 
1 19 LYS n 
1 20 GLU n 
1 21 SER n 
1 22 TYR n 
1 23 CYS n 
1 24 LYS n 
1 25 LEU n 
1 26 LYS n 
1 27 ASN n 
1 28 SER n 
1 29 VAL n 
1 30 SER n 
1 31 ASP n 
1 32 VAL n 
1 33 ALA n 
1 34 PHE n 
1 35 ASN n 
1 36 ARG n 
1 37 TYR n 
1 38 LEU n 
1 39 SER n 
1 40 LEU n 
1 41 TYR n 
1 42 ASN n 
1 43 LYS n 
1 44 TYR n 
1 45 ARG n 
1 46 TYR n 
1 47 PHE n 
1 48 SER n 
1 49 GLY n 
1 50 LYS n 
1 51 MET n 
1 52 ASP n 
1 53 THR n 
1 54 ALA n 
1 55 ALA n 
1 56 TYR n 
1 57 ARG n 
1 58 GLU n 
1 59 ALA n 
1 60 ALA n 
1 61 CYS n 
1 62 SER n 
1 63 GLN n 
1 64 LEU n 
1 65 ALA n 
1 66 LYS n 
1 67 ALA n 
1 68 MET n 
1 69 GLU n 
1 70 THR n 
1 71 PHE n 
1 72 ASN n 
1 73 HIS n 
1 74 ASN n 
1 75 ASN n 
1 76 GLY n 
1 77 ASN n 
1 78 ASP n 
1 79 VAL n 
1 80 LEU n 
1 81 TYR n 
1 82 GLN n 
1 83 PRO n 
1 84 PRO n 
1 85 THR n 
1 86 ALA n 
1 87 SER n 
1 88 VAL n 
1 89 THR n 
1 90 THR n 
1 91 SER n 
1 92 PHE n 
1 93 LEU n 
1 94 GLN n 
# 
_entity_src_gen.entity_id                          1 
_entity_src_gen.pdbx_src_id                        1 
_entity_src_gen.pdbx_alt_source_flag               sample 
_entity_src_gen.pdbx_seq_type                      ? 
_entity_src_gen.pdbx_beg_seq_num                   ? 
_entity_src_gen.pdbx_end_seq_num                   ? 
_entity_src_gen.gene_src_common_name               ? 
_entity_src_gen.gene_src_genus                     ? 
_entity_src_gen.pdbx_gene_src_gene                 'Murine hepatitis virus strain A59 ORF1ab, ORF1A' 
_entity_src_gen.gene_src_species                   ? 
_entity_src_gen.gene_src_strain                    A59 
_entity_src_gen.gene_src_tissue                    ? 
_entity_src_gen.gene_src_tissue_fraction           ? 
_entity_src_gen.gene_src_details                   ? 
_entity_src_gen.pdbx_gene_src_fragment             ? 
_entity_src_gen.pdbx_gene_src_scientific_name      'Murine hepatitis virus' 
_entity_src_gen.pdbx_gene_src_ncbi_taxonomy_id     591071 
_entity_src_gen.pdbx_gene_src_variant              ? 
_entity_src_gen.pdbx_gene_src_cell_line            ? 
_entity_src_gen.pdbx_gene_src_atcc                 ? 
_entity_src_gen.pdbx_gene_src_organ                ? 
_entity_src_gen.pdbx_gene_src_organelle            ? 
_entity_src_gen.pdbx_gene_src_cell                 ? 
_entity_src_gen.pdbx_gene_src_cellular_location    ? 
_entity_src_gen.host_org_common_name               ? 
_entity_src_gen.pdbx_host_org_scientific_name      'Escherichia coli' 
_entity_src_gen.pdbx_host_org_ncbi_taxonomy_id     469008 
_entity_src_gen.host_org_genus                     ? 
_entity_src_gen.pdbx_host_org_gene                 ? 
_entity_src_gen.pdbx_host_org_organ                ? 
_entity_src_gen.host_org_species                   ? 
_entity_src_gen.pdbx_host_org_tissue               ? 
_entity_src_gen.pdbx_host_org_tissue_fraction      ? 
_entity_src_gen.pdbx_host_org_strain               'BL21(DE3)' 
_entity_src_gen.pdbx_host_org_variant              ? 
_entity_src_gen.pdbx_host_org_cell_line            ? 
_entity_src_gen.pdbx_host_org_atcc                 ? 
_entity_src_gen.pdbx_host_org_culture_collection   ? 
_entity_src_gen.pdbx_host_org_cell                 ? 
_entity_src_gen.pdbx_host_org_organelle            ? 
_entity_src_gen.pdbx_host_org_cellular_location    ? 
_entity_src_gen.pdbx_host_org_vector_type          Plasmid 
_entity_src_gen.pdbx_host_org_vector               ? 
_entity_src_gen.host_org_details                   ? 
_entity_src_gen.expression_system_id               ? 
_entity_src_gen.plasmid_name                       pGEX-6p-1 
_entity_src_gen.plasmid_details                    ? 
_entity_src_gen.pdbx_description                   ? 
# 
loop_
_chem_comp.id 
_chem_comp.type 
_chem_comp.mon_nstd_flag 
_chem_comp.name 
_chem_comp.pdbx_synonyms 
_chem_comp.formula 
_chem_comp.formula_weight 
ALA 'L-peptide linking' y ALANINE         ? 'C3 H7 N O2'     89.093  
ARG 'L-peptide linking' y ARGININE        ? 'C6 H15 N4 O2 1' 175.209 
ASN 'L-peptide linking' y ASPARAGINE      ? 'C4 H8 N2 O3'    132.118 
ASP 'L-peptide linking' y 'ASPARTIC ACID' ? 'C4 H7 N O4'     133.103 
CYS 'L-peptide linking' y CYSTEINE        ? 'C3 H7 N O2 S'   121.158 
GLN 'L-peptide linking' y GLUTAMINE       ? 'C5 H10 N2 O3'   146.144 
GLU 'L-peptide linking' y 'GLUTAMIC ACID' ? 'C5 H9 N O4'     147.129 
GLY 'peptide linking'   y GLYCINE         ? 'C2 H5 N O2'     75.067  
HIS 'L-peptide linking' y HISTIDINE       ? 'C6 H10 N3 O2 1' 156.162 
HOH non-polymer         . WATER           ? 'H2 O'           18.015  
ILE 'L-peptide linking' y ISOLEUCINE      ? 'C6 H13 N O2'    131.173 
LEU 'L-peptide linking' y LEUCINE         ? 'C6 H13 N O2'    131.173 
LYS 'L-peptide linking' y LYSINE          ? 'C6 H15 N2 O2 1' 147.195 
MET 'L-peptide linking' y METHIONINE      ? 'C5 H11 N O2 S'  149.211 
PHE 'L-peptide linking' y PHENYLALANINE   ? 'C9 H11 N O2'    165.189 
PRO 'L-peptide linking' y PROLINE         ? 'C5 H9 N O2'     115.130 
SER 'L-peptide linking' y SERINE          ? 'C3 H7 N O3'     105.093 
THR 'L-peptide linking' y THREONINE       ? 'C4 H9 N O3'     119.119 
TYR 'L-peptide linking' y TYROSINE        ? 'C9 H11 N O3'    181.189 
VAL 'L-peptide linking' y VALINE          ? 'C5 H11 N O2'    117.146 
# 
loop_
_pdbx_poly_seq_scheme.asym_id 
_pdbx_poly_seq_scheme.entity_id 
_pdbx_poly_seq_scheme.seq_id 
_pdbx_poly_seq_scheme.mon_id 
_pdbx_poly_seq_scheme.ndb_seq_num 
_pdbx_poly_seq_scheme.pdb_seq_num 
_pdbx_poly_seq_scheme.auth_seq_num 
_pdbx_poly_seq_scheme.pdb_mon_id 
_pdbx_poly_seq_scheme.auth_mon_id 
_pdbx_poly_seq_scheme.pdb_strand_id 
_pdbx_poly_seq_scheme.pdb_ins_code 
_pdbx_poly_seq_scheme.hetero 
A 1 1  GLY 1  -4 ?  ?   ?   A . n 
A 1 2  PRO 2  -3 ?  ?   ?   A . n 
A 1 3  LEU 3  -2 ?  ?   ?   A . n 
A 1 4  GLY 4  -1 ?  ?   ?   A . n 
A 1 5  SER 5  0  ?  ?   ?   A . n 
A 1 6  THR 6  1  1  THR THR A . n 
A 1 7  PHE 7  2  2  PHE PHE A . n 
A 1 8  GLU 8  3  3  GLU GLU A . n 
A 1 9  GLU 9  4  4  GLU GLU A . n 
A 1 10 MET 10 5  5  MET MET A . n 
A 1 11 ALA 11 6  6  ALA ALA A . n 
A 1 12 LEU 12 7  7  LEU LEU A . n 
A 1 13 THR 13 8  8  THR THR A . n 
A 1 14 THR 14 9  9  THR THR A . n 
A 1 15 PHE 15 10 10 PHE PHE A . n 
A 1 16 MET 16 11 11 MET MET A . n 
A 1 17 ILE 17 12 12 ILE ILE A . n 
A 1 18 THR 18 13 13 THR THR A . n 
A 1 19 LYS 19 14 14 LYS LYS A . n 
A 1 20 GLU 20 15 15 GLU GLU A . n 
A 1 21 SER 21 16 16 SER SER A . n 
A 1 22 TYR 22 17 17 TYR TYR A . n 
A 1 23 CYS 23 18 18 CYS CYS A . n 
A 1 24 LYS 24 19 19 LYS LYS A . n 
A 1 25 LEU 25 20 20 LEU LEU A . n 
A 1 26 LYS 26 21 21 LYS LYS A . n 
A 1 27 ASN 27 22 22 ASN ASN A . n 
A 1 28 SER 28 23 23 SER SER A . n 
A 1 29 VAL 29 24 24 VAL VAL A . n 
A 1 30 SER 30 25 25 SER SER A . n 
A 1 31 ASP 31 26 26 ASP ASP A . n 
A 1 32 VAL 32 27 27 VAL VAL A . n 
A 1 33 ALA 33 28 28 ALA ALA A . n 
A 1 34 PHE 34 29 29 PHE PHE A . n 
A 1 35 ASN 35 30 30 ASN ASN A . n 
A 1 36 ARG 36 31 31 ARG ARG A . n 
A 1 37 TYR 37 32 32 TYR TYR A . n 
A 1 38 LEU 38 33 33 LEU LEU A . n 
A 1 39 SER 39 34 34 SER SER A . n 
A 1 40 LEU 40 35 35 LEU LEU A . n 
A 1 41 TYR 41 36 36 TYR TYR A . n 
A 1 42 ASN 42 37 37 ASN ASN A . n 
A 1 43 LYS 43 38 38 LYS LYS A . n 
A 1 44 TYR 44 39 39 TYR TYR A . n 
A 1 45 ARG 45 40 40 ARG ARG A . n 
A 1 46 TYR 46 41 41 TYR TYR A . n 
A 1 47 PHE 47 42 42 PHE PHE A . n 
A 1 48 SER 48 43 43 SER SER A . n 
A 1 49 GLY 49 44 44 GLY GLY A . n 
A 1 50 LYS 50 45 45 LYS LYS A . n 
A 1 51 MET 51 46 46 MET MET A . n 
A 1 52 ASP 52 47 47 ASP ASP A . n 
A 1 53 THR 53 48 48 THR THR A . n 
A 1 54 ALA 54 49 49 ALA ALA A . n 
A 1 55 ALA 55 50 50 ALA ALA A . n 
A 1 56 TYR 56 51 51 TYR TYR A . n 
A 1 57 ARG 57 52 52 ARG ARG A . n 
A 1 58 GLU 58 53 53 GLU GLU A . n 
A 1 59 ALA 59 54 54 ALA ALA A . n 
A 1 60 ALA 60 55 55 ALA ALA A . n 
A 1 61 CYS 61 56 56 CYS CYS A . n 
A 1 62 SER 62 57 57 SER SER A . n 
A 1 63 GLN 63 58 58 GLN GLN A . n 
A 1 64 LEU 64 59 59 LEU LEU A . n 
A 1 65 ALA 65 60 60 ALA ALA A . n 
A 1 66 LYS 66 61 61 LYS LYS A . n 
A 1 67 ALA 67 62 62 ALA ALA A . n 
A 1 68 MET 68 63 63 MET MET A . n 
A 1 69 GLU 69 64 64 GLU GLU A . n 
A 1 70 THR 70 65 65 THR THR A . n 
A 1 71 PHE 71 66 66 PHE PHE A . n 
A 1 72 ASN 72 67 67 ASN ASN A . n 
A 1 73 HIS 73 68 68 HIS HIS A . n 
A 1 74 ASN 74 69 69 ASN ASN A . n 
A 1 75 ASN 75 70 70 ASN ASN A . n 
A 1 76 GLY 76 71 71 GLY GLY A . n 
A 1 77 ASN 77 72 72 ASN ALA A . n 
A 1 78 ASP 78 73 73 ASP ASP A . n 
A 1 79 VAL 79 74 74 VAL VAL A . n 
A 1 80 LEU 80 75 75 LEU LEU A . n 
A 1 81 TYR 81 76 76 TYR TYR A . n 
A 1 82 GLN 82 77 77 GLN GLN A . n 
A 1 83 PRO 83 78 78 PRO PRO A . n 
A 1 84 PRO 84 79 79 PRO PRO A . n 
A 1 85 THR 85 80 80 THR THR A . n 
A 1 86 ALA 86 81 81 ALA ALA A . n 
A 1 87 SER 87 82 ?  ?   ?   A . n 
A 1 88 VAL 88 83 ?  ?   ?   A . n 
A 1 89 THR 89 84 ?  ?   ?   A . n 
A 1 90 THR 90 85 ?  ?   ?   A . n 
A 1 91 SER 91 86 ?  ?   ?   A . n 
A 1 92 PHE 92 87 ?  ?   ?   A . n 
A 1 93 LEU 93 88 ?  ?   ?   A . n 
A 1 94 GLN 94 89 ?  ?   ?   A . n 
B 1 1  GLY 1  -4 ?  ?   ?   B . n 
B 1 2  PRO 2  -3 ?  ?   ?   B . n 
B 1 3  LEU 3  -2 ?  ?   ?   B . n 
B 1 4  GLY 4  -1 ?  ?   ?   B . n 
B 1 5  SER 5  0  ?  ?   ?   B . n 
B 1 6  THR 6  1  1  THR THR B . n 
B 1 7  PHE 7  2  2  PHE PHE B . n 
B 1 8  GLU 8  3  3  GLU GLU B . n 
B 1 9  GLU 9  4  4  GLU GLU B . n 
B 1 10 MET 10 5  5  MET MET B . n 
B 1 11 ALA 11 6  6  ALA ALA B . n 
B 1 12 LEU 12 7  7  LEU LEU B . n 
B 1 13 THR 13 8  8  THR THR B . n 
B 1 14 THR 14 9  9  THR THR B . n 
B 1 15 PHE 15 10 10 PHE PHE B . n 
B 1 16 MET 16 11 11 MET MET B . n 
B 1 17 ILE 17 12 12 ILE ILE B . n 
B 1 18 THR 18 13 13 THR THR B . n 
B 1 19 LYS 19 14 14 LYS LYS B . n 
B 1 20 GLU 20 15 15 GLU GLU B . n 
B 1 21 SER 21 16 16 SER SER B . n 
B 1 22 TYR 22 17 17 TYR TYR B . n 
B 1 23 CYS 23 18 18 CYS CYS B . n 
B 1 24 LYS 24 19 19 LYS LYS B . n 
B 1 25 LEU 25 20 20 LEU LEU B . n 
B 1 26 LYS 26 21 21 LYS LYS B . n 
B 1 27 ASN 27 22 22 ASN ASN B . n 
B 1 28 SER 28 23 23 SER SER B . n 
B 1 29 VAL 29 24 24 VAL VAL B . n 
B 1 30 SER 30 25 25 SER SER B . n 
B 1 31 ASP 31 26 26 ASP ASP B . n 
B 1 32 VAL 32 27 27 VAL VAL B . n 
B 1 33 ALA 33 28 28 ALA ALA B . n 
B 1 34 PHE 34 29 29 PHE PHE B . n 
B 1 35 ASN 35 30 30 ASN ASN B . n 
B 1 36 ARG 36 31 31 ARG ARG B . n 
B 1 37 TYR 37 32 32 TYR TYR B . n 
B 1 38 LEU 38 33 33 LEU LEU B . n 
B 1 39 SER 39 34 34 SER SER B . n 
B 1 40 LEU 40 35 35 LEU LEU B . n 
B 1 41 TYR 41 36 36 TYR TYR B . n 
B 1 42 ASN 42 37 37 ASN ASN B . n 
B 1 43 LYS 43 38 38 LYS LYS B . n 
B 1 44 TYR 44 39 39 TYR TYR B . n 
B 1 45 ARG 45 40 40 ARG ARG B . n 
B 1 46 TYR 46 41 41 TYR TYR B . n 
B 1 47 PHE 47 42 42 PHE PHE B . n 
B 1 48 SER 48 43 43 SER SER B . n 
B 1 49 GLY 49 44 44 GLY GLY B . n 
B 1 50 LYS 50 45 45 LYS LYS B . n 
B 1 51 MET 51 46 46 MET MET B . n 
B 1 52 ASP 52 47 47 ASP ASP B . n 
B 1 53 THR 53 48 48 THR THR B . n 
B 1 54 ALA 54 49 49 ALA ALA B . n 
B 1 55 ALA 55 50 50 ALA ALA B . n 
B 1 56 TYR 56 51 51 TYR TYR B . n 
B 1 57 ARG 57 52 52 ARG ARG B . n 
B 1 58 GLU 58 53 53 GLU GLU B . n 
B 1 59 ALA 59 54 54 ALA ALA B . n 
B 1 60 ALA 60 55 55 ALA ALA B . n 
B 1 61 CYS 61 56 56 CYS CYS B . n 
B 1 62 SER 62 57 57 SER SER B . n 
B 1 63 GLN 63 58 58 GLN GLN B . n 
B 1 64 LEU 64 59 59 LEU LEU B . n 
B 1 65 ALA 65 60 60 ALA ALA B . n 
B 1 66 LYS 66 61 61 LYS LYS B . n 
B 1 67 ALA 67 62 62 ALA ALA B . n 
B 1 68 MET 68 63 63 MET MET B . n 
B 1 69 GLU 69 64 64 GLU GLU B . n 
B 1 70 THR 70 65 65 THR THR B . n 
B 1 71 PHE 71 66 66 PHE PHE B . n 
B 1 72 ASN 72 67 67 ASN ASN B . n 
B 1 73 HIS 73 68 68 HIS HIS B . n 
B 1 74 ASN 74 69 69 ASN ASN B . n 
B 1 75 ASN 75 70 70 ASN ASN B . n 
B 1 76 GLY 76 71 71 GLY GLY B . n 
B 1 77 ASN 77 72 72 ASN ASN B . n 
B 1 78 ASP 78 73 73 ASP ASP B . n 
B 1 79 VAL 79 74 74 VAL VAL B . n 
B 1 80 LEU 80 75 75 LEU LEU B . n 
B 1 81 TYR 81 76 76 TYR TYR B . n 
B 1 82 GLN 82 77 77 GLN GLN B . n 
B 1 83 PRO 83 78 78 PRO PRO B . n 
B 1 84 PRO 84 79 79 PRO PRO B . n 
B 1 85 THR 85 80 80 THR THR B . n 
B 1 86 ALA 86 81 81 ALA ALA B . n 
B 1 87 SER 87 82 82 SER ALA B . n 
B 1 88 VAL 88 83 83 VAL VAL B . n 
B 1 89 THR 89 84 84 THR THR B . n 
B 1 90 THR 90 85 85 THR THR B . n 
B 1 91 SER 91 86 ?  ?   ?   B . n 
B 1 92 PHE 92 87 ?  ?   ?   B . n 
B 1 93 LEU 93 88 ?  ?   ?   B . n 
B 1 94 GLN 94 89 ?  ?   ?   B . n 
# 
loop_
_pdbx_nonpoly_scheme.asym_id 
_pdbx_nonpoly_scheme.entity_id 
_pdbx_nonpoly_scheme.mon_id 
_pdbx_nonpoly_scheme.ndb_seq_num 
_pdbx_nonpoly_scheme.pdb_seq_num 
_pdbx_nonpoly_scheme.auth_seq_num 
_pdbx_nonpoly_scheme.pdb_mon_id 
_pdbx_nonpoly_scheme.auth_mon_id 
_pdbx_nonpoly_scheme.pdb_strand_id 
_pdbx_nonpoly_scheme.pdb_ins_code 
C 2 HOH 1  90  5   HOH TIP A . 
C 2 HOH 2  91  91  HOH TIP A . 
C 2 HOH 3  92  7   HOH TIP A . 
C 2 HOH 4  93  10  HOH TIP A . 
C 2 HOH 5  94  94  HOH TIP A . 
C 2 HOH 6  95  11  HOH TIP A . 
C 2 HOH 7  96  96  HOH TIP A . 
C 2 HOH 8  97  12  HOH TIP A . 
C 2 HOH 9  98  15  HOH TIP A . 
C 2 HOH 10 99  16  HOH TIP A . 
C 2 HOH 11 100 100 HOH TIP A . 
C 2 HOH 12 101 21  HOH TIP A . 
C 2 HOH 13 102 23  HOH TIP A . 
C 2 HOH 14 103 103 HOH TIP A . 
C 2 HOH 15 104 24  HOH TIP A . 
C 2 HOH 16 105 26  HOH TIP A . 
C 2 HOH 17 106 31  HOH TIP A . 
C 2 HOH 18 107 34  HOH TIP A . 
C 2 HOH 19 108 35  HOH TIP A . 
C 2 HOH 20 109 38  HOH TIP A . 
C 2 HOH 21 110 39  HOH TIP A . 
C 2 HOH 22 111 40  HOH TIP A . 
C 2 HOH 23 112 112 HOH TIP A . 
C 2 HOH 24 113 113 HOH TIP A . 
C 2 HOH 25 114 114 HOH TIP A . 
C 2 HOH 26 115 42  HOH TIP A . 
C 2 HOH 27 116 44  HOH TIP A . 
C 2 HOH 28 117 47  HOH TIP A . 
C 2 HOH 29 118 49  HOH TIP A . 
C 2 HOH 30 119 119 HOH TIP A . 
C 2 HOH 31 120 120 HOH TIP A . 
C 2 HOH 32 121 50  HOH TIP A . 
C 2 HOH 33 122 122 HOH TIP A . 
C 2 HOH 34 123 51  HOH TIP A . 
C 2 HOH 35 124 54  HOH TIP A . 
C 2 HOH 36 125 125 HOH TIP A . 
C 2 HOH 37 126 55  HOH TIP A . 
C 2 HOH 38 127 57  HOH TIP A . 
C 2 HOH 39 128 58  HOH TIP A . 
C 2 HOH 40 129 59  HOH TIP A . 
C 2 HOH 41 130 64  HOH TIP A . 
C 2 HOH 42 131 131 HOH TIP A . 
C 2 HOH 43 132 132 HOH TIP A . 
C 2 HOH 44 133 133 HOH TIP A . 
C 2 HOH 45 134 65  HOH TIP A . 
C 2 HOH 46 135 66  HOH TIP A . 
C 2 HOH 47 136 67  HOH TIP A . 
C 2 HOH 48 138 69  HOH TIP A . 
C 2 HOH 49 139 139 HOH TIP A . 
C 2 HOH 50 140 140 HOH TIP A . 
C 2 HOH 51 141 70  HOH TIP A . 
C 2 HOH 52 142 71  HOH TIP A . 
C 2 HOH 53 143 72  HOH TIP A . 
C 2 HOH 54 144 144 HOH TIP A . 
C 2 HOH 55 145 145 HOH TIP A . 
C 2 HOH 56 146 146 HOH TIP A . 
C 2 HOH 57 147 75  HOH TIP A . 
C 2 HOH 58 148 77  HOH TIP A . 
C 2 HOH 59 149 78  HOH TIP A . 
C 2 HOH 60 150 150 HOH TIP A . 
C 2 HOH 61 151 151 HOH TIP A . 
C 2 HOH 62 152 152 HOH TIP A . 
C 2 HOH 63 153 80  HOH TIP A . 
C 2 HOH 64 154 83  HOH TIP A . 
C 2 HOH 65 155 84  HOH TIP A . 
C 2 HOH 66 156 87  HOH TIP A . 
C 2 HOH 67 157 88  HOH TIP A . 
C 2 HOH 68 158 89  HOH TIP A . 
D 2 HOH 1  90  90  HOH TIP B . 
D 2 HOH 2  91  1   HOH TIP B . 
D 2 HOH 3  92  92  HOH TIP B . 
D 2 HOH 4  93  93  HOH TIP B . 
D 2 HOH 5  94  2   HOH TIP B . 
D 2 HOH 6  95  95  HOH TIP B . 
D 2 HOH 7  96  3   HOH TIP B . 
D 2 HOH 8  97  97  HOH TIP B . 
D 2 HOH 9  98  98  HOH TIP B . 
D 2 HOH 10 99  99  HOH TIP B . 
D 2 HOH 11 100 4   HOH TIP B . 
D 2 HOH 12 101 101 HOH TIP B . 
D 2 HOH 13 102 102 HOH TIP B . 
D 2 HOH 14 103 6   HOH TIP B . 
D 2 HOH 15 104 104 HOH TIP B . 
D 2 HOH 16 105 105 HOH TIP B . 
D 2 HOH 17 106 106 HOH TIP B . 
D 2 HOH 18 107 107 HOH TIP B . 
D 2 HOH 19 108 108 HOH TIP B . 
D 2 HOH 20 109 109 HOH TIP B . 
D 2 HOH 21 110 110 HOH TIP B . 
D 2 HOH 22 111 111 HOH TIP B . 
D 2 HOH 23 112 8   HOH TIP B . 
D 2 HOH 24 113 9   HOH TIP B . 
D 2 HOH 25 114 13  HOH TIP B . 
D 2 HOH 26 115 115 HOH TIP B . 
D 2 HOH 27 116 116 HOH TIP B . 
D 2 HOH 28 117 117 HOH TIP B . 
D 2 HOH 29 118 118 HOH TIP B . 
D 2 HOH 30 119 14  HOH TIP B . 
D 2 HOH 31 120 17  HOH TIP B . 
D 2 HOH 32 121 121 HOH TIP B . 
D 2 HOH 33 122 18  HOH TIP B . 
D 2 HOH 34 123 123 HOH TIP B . 
D 2 HOH 35 124 124 HOH TIP B . 
D 2 HOH 36 125 19  HOH TIP B . 
D 2 HOH 37 126 126 HOH TIP B . 
D 2 HOH 38 127 127 HOH TIP B . 
D 2 HOH 39 128 128 HOH TIP B . 
D 2 HOH 40 129 129 HOH TIP B . 
D 2 HOH 41 130 130 HOH TIP B . 
D 2 HOH 42 131 20  HOH TIP B . 
D 2 HOH 43 132 22  HOH TIP B . 
D 2 HOH 44 133 25  HOH TIP B . 
D 2 HOH 45 134 134 HOH TIP B . 
D 2 HOH 46 135 135 HOH TIP B . 
D 2 HOH 47 136 136 HOH TIP B . 
D 2 HOH 48 137 68  HOH TIP B . 
D 2 HOH 49 138 138 HOH TIP B . 
D 2 HOH 50 139 27  HOH TIP B . 
D 2 HOH 51 140 28  HOH TIP B . 
D 2 HOH 52 141 141 HOH TIP B . 
D 2 HOH 53 142 142 HOH TIP B . 
D 2 HOH 54 143 143 HOH TIP B . 
D 2 HOH 55 144 29  HOH TIP B . 
D 2 HOH 56 145 30  HOH TIP B . 
D 2 HOH 57 146 32  HOH TIP B . 
D 2 HOH 58 147 147 HOH TIP B . 
D 2 HOH 59 148 148 HOH TIP B . 
D 2 HOH 60 149 149 HOH TIP B . 
D 2 HOH 61 150 33  HOH TIP B . 
D 2 HOH 62 151 36  HOH TIP B . 
D 2 HOH 63 152 37  HOH TIP B . 
D 2 HOH 64 153 41  HOH TIP B . 
D 2 HOH 65 154 43  HOH TIP B . 
D 2 HOH 66 155 45  HOH TIP B . 
D 2 HOH 67 156 46  HOH TIP B . 
D 2 HOH 68 157 48  HOH TIP B . 
D 2 HOH 69 158 52  HOH TIP B . 
D 2 HOH 70 159 53  HOH TIP B . 
D 2 HOH 71 160 56  HOH TIP B . 
D 2 HOH 72 161 60  HOH TIP B . 
D 2 HOH 73 162 61  HOH TIP B . 
D 2 HOH 74 163 62  HOH TIP B . 
D 2 HOH 75 164 63  HOH TIP B . 
D 2 HOH 76 165 73  HOH TIP B . 
D 2 HOH 77 166 74  HOH TIP B . 
D 2 HOH 78 167 76  HOH TIP B . 
D 2 HOH 79 168 79  HOH TIP B . 
D 2 HOH 80 169 81  HOH TIP B . 
D 2 HOH 81 170 82  HOH TIP B . 
D 2 HOH 82 171 85  HOH TIP B . 
D 2 HOH 83 172 86  HOH TIP B . 
D 2 HOH 84 173 137 HOH TIP B . 
# 
loop_
_pdbx_unobs_or_zero_occ_atoms.id 
_pdbx_unobs_or_zero_occ_atoms.PDB_model_num 
_pdbx_unobs_or_zero_occ_atoms.polymer_flag 
_pdbx_unobs_or_zero_occ_atoms.occupancy_flag 
_pdbx_unobs_or_zero_occ_atoms.auth_asym_id 
_pdbx_unobs_or_zero_occ_atoms.auth_comp_id 
_pdbx_unobs_or_zero_occ_atoms.auth_seq_id 
_pdbx_unobs_or_zero_occ_atoms.PDB_ins_code 
_pdbx_unobs_or_zero_occ_atoms.auth_atom_id 
_pdbx_unobs_or_zero_occ_atoms.label_alt_id 
_pdbx_unobs_or_zero_occ_atoms.label_asym_id 
_pdbx_unobs_or_zero_occ_atoms.label_comp_id 
_pdbx_unobs_or_zero_occ_atoms.label_seq_id 
_pdbx_unobs_or_zero_occ_atoms.label_atom_id 
1 1 Y 1 A ASN 72 ? CG  ? A ASN 77 CG  
2 1 Y 1 A ASN 72 ? OD1 ? A ASN 77 OD1 
3 1 Y 1 A ASN 72 ? ND2 ? A ASN 77 ND2 
4 1 Y 1 B SER 82 ? OG  ? B SER 87 OG  
# 
loop_
_software.name 
_software.classification 
_software.version 
_software.citation_id 
_software.pdbx_ordinal 
ADSC     'data collection' Quantum ? 1 
SOLVE    phasing           .       ? 2 
CNS      refinement        .       ? 3 
HKL-2000 'data reduction'  .       ? 4 
HKL-2000 'data scaling'    .       ? 5 
# 
_cell.entry_id           3VC8 
_cell.length_a           86.862 
_cell.length_b           52.549 
_cell.length_c           53.873 
_cell.angle_alpha        90.00 
_cell.angle_beta         116.41 
_cell.angle_gamma        90.00 
_cell.Z_PDB              8 
_cell.pdbx_unique_axis   ? 
_cell.length_a_esd       ? 
_cell.length_b_esd       ? 
_cell.length_c_esd       ? 
_cell.angle_alpha_esd    ? 
_cell.angle_beta_esd     ? 
_cell.angle_gamma_esd    ? 
# 
_symmetry.entry_id                         3VC8 
_symmetry.space_group_name_H-M             'C 1 2 1' 
_symmetry.pdbx_full_space_group_name_H-M   ? 
_symmetry.cell_setting                     ? 
_symmetry.Int_Tables_number                5 
_symmetry.space_group_name_Hall            ? 
# 
_exptl.entry_id          3VC8 
_exptl.method            'X-RAY DIFFRACTION' 
_exptl.crystals_number   2 
# 
_exptl_crystal.id                    1 
_exptl_crystal.density_meas          ? 
_exptl_crystal.density_Matthews      2.60 
_exptl_crystal.density_percent_sol   52.64 
_exptl_crystal.description           ? 
_exptl_crystal.F_000                 ? 
_exptl_crystal.preparation           ? 
# 
_exptl_crystal_grow.crystal_id      1 
_exptl_crystal_grow.method          'VAPOR DIFFUSION, HANGING DROP' 
_exptl_crystal_grow.temp            291 
_exptl_crystal_grow.temp_details    ? 
_exptl_crystal_grow.pH              9.0 
_exptl_crystal_grow.pdbx_details    
;1.0   L nsp4C at 3 mg/mL was added to the same volume of reservoir solution (10% PEG MME550, 0.1 M glycine, pH 9.0, and 0.01 M zinc sulfate), VAPOR DIFFUSION, HANGING DROP, temperature 291K
;
_exptl_crystal_grow.pdbx_pH_range   ? 
# 
loop_
_diffrn.id 
_diffrn.ambient_temp 
_diffrn.ambient_temp_details 
_diffrn.crystal_id 
1 100 ? 1 
2 100 ? 1 
# 
loop_
_diffrn_detector.diffrn_id 
_diffrn_detector.detector 
_diffrn_detector.type 
_diffrn_detector.pdbx_collection_date 
_diffrn_detector.details 
1 CCD 'ADSC QUANTUM 315' ? ? 
2 CCD 'MAR CCD 165 mm'   ? ? 
# 
_diffrn_radiation.diffrn_id                        1 
_diffrn_radiation.wavelength_id                    1 
_diffrn_radiation.pdbx_monochromatic_or_laue_m_l   M 
_diffrn_radiation.monochromator                    ? 
_diffrn_radiation.pdbx_diffrn_protocol             'SINGLE WAVELENGTH' 
_diffrn_radiation.pdbx_scattering_type             x-ray 
# 
loop_
_diffrn_radiation_wavelength.id 
_diffrn_radiation_wavelength.wavelength 
_diffrn_radiation_wavelength.wt 
1 1.5418 1.0 
2 0.9798 1.0 
# 
loop_
_diffrn_source.diffrn_id 
_diffrn_source.source 
_diffrn_source.type 
_diffrn_source.pdbx_synchrotron_site 
_diffrn_source.pdbx_synchrotron_beamline 
_diffrn_source.pdbx_wavelength 
_diffrn_source.pdbx_wavelength_list 
1 SYNCHROTRON 'PHOTON FACTORY BEAMLINE BL-5A' 'Photon Factory' BL-5A ? 1.5418 
2 SYNCHROTRON 'BSRF BEAMLINE 3W1A'            BSRF             3W1A  ? 0.9798 
# 
_reflns.entry_id                     3VC8 
_reflns.observed_criterion_sigma_I   ? 
_reflns.observed_criterion_sigma_F   1.0 
_reflns.d_resolution_low             50 
_reflns.d_resolution_high            2.0 
_reflns.number_obs                   14589 
_reflns.number_all                   14796 
_reflns.percent_possible_obs         98.6 
_reflns.pdbx_Rmerge_I_obs            ? 
_reflns.pdbx_Rsym_value              ? 
_reflns.pdbx_netI_over_sigmaI        ? 
_reflns.B_iso_Wilson_estimate        ? 
_reflns.pdbx_redundancy              ? 
_reflns.R_free_details               ? 
_reflns.limit_h_max                  ? 
_reflns.limit_h_min                  ? 
_reflns.limit_k_max                  ? 
_reflns.limit_k_min                  ? 
_reflns.limit_l_max                  ? 
_reflns.limit_l_min                  ? 
_reflns.observed_criterion_F_max     ? 
_reflns.observed_criterion_F_min     ? 
_reflns.pdbx_chi_squared             ? 
_reflns.pdbx_scaling_rejects         ? 
_reflns.pdbx_ordinal                 1 
_reflns.pdbx_diffrn_id               1 
# 
_reflns_shell.d_res_high             2.0 
_reflns_shell.d_res_low              2.07 
_reflns_shell.percent_possible_all   89.4 
_reflns_shell.Rmerge_I_obs           0.202 
_reflns_shell.pdbx_Rsym_value        0.225 
_reflns_shell.meanI_over_sigI_obs    6.1 
_reflns_shell.pdbx_redundancy        6.4 
_reflns_shell.percent_possible_obs   ? 
_reflns_shell.number_unique_all      1326 
_reflns_shell.number_measured_all    ? 
_reflns_shell.number_measured_obs    ? 
_reflns_shell.number_unique_obs      ? 
_reflns_shell.pdbx_chi_squared       ? 
_reflns_shell.pdbx_ordinal           1 
_reflns_shell.pdbx_diffrn_id         1 
# 
_refine.entry_id                                 3VC8 
_refine.ls_number_reflns_obs                     14364 
_refine.ls_number_reflns_all                     14839 
_refine.pdbx_ls_sigma_I                          ? 
_refine.pdbx_ls_sigma_F                          1 
_refine.pdbx_data_cutoff_high_absF               ? 
_refine.pdbx_data_cutoff_low_absF                ? 
_refine.pdbx_data_cutoff_high_rms_absF           ? 
_refine.ls_d_res_low                             50 
_refine.ls_d_res_high                            2.0 
_refine.ls_percent_reflns_obs                    ? 
_refine.ls_R_factor_obs                          ? 
_refine.ls_R_factor_all                          ? 
_refine.ls_R_factor_R_work                       0.221 
_refine.ls_R_factor_R_free                       0.264 
_refine.ls_R_factor_R_free_error                 ? 
_refine.ls_R_factor_R_free_error_details         ? 
_refine.ls_percent_reflns_R_free                 ? 
_refine.ls_number_reflns_R_free                  718 
_refine.ls_number_parameters                     ? 
_refine.ls_number_restraints                     ? 
_refine.occupancy_min                            ? 
_refine.occupancy_max                            ? 
_refine.correlation_coeff_Fo_to_Fc               ? 
_refine.correlation_coeff_Fo_to_Fc_free          ? 
_refine.B_iso_mean                               ? 
_refine.aniso_B[1][1]                            ? 
_refine.aniso_B[2][2]                            ? 
_refine.aniso_B[3][3]                            ? 
_refine.aniso_B[1][2]                            ? 
_refine.aniso_B[1][3]                            ? 
_refine.aniso_B[2][3]                            ? 
_refine.solvent_model_details                    ? 
_refine.solvent_model_param_ksol                 ? 
_refine.solvent_model_param_bsol                 ? 
_refine.pdbx_solvent_vdw_probe_radii             ? 
_refine.pdbx_solvent_ion_probe_radii             ? 
_refine.pdbx_solvent_shrinkage_radii             ? 
_refine.pdbx_ls_cross_valid_method               ? 
_refine.details                                  ? 
_refine.pdbx_starting_model                      ? 
_refine.pdbx_method_to_determine_struct          SAD 
_refine.pdbx_isotropic_thermal_model             ? 
_refine.pdbx_stereochemistry_target_values       'Engh & Huber' 
_refine.pdbx_stereochem_target_val_spec_case     ? 
_refine.pdbx_R_Free_selection_details            RANDOM 
_refine.pdbx_overall_ESU_R                       ? 
_refine.pdbx_overall_ESU_R_Free                  ? 
_refine.overall_SU_ML                            ? 
_refine.pdbx_overall_phase_error                 ? 
_refine.overall_SU_B                             ? 
_refine.overall_SU_R_Cruickshank_DPI             ? 
_refine.ls_redundancy_reflns_obs                 ? 
_refine.B_iso_min                                ? 
_refine.B_iso_max                                ? 
_refine.overall_SU_R_free                        ? 
_refine.ls_wR_factor_R_free                      ? 
_refine.ls_wR_factor_R_work                      ? 
_refine.overall_FOM_free_R_set                   ? 
_refine.overall_FOM_work_R_set                   ? 
_refine.pdbx_diffrn_id                           1 
_refine.pdbx_refine_id                           'X-RAY DIFFRACTION' 
_refine.pdbx_TLS_residual_ADP_flag               ? 
_refine.pdbx_overall_SU_R_free_Cruickshank_DPI   ? 
_refine.pdbx_overall_SU_R_Blow_DPI               ? 
_refine.pdbx_overall_SU_R_free_Blow_DPI          ? 
# 
_refine_hist.pdbx_refine_id                   'X-RAY DIFFRACTION' 
_refine_hist.cycle_id                         LAST 
_refine_hist.pdbx_number_atoms_protein        1327 
_refine_hist.pdbx_number_atoms_nucleic_acid   0 
_refine_hist.pdbx_number_atoms_ligand         0 
_refine_hist.number_atoms_solvent             152 
_refine_hist.number_atoms_total               1479 
_refine_hist.d_res_high                       2.0 
_refine_hist.d_res_low                        50 
# 
loop_
_refine_ls_restr.type 
_refine_ls_restr.dev_ideal 
_refine_ls_restr.dev_ideal_target 
_refine_ls_restr.weight 
_refine_ls_restr.number 
_refine_ls_restr.pdbx_restraint_function 
_refine_ls_restr.pdbx_refine_id 
c_angle_d 1.246 ? ? ? ? 'X-RAY DIFFRACTION' 
c_bond_d  0.007 ? ? ? ? 'X-RAY DIFFRACTION' 
# 
_struct.entry_id                  3VC8 
_struct.title                     
'Crystal structure of the C-terminal cytoplasmic domain of non-structural protein 4 from mouse hepatitis virus A59' 
_struct.pdbx_model_details        ? 
_struct.pdbx_CASP_flag            ? 
_struct.pdbx_model_type_details   ? 
# 
_struct_keywords.entry_id        3VC8 
_struct_keywords.pdbx_keywords   'VIRAL PROTEIN' 
_struct_keywords.text            'New fold, Host membrane, Multi-pass membrane protein, Cytoplasmic, HYDROLASE, VIRAL PROTEIN' 
# 
loop_
_struct_asym.id 
_struct_asym.pdbx_blank_PDB_chainid_flag 
_struct_asym.pdbx_modified 
_struct_asym.entity_id 
_struct_asym.details 
A N N 1 ? 
B N N 1 ? 
C N N 2 ? 
D N N 2 ? 
# 
_struct_ref.id                         1 
_struct_ref.db_name                    UNP 
_struct_ref.db_code                    Q9J3E9_9BETC 
_struct_ref.pdbx_db_accession          Q9J3E9 
_struct_ref.entity_id                  1 
_struct_ref.pdbx_seq_one_letter_code   
;TFEEMALTTFMITKESYCKLKNSVSDVAFNRYLSLYNKYRYFSGKMDTAAYREAACSQLAKAMETFNHNNGNDVLYQPPT
ASVTTSFLQ
;
_struct_ref.pdbx_align_begin           3242 
_struct_ref.pdbx_db_isoform            ? 
# 
loop_
_struct_ref_seq.align_id 
_struct_ref_seq.ref_id 
_struct_ref_seq.pdbx_PDB_id_code 
_struct_ref_seq.pdbx_strand_id 
_struct_ref_seq.seq_align_beg 
_struct_ref_seq.pdbx_seq_align_beg_ins_code 
_struct_ref_seq.seq_align_end 
_struct_ref_seq.pdbx_seq_align_end_ins_code 
_struct_ref_seq.pdbx_db_accession 
_struct_ref_seq.db_align_beg 
_struct_ref_seq.pdbx_db_align_beg_ins_code 
_struct_ref_seq.db_align_end 
_struct_ref_seq.pdbx_db_align_end_ins_code 
_struct_ref_seq.pdbx_auth_seq_align_beg 
_struct_ref_seq.pdbx_auth_seq_align_end 
1 1 3VC8 A 6 ? 94 ? Q9J3E9 3242 ? 3330 ? 1 89 
2 1 3VC8 B 6 ? 94 ? Q9J3E9 3242 ? 3330 ? 1 89 
# 
loop_
_struct_ref_seq_dif.align_id 
_struct_ref_seq_dif.pdbx_pdb_id_code 
_struct_ref_seq_dif.mon_id 
_struct_ref_seq_dif.pdbx_pdb_strand_id 
_struct_ref_seq_dif.seq_num 
_struct_ref_seq_dif.pdbx_pdb_ins_code 
_struct_ref_seq_dif.pdbx_seq_db_name 
_struct_ref_seq_dif.pdbx_seq_db_accession_code 
_struct_ref_seq_dif.db_mon_id 
_struct_ref_seq_dif.pdbx_seq_db_seq_num 
_struct_ref_seq_dif.details 
_struct_ref_seq_dif.pdbx_auth_seq_num 
_struct_ref_seq_dif.pdbx_ordinal 
1 3VC8 GLY A 1 ? UNP Q9J3E9 ? ? 'expression tag' -4 1  
1 3VC8 PRO A 2 ? UNP Q9J3E9 ? ? 'expression tag' -3 2  
1 3VC8 LEU A 3 ? UNP Q9J3E9 ? ? 'expression tag' -2 3  
1 3VC8 GLY A 4 ? UNP Q9J3E9 ? ? 'expression tag' -1 4  
1 3VC8 SER A 5 ? UNP Q9J3E9 ? ? 'expression tag' 0  5  
2 3VC8 GLY B 1 ? UNP Q9J3E9 ? ? 'expression tag' -4 6  
2 3VC8 PRO B 2 ? UNP Q9J3E9 ? ? 'expression tag' -3 7  
2 3VC8 LEU B 3 ? UNP Q9J3E9 ? ? 'expression tag' -2 8  
2 3VC8 GLY B 4 ? UNP Q9J3E9 ? ? 'expression tag' -1 9  
2 3VC8 SER B 5 ? UNP Q9J3E9 ? ? 'expression tag' 0  10 
# 
_pdbx_struct_assembly.id                   1 
_pdbx_struct_assembly.details              author_and_software_defined_assembly 
_pdbx_struct_assembly.method_details       PISA 
_pdbx_struct_assembly.oligomeric_details   dimeric 
_pdbx_struct_assembly.oligomeric_count     2 
# 
loop_
_pdbx_struct_assembly_prop.biol_id 
_pdbx_struct_assembly_prop.type 
_pdbx_struct_assembly_prop.value 
_pdbx_struct_assembly_prop.details 
1 'ABSA (A^2)' 400   ? 
1 MORE         -5    ? 
1 'SSA (A^2)'  10470 ? 
# 
_pdbx_struct_assembly_gen.assembly_id       1 
_pdbx_struct_assembly_gen.oper_expression   1 
_pdbx_struct_assembly_gen.asym_id_list      A,B,C,D 
# 
_pdbx_struct_oper_list.id                   1 
_pdbx_struct_oper_list.type                 'identity operation' 
_pdbx_struct_oper_list.name                 1_555 
_pdbx_struct_oper_list.symmetry_operation   x,y,z 
_pdbx_struct_oper_list.matrix[1][1]         1.0000000000 
_pdbx_struct_oper_list.matrix[1][2]         0.0000000000 
_pdbx_struct_oper_list.matrix[1][3]         0.0000000000 
_pdbx_struct_oper_list.vector[1]            0.0000000000 
_pdbx_struct_oper_list.matrix[2][1]         0.0000000000 
_pdbx_struct_oper_list.matrix[2][2]         1.0000000000 
_pdbx_struct_oper_list.matrix[2][3]         0.0000000000 
_pdbx_struct_oper_list.vector[2]            0.0000000000 
_pdbx_struct_oper_list.matrix[3][1]         0.0000000000 
_pdbx_struct_oper_list.matrix[3][2]         0.0000000000 
_pdbx_struct_oper_list.matrix[3][3]         1.0000000000 
_pdbx_struct_oper_list.vector[3]            0.0000000000 
# 
_struct_biol.id        1 
_struct_biol.details   ? 
# 
loop_
_struct_conf.conf_type_id 
_struct_conf.id 
_struct_conf.pdbx_PDB_helix_id 
_struct_conf.beg_label_comp_id 
_struct_conf.beg_label_asym_id 
_struct_conf.beg_label_seq_id 
_struct_conf.pdbx_beg_PDB_ins_code 
_struct_conf.end_label_comp_id 
_struct_conf.end_label_asym_id 
_struct_conf.end_label_seq_id 
_struct_conf.pdbx_end_PDB_ins_code 
_struct_conf.beg_auth_comp_id 
_struct_conf.beg_auth_asym_id 
_struct_conf.beg_auth_seq_id 
_struct_conf.end_auth_comp_id 
_struct_conf.end_auth_asym_id 
_struct_conf.end_auth_seq_id 
_struct_conf.pdbx_PDB_helix_class 
_struct_conf.details 
_struct_conf.pdbx_PDB_helix_length 
HELX_P HELX_P1  1  THR A 6  ? ALA A 11 ? THR A 1  ALA A 6  1 ? 6  
HELX_P HELX_P2  2  THR A 18 ? VAL A 29 ? THR A 13 VAL A 24 1 ? 12 
HELX_P HELX_P3  3  SER A 30 ? LEU A 40 ? SER A 25 LEU A 35 1 ? 11 
HELX_P HELX_P4  4  LEU A 40 ? TYR A 46 ? LEU A 35 TYR A 41 1 ? 7  
HELX_P HELX_P5  5  ASP A 52 ? ASN A 75 ? ASP A 47 ASN A 70 1 ? 24 
HELX_P HELX_P6  6  PHE B 7  ? ALA B 11 ? PHE B 2  ALA B 6  1 ? 5  
HELX_P HELX_P7  7  THR B 18 ? VAL B 29 ? THR B 13 VAL B 24 1 ? 12 
HELX_P HELX_P8  8  SER B 30 ? LEU B 40 ? SER B 25 LEU B 35 1 ? 11 
HELX_P HELX_P9  9  LEU B 40 ? TYR B 46 ? LEU B 35 TYR B 41 1 ? 7  
HELX_P HELX_P10 10 ASP B 52 ? ASN B 74 ? ASP B 47 ASN B 69 1 ? 23 
# 
_struct_conf_type.id          HELX_P 
_struct_conf_type.criteria    ? 
_struct_conf_type.reference   ? 
# 
_struct_conn.id                            disulf1 
_struct_conn.conn_type_id                  disulf 
_struct_conn.pdbx_leaving_atom_flag        ? 
_struct_conn.pdbx_PDB_id                   ? 
_struct_conn.ptnr1_label_asym_id           A 
_struct_conn.ptnr1_label_comp_id           CYS 
_struct_conn.ptnr1_label_seq_id            23 
_struct_conn.ptnr1_label_atom_id           SG 
_struct_conn.pdbx_ptnr1_label_alt_id       ? 
_struct_conn.pdbx_ptnr1_PDB_ins_code       ? 
_struct_conn.pdbx_ptnr1_standard_comp_id   ? 
_struct_conn.ptnr1_symmetry                1_555 
_struct_conn.ptnr2_label_asym_id           B 
_struct_conn.ptnr2_label_comp_id           CYS 
_struct_conn.ptnr2_label_seq_id            23 
_struct_conn.ptnr2_label_atom_id           SG 
_struct_conn.pdbx_ptnr2_label_alt_id       ? 
_struct_conn.pdbx_ptnr2_PDB_ins_code       ? 
_struct_conn.ptnr1_auth_asym_id            A 
_struct_conn.ptnr1_auth_comp_id            CYS 
_struct_conn.ptnr1_auth_seq_id             18 
_struct_conn.ptnr2_auth_asym_id            B 
_struct_conn.ptnr2_auth_comp_id            CYS 
_struct_conn.ptnr2_auth_seq_id             18 
_struct_conn.ptnr2_symmetry                1_555 
_struct_conn.pdbx_ptnr3_label_atom_id      ? 
_struct_conn.pdbx_ptnr3_label_seq_id       ? 
_struct_conn.pdbx_ptnr3_label_comp_id      ? 
_struct_conn.pdbx_ptnr3_label_asym_id      ? 
_struct_conn.pdbx_ptnr3_label_alt_id       ? 
_struct_conn.pdbx_ptnr3_PDB_ins_code       ? 
_struct_conn.details                       ? 
_struct_conn.pdbx_dist_value               2.025 
_struct_conn.pdbx_value_order              ? 
_struct_conn.pdbx_role                     ? 
# 
_struct_conn_type.id          disulf 
_struct_conn_type.criteria    ? 
_struct_conn_type.reference   ? 
# 
_pdbx_modification_feature.ordinal                            1 
_pdbx_modification_feature.label_comp_id                      CYS 
_pdbx_modification_feature.label_asym_id                      A 
_pdbx_modification_feature.label_seq_id                       23 
_pdbx_modification_feature.label_alt_id                       ? 
_pdbx_modification_feature.modified_residue_label_comp_id     CYS 
_pdbx_modification_feature.modified_residue_label_asym_id     B 
_pdbx_modification_feature.modified_residue_label_seq_id      23 
_pdbx_modification_feature.modified_residue_label_alt_id      ? 
_pdbx_modification_feature.auth_comp_id                       CYS 
_pdbx_modification_feature.auth_asym_id                       A 
_pdbx_modification_feature.auth_seq_id                        18 
_pdbx_modification_feature.PDB_ins_code                       ? 
_pdbx_modification_feature.symmetry                           1_555 
_pdbx_modification_feature.modified_residue_auth_comp_id      CYS 
_pdbx_modification_feature.modified_residue_auth_asym_id      B 
_pdbx_modification_feature.modified_residue_auth_seq_id       18 
_pdbx_modification_feature.modified_residue_PDB_ins_code      ? 
_pdbx_modification_feature.modified_residue_symmetry          1_555 
_pdbx_modification_feature.comp_id_linking_atom               SG 
_pdbx_modification_feature.modified_residue_id_linking_atom   SG 
_pdbx_modification_feature.modified_residue_id                . 
_pdbx_modification_feature.ref_pcm_id                         . 
_pdbx_modification_feature.ref_comp_id                        . 
_pdbx_modification_feature.type                               None 
_pdbx_modification_feature.category                           'Disulfide bridge' 
# 
loop_
_struct_sheet.id 
_struct_sheet.type 
_struct_sheet.number_strands 
_struct_sheet.details 
A ? 2 ? 
B ? 2 ? 
# 
loop_
_struct_sheet_order.sheet_id 
_struct_sheet_order.range_id_1 
_struct_sheet_order.range_id_2 
_struct_sheet_order.offset 
_struct_sheet_order.sense 
A 1 2 ? anti-parallel 
B 1 2 ? anti-parallel 
# 
loop_
_struct_sheet_range.sheet_id 
_struct_sheet_range.id 
_struct_sheet_range.beg_label_comp_id 
_struct_sheet_range.beg_label_asym_id 
_struct_sheet_range.beg_label_seq_id 
_struct_sheet_range.pdbx_beg_PDB_ins_code 
_struct_sheet_range.end_label_comp_id 
_struct_sheet_range.end_label_asym_id 
_struct_sheet_range.end_label_seq_id 
_struct_sheet_range.pdbx_end_PDB_ins_code 
_struct_sheet_range.beg_auth_comp_id 
_struct_sheet_range.beg_auth_asym_id 
_struct_sheet_range.beg_auth_seq_id 
_struct_sheet_range.end_auth_comp_id 
_struct_sheet_range.end_auth_asym_id 
_struct_sheet_range.end_auth_seq_id 
A 1 PHE A 15 ? ILE A 17 ? PHE A 10 ILE A 12 
A 2 VAL A 79 ? TYR A 81 ? VAL A 74 TYR A 76 
B 1 PHE B 15 ? ILE B 17 ? PHE B 10 ILE B 12 
B 2 VAL B 79 ? TYR B 81 ? VAL B 74 TYR B 76 
# 
loop_
_pdbx_struct_sheet_hbond.sheet_id 
_pdbx_struct_sheet_hbond.range_id_1 
_pdbx_struct_sheet_hbond.range_id_2 
_pdbx_struct_sheet_hbond.range_1_label_atom_id 
_pdbx_struct_sheet_hbond.range_1_label_comp_id 
_pdbx_struct_sheet_hbond.range_1_label_asym_id 
_pdbx_struct_sheet_hbond.range_1_label_seq_id 
_pdbx_struct_sheet_hbond.range_1_PDB_ins_code 
_pdbx_struct_sheet_hbond.range_1_auth_atom_id 
_pdbx_struct_sheet_hbond.range_1_auth_comp_id 
_pdbx_struct_sheet_hbond.range_1_auth_asym_id 
_pdbx_struct_sheet_hbond.range_1_auth_seq_id 
_pdbx_struct_sheet_hbond.range_2_label_atom_id 
_pdbx_struct_sheet_hbond.range_2_label_comp_id 
_pdbx_struct_sheet_hbond.range_2_label_asym_id 
_pdbx_struct_sheet_hbond.range_2_label_seq_id 
_pdbx_struct_sheet_hbond.range_2_PDB_ins_code 
_pdbx_struct_sheet_hbond.range_2_auth_atom_id 
_pdbx_struct_sheet_hbond.range_2_auth_comp_id 
_pdbx_struct_sheet_hbond.range_2_auth_asym_id 
_pdbx_struct_sheet_hbond.range_2_auth_seq_id 
A 1 2 N PHE A 15 ? N PHE A 10 O TYR A 81 ? O TYR A 76 
B 1 2 N ILE B 17 ? N ILE B 12 O VAL B 79 ? O VAL B 74 
# 
_pdbx_entry_details.entry_id                   3VC8 
_pdbx_entry_details.compound_details           ? 
_pdbx_entry_details.source_details             ? 
_pdbx_entry_details.nonpolymer_details         ? 
_pdbx_entry_details.sequence_details           ? 
_pdbx_entry_details.has_ligand_of_interest     ? 
_pdbx_entry_details.has_protein_modification   Y 
# 
loop_
_pdbx_validate_torsion.id 
_pdbx_validate_torsion.PDB_model_num 
_pdbx_validate_torsion.auth_comp_id 
_pdbx_validate_torsion.auth_asym_id 
_pdbx_validate_torsion.auth_seq_id 
_pdbx_validate_torsion.PDB_ins_code 
_pdbx_validate_torsion.label_alt_id 
_pdbx_validate_torsion.phi 
_pdbx_validate_torsion.psi 
1 1 ASN A 70 ? ? 177.90 -175.43 
2 1 THR A 80 ? ? -25.18 88.16   
3 1 ASN B 69 ? ? -89.10 -99.02  
4 1 ASP B 73 ? ? -44.29 108.69  
# 
_pdbx_struct_special_symmetry.id              1 
_pdbx_struct_special_symmetry.PDB_model_num   1 
_pdbx_struct_special_symmetry.auth_asym_id    B 
_pdbx_struct_special_symmetry.auth_comp_id    HOH 
_pdbx_struct_special_symmetry.auth_seq_id     99 
_pdbx_struct_special_symmetry.PDB_ins_code    ? 
_pdbx_struct_special_symmetry.label_asym_id   D 
_pdbx_struct_special_symmetry.label_comp_id   HOH 
_pdbx_struct_special_symmetry.label_seq_id    . 
# 
loop_
_pdbx_unobs_or_zero_occ_residues.id 
_pdbx_unobs_or_zero_occ_residues.PDB_model_num 
_pdbx_unobs_or_zero_occ_residues.polymer_flag 
_pdbx_unobs_or_zero_occ_residues.occupancy_flag 
_pdbx_unobs_or_zero_occ_residues.auth_asym_id 
_pdbx_unobs_or_zero_occ_residues.auth_comp_id 
_pdbx_unobs_or_zero_occ_residues.auth_seq_id 
_pdbx_unobs_or_zero_occ_residues.PDB_ins_code 
_pdbx_unobs_or_zero_occ_residues.label_asym_id 
_pdbx_unobs_or_zero_occ_residues.label_comp_id 
_pdbx_unobs_or_zero_occ_residues.label_seq_id 
1  1 Y 1 A GLY -4 ? A GLY 1  
2  1 Y 1 A PRO -3 ? A PRO 2  
3  1 Y 1 A LEU -2 ? A LEU 3  
4  1 Y 1 A GLY -1 ? A GLY 4  
5  1 Y 1 A SER 0  ? A SER 5  
6  1 Y 1 A SER 82 ? A SER 87 
7  1 Y 1 A VAL 83 ? A VAL 88 
8  1 Y 1 A THR 84 ? A THR 89 
9  1 Y 1 A THR 85 ? A THR 90 
10 1 Y 1 A SER 86 ? A SER 91 
11 1 Y 1 A PHE 87 ? A PHE 92 
12 1 Y 1 A LEU 88 ? A LEU 93 
13 1 Y 1 A GLN 89 ? A GLN 94 
14 1 Y 1 B GLY -4 ? B GLY 1  
15 1 Y 1 B PRO -3 ? B PRO 2  
16 1 Y 1 B LEU -2 ? B LEU 3  
17 1 Y 1 B GLY -1 ? B GLY 4  
18 1 Y 1 B SER 0  ? B SER 5  
19 1 Y 1 B SER 86 ? B SER 91 
20 1 Y 1 B PHE 87 ? B PHE 92 
21 1 Y 1 B LEU 88 ? B LEU 93 
22 1 Y 1 B GLN 89 ? B GLN 94 
# 
loop_
_chem_comp_atom.comp_id 
_chem_comp_atom.atom_id 
_chem_comp_atom.type_symbol 
_chem_comp_atom.pdbx_aromatic_flag 
_chem_comp_atom.pdbx_stereo_config 
_chem_comp_atom.pdbx_ordinal 
ALA N    N N N 1   
ALA CA   C N S 2   
ALA C    C N N 3   
ALA O    O N N 4   
ALA CB   C N N 5   
ALA OXT  O N N 6   
ALA H    H N N 7   
ALA H2   H N N 8   
ALA HA   H N N 9   
ALA HB1  H N N 10  
ALA HB2  H N N 11  
ALA HB3  H N N 12  
ALA HXT  H N N 13  
ARG N    N N N 14  
ARG CA   C N S 15  
ARG C    C N N 16  
ARG O    O N N 17  
ARG CB   C N N 18  
ARG CG   C N N 19  
ARG CD   C N N 20  
ARG NE   N N N 21  
ARG CZ   C N N 22  
ARG NH1  N N N 23  
ARG NH2  N N N 24  
ARG OXT  O N N 25  
ARG H    H N N 26  
ARG H2   H N N 27  
ARG HA   H N N 28  
ARG HB2  H N N 29  
ARG HB3  H N N 30  
ARG HG2  H N N 31  
ARG HG3  H N N 32  
ARG HD2  H N N 33  
ARG HD3  H N N 34  
ARG HE   H N N 35  
ARG HH11 H N N 36  
ARG HH12 H N N 37  
ARG HH21 H N N 38  
ARG HH22 H N N 39  
ARG HXT  H N N 40  
ASN N    N N N 41  
ASN CA   C N S 42  
ASN C    C N N 43  
ASN O    O N N 44  
ASN CB   C N N 45  
ASN CG   C N N 46  
ASN OD1  O N N 47  
ASN ND2  N N N 48  
ASN OXT  O N N 49  
ASN H    H N N 50  
ASN H2   H N N 51  
ASN HA   H N N 52  
ASN HB2  H N N 53  
ASN HB3  H N N 54  
ASN HD21 H N N 55  
ASN HD22 H N N 56  
ASN HXT  H N N 57  
ASP N    N N N 58  
ASP CA   C N S 59  
ASP C    C N N 60  
ASP O    O N N 61  
ASP CB   C N N 62  
ASP CG   C N N 63  
ASP OD1  O N N 64  
ASP OD2  O N N 65  
ASP OXT  O N N 66  
ASP H    H N N 67  
ASP H2   H N N 68  
ASP HA   H N N 69  
ASP HB2  H N N 70  
ASP HB3  H N N 71  
ASP HD2  H N N 72  
ASP HXT  H N N 73  
CYS N    N N N 74  
CYS CA   C N R 75  
CYS C    C N N 76  
CYS O    O N N 77  
CYS CB   C N N 78  
CYS SG   S N N 79  
CYS OXT  O N N 80  
CYS H    H N N 81  
CYS H2   H N N 82  
CYS HA   H N N 83  
CYS HB2  H N N 84  
CYS HB3  H N N 85  
CYS HG   H N N 86  
CYS HXT  H N N 87  
GLN N    N N N 88  
GLN CA   C N S 89  
GLN C    C N N 90  
GLN O    O N N 91  
GLN CB   C N N 92  
GLN CG   C N N 93  
GLN CD   C N N 94  
GLN OE1  O N N 95  
GLN NE2  N N N 96  
GLN OXT  O N N 97  
GLN H    H N N 98  
GLN H2   H N N 99  
GLN HA   H N N 100 
GLN HB2  H N N 101 
GLN HB3  H N N 102 
GLN HG2  H N N 103 
GLN HG3  H N N 104 
GLN HE21 H N N 105 
GLN HE22 H N N 106 
GLN HXT  H N N 107 
GLU N    N N N 108 
GLU CA   C N S 109 
GLU C    C N N 110 
GLU O    O N N 111 
GLU CB   C N N 112 
GLU CG   C N N 113 
GLU CD   C N N 114 
GLU OE1  O N N 115 
GLU OE2  O N N 116 
GLU OXT  O N N 117 
GLU H    H N N 118 
GLU H2   H N N 119 
GLU HA   H N N 120 
GLU HB2  H N N 121 
GLU HB3  H N N 122 
GLU HG2  H N N 123 
GLU HG3  H N N 124 
GLU HE2  H N N 125 
GLU HXT  H N N 126 
GLY N    N N N 127 
GLY CA   C N N 128 
GLY C    C N N 129 
GLY O    O N N 130 
GLY OXT  O N N 131 
GLY H    H N N 132 
GLY H2   H N N 133 
GLY HA2  H N N 134 
GLY HA3  H N N 135 
GLY HXT  H N N 136 
HIS N    N N N 137 
HIS CA   C N S 138 
HIS C    C N N 139 
HIS O    O N N 140 
HIS CB   C N N 141 
HIS CG   C Y N 142 
HIS ND1  N Y N 143 
HIS CD2  C Y N 144 
HIS CE1  C Y N 145 
HIS NE2  N Y N 146 
HIS OXT  O N N 147 
HIS H    H N N 148 
HIS H2   H N N 149 
HIS HA   H N N 150 
HIS HB2  H N N 151 
HIS HB3  H N N 152 
HIS HD1  H N N 153 
HIS HD2  H N N 154 
HIS HE1  H N N 155 
HIS HE2  H N N 156 
HIS HXT  H N N 157 
HOH O    O N N 158 
HOH H1   H N N 159 
HOH H2   H N N 160 
ILE N    N N N 161 
ILE CA   C N S 162 
ILE C    C N N 163 
ILE O    O N N 164 
ILE CB   C N S 165 
ILE CG1  C N N 166 
ILE CG2  C N N 167 
ILE CD1  C N N 168 
ILE OXT  O N N 169 
ILE H    H N N 170 
ILE H2   H N N 171 
ILE HA   H N N 172 
ILE HB   H N N 173 
ILE HG12 H N N 174 
ILE HG13 H N N 175 
ILE HG21 H N N 176 
ILE HG22 H N N 177 
ILE HG23 H N N 178 
ILE HD11 H N N 179 
ILE HD12 H N N 180 
ILE HD13 H N N 181 
ILE HXT  H N N 182 
LEU N    N N N 183 
LEU CA   C N S 184 
LEU C    C N N 185 
LEU O    O N N 186 
LEU CB   C N N 187 
LEU CG   C N N 188 
LEU CD1  C N N 189 
LEU CD2  C N N 190 
LEU OXT  O N N 191 
LEU H    H N N 192 
LEU H2   H N N 193 
LEU HA   H N N 194 
LEU HB2  H N N 195 
LEU HB3  H N N 196 
LEU HG   H N N 197 
LEU HD11 H N N 198 
LEU HD12 H N N 199 
LEU HD13 H N N 200 
LEU HD21 H N N 201 
LEU HD22 H N N 202 
LEU HD23 H N N 203 
LEU HXT  H N N 204 
LYS N    N N N 205 
LYS CA   C N S 206 
LYS C    C N N 207 
LYS O    O N N 208 
LYS CB   C N N 209 
LYS CG   C N N 210 
LYS CD   C N N 211 
LYS CE   C N N 212 
LYS NZ   N N N 213 
LYS OXT  O N N 214 
LYS H    H N N 215 
LYS H2   H N N 216 
LYS HA   H N N 217 
LYS HB2  H N N 218 
LYS HB3  H N N 219 
LYS HG2  H N N 220 
LYS HG3  H N N 221 
LYS HD2  H N N 222 
LYS HD3  H N N 223 
LYS HE2  H N N 224 
LYS HE3  H N N 225 
LYS HZ1  H N N 226 
LYS HZ2  H N N 227 
LYS HZ3  H N N 228 
LYS HXT  H N N 229 
MET N    N N N 230 
MET CA   C N S 231 
MET C    C N N 232 
MET O    O N N 233 
MET CB   C N N 234 
MET CG   C N N 235 
MET SD   S N N 236 
MET CE   C N N 237 
MET OXT  O N N 238 
MET H    H N N 239 
MET H2   H N N 240 
MET HA   H N N 241 
MET HB2  H N N 242 
MET HB3  H N N 243 
MET HG2  H N N 244 
MET HG3  H N N 245 
MET HE1  H N N 246 
MET HE2  H N N 247 
MET HE3  H N N 248 
MET HXT  H N N 249 
PHE N    N N N 250 
PHE CA   C N S 251 
PHE C    C N N 252 
PHE O    O N N 253 
PHE CB   C N N 254 
PHE CG   C Y N 255 
PHE CD1  C Y N 256 
PHE CD2  C Y N 257 
PHE CE1  C Y N 258 
PHE CE2  C Y N 259 
PHE CZ   C Y N 260 
PHE OXT  O N N 261 
PHE H    H N N 262 
PHE H2   H N N 263 
PHE HA   H N N 264 
PHE HB2  H N N 265 
PHE HB3  H N N 266 
PHE HD1  H N N 267 
PHE HD2  H N N 268 
PHE HE1  H N N 269 
PHE HE2  H N N 270 
PHE HZ   H N N 271 
PHE HXT  H N N 272 
PRO N    N N N 273 
PRO CA   C N S 274 
PRO C    C N N 275 
PRO O    O N N 276 
PRO CB   C N N 277 
PRO CG   C N N 278 
PRO CD   C N N 279 
PRO OXT  O N N 280 
PRO H    H N N 281 
PRO HA   H N N 282 
PRO HB2  H N N 283 
PRO HB3  H N N 284 
PRO HG2  H N N 285 
PRO HG3  H N N 286 
PRO HD2  H N N 287 
PRO HD3  H N N 288 
PRO HXT  H N N 289 
SER N    N N N 290 
SER CA   C N S 291 
SER C    C N N 292 
SER O    O N N 293 
SER CB   C N N 294 
SER OG   O N N 295 
SER OXT  O N N 296 
SER H    H N N 297 
SER H2   H N N 298 
SER HA   H N N 299 
SER HB2  H N N 300 
SER HB3  H N N 301 
SER HG   H N N 302 
SER HXT  H N N 303 
THR N    N N N 304 
THR CA   C N S 305 
THR C    C N N 306 
THR O    O N N 307 
THR CB   C N R 308 
THR OG1  O N N 309 
THR CG2  C N N 310 
THR OXT  O N N 311 
THR H    H N N 312 
THR H2   H N N 313 
THR HA   H N N 314 
THR HB   H N N 315 
THR HG1  H N N 316 
THR HG21 H N N 317 
THR HG22 H N N 318 
THR HG23 H N N 319 
THR HXT  H N N 320 
TYR N    N N N 321 
TYR CA   C N S 322 
TYR C    C N N 323 
TYR O    O N N 324 
TYR CB   C N N 325 
TYR CG   C Y N 326 
TYR CD1  C Y N 327 
TYR CD2  C Y N 328 
TYR CE1  C Y N 329 
TYR CE2  C Y N 330 
TYR CZ   C Y N 331 
TYR OH   O N N 332 
TYR OXT  O N N 333 
TYR H    H N N 334 
TYR H2   H N N 335 
TYR HA   H N N 336 
TYR HB2  H N N 337 
TYR HB3  H N N 338 
TYR HD1  H N N 339 
TYR HD2  H N N 340 
TYR HE1  H N N 341 
TYR HE2  H N N 342 
TYR HH   H N N 343 
TYR HXT  H N N 344 
VAL N    N N N 345 
VAL CA   C N S 346 
VAL C    C N N 347 
VAL O    O N N 348 
VAL CB   C N N 349 
VAL CG1  C N N 350 
VAL CG2  C N N 351 
VAL OXT  O N N 352 
VAL H    H N N 353 
VAL H2   H N N 354 
VAL HA   H N N 355 
VAL HB   H N N 356 
VAL HG11 H N N 357 
VAL HG12 H N N 358 
VAL HG13 H N N 359 
VAL HG21 H N N 360 
VAL HG22 H N N 361 
VAL HG23 H N N 362 
VAL HXT  H N N 363 
# 
loop_
_chem_comp_bond.comp_id 
_chem_comp_bond.atom_id_1 
_chem_comp_bond.atom_id_2 
_chem_comp_bond.value_order 
_chem_comp_bond.pdbx_aromatic_flag 
_chem_comp_bond.pdbx_stereo_config 
_chem_comp_bond.pdbx_ordinal 
ALA N   CA   sing N N 1   
ALA N   H    sing N N 2   
ALA N   H2   sing N N 3   
ALA CA  C    sing N N 4   
ALA CA  CB   sing N N 5   
ALA CA  HA   sing N N 6   
ALA C   O    doub N N 7   
ALA C   OXT  sing N N 8   
ALA CB  HB1  sing N N 9   
ALA CB  HB2  sing N N 10  
ALA CB  HB3  sing N N 11  
ALA OXT HXT  sing N N 12  
ARG N   CA   sing N N 13  
ARG N   H    sing N N 14  
ARG N   H2   sing N N 15  
ARG CA  C    sing N N 16  
ARG CA  CB   sing N N 17  
ARG CA  HA   sing N N 18  
ARG C   O    doub N N 19  
ARG C   OXT  sing N N 20  
ARG CB  CG   sing N N 21  
ARG CB  HB2  sing N N 22  
ARG CB  HB3  sing N N 23  
ARG CG  CD   sing N N 24  
ARG CG  HG2  sing N N 25  
ARG CG  HG3  sing N N 26  
ARG CD  NE   sing N N 27  
ARG CD  HD2  sing N N 28  
ARG CD  HD3  sing N N 29  
ARG NE  CZ   sing N N 30  
ARG NE  HE   sing N N 31  
ARG CZ  NH1  sing N N 32  
ARG CZ  NH2  doub N N 33  
ARG NH1 HH11 sing N N 34  
ARG NH1 HH12 sing N N 35  
ARG NH2 HH21 sing N N 36  
ARG NH2 HH22 sing N N 37  
ARG OXT HXT  sing N N 38  
ASN N   CA   sing N N 39  
ASN N   H    sing N N 40  
ASN N   H2   sing N N 41  
ASN CA  C    sing N N 42  
ASN CA  CB   sing N N 43  
ASN CA  HA   sing N N 44  
ASN C   O    doub N N 45  
ASN C   OXT  sing N N 46  
ASN CB  CG   sing N N 47  
ASN CB  HB2  sing N N 48  
ASN CB  HB3  sing N N 49  
ASN CG  OD1  doub N N 50  
ASN CG  ND2  sing N N 51  
ASN ND2 HD21 sing N N 52  
ASN ND2 HD22 sing N N 53  
ASN OXT HXT  sing N N 54  
ASP N   CA   sing N N 55  
ASP N   H    sing N N 56  
ASP N   H2   sing N N 57  
ASP CA  C    sing N N 58  
ASP CA  CB   sing N N 59  
ASP CA  HA   sing N N 60  
ASP C   O    doub N N 61  
ASP C   OXT  sing N N 62  
ASP CB  CG   sing N N 63  
ASP CB  HB2  sing N N 64  
ASP CB  HB3  sing N N 65  
ASP CG  OD1  doub N N 66  
ASP CG  OD2  sing N N 67  
ASP OD2 HD2  sing N N 68  
ASP OXT HXT  sing N N 69  
CYS N   CA   sing N N 70  
CYS N   H    sing N N 71  
CYS N   H2   sing N N 72  
CYS CA  C    sing N N 73  
CYS CA  CB   sing N N 74  
CYS CA  HA   sing N N 75  
CYS C   O    doub N N 76  
CYS C   OXT  sing N N 77  
CYS CB  SG   sing N N 78  
CYS CB  HB2  sing N N 79  
CYS CB  HB3  sing N N 80  
CYS SG  HG   sing N N 81  
CYS OXT HXT  sing N N 82  
GLN N   CA   sing N N 83  
GLN N   H    sing N N 84  
GLN N   H2   sing N N 85  
GLN CA  C    sing N N 86  
GLN CA  CB   sing N N 87  
GLN CA  HA   sing N N 88  
GLN C   O    doub N N 89  
GLN C   OXT  sing N N 90  
GLN CB  CG   sing N N 91  
GLN CB  HB2  sing N N 92  
GLN CB  HB3  sing N N 93  
GLN CG  CD   sing N N 94  
GLN CG  HG2  sing N N 95  
GLN CG  HG3  sing N N 96  
GLN CD  OE1  doub N N 97  
GLN CD  NE2  sing N N 98  
GLN NE2 HE21 sing N N 99  
GLN NE2 HE22 sing N N 100 
GLN OXT HXT  sing N N 101 
GLU N   CA   sing N N 102 
GLU N   H    sing N N 103 
GLU N   H2   sing N N 104 
GLU CA  C    sing N N 105 
GLU CA  CB   sing N N 106 
GLU CA  HA   sing N N 107 
GLU C   O    doub N N 108 
GLU C   OXT  sing N N 109 
GLU CB  CG   sing N N 110 
GLU CB  HB2  sing N N 111 
GLU CB  HB3  sing N N 112 
GLU CG  CD   sing N N 113 
GLU CG  HG2  sing N N 114 
GLU CG  HG3  sing N N 115 
GLU CD  OE1  doub N N 116 
GLU CD  OE2  sing N N 117 
GLU OE2 HE2  sing N N 118 
GLU OXT HXT  sing N N 119 
GLY N   CA   sing N N 120 
GLY N   H    sing N N 121 
GLY N   H2   sing N N 122 
GLY CA  C    sing N N 123 
GLY CA  HA2  sing N N 124 
GLY CA  HA3  sing N N 125 
GLY C   O    doub N N 126 
GLY C   OXT  sing N N 127 
GLY OXT HXT  sing N N 128 
HIS N   CA   sing N N 129 
HIS N   H    sing N N 130 
HIS N   H2   sing N N 131 
HIS CA  C    sing N N 132 
HIS CA  CB   sing N N 133 
HIS CA  HA   sing N N 134 
HIS C   O    doub N N 135 
HIS C   OXT  sing N N 136 
HIS CB  CG   sing N N 137 
HIS CB  HB2  sing N N 138 
HIS CB  HB3  sing N N 139 
HIS CG  ND1  sing Y N 140 
HIS CG  CD2  doub Y N 141 
HIS ND1 CE1  doub Y N 142 
HIS ND1 HD1  sing N N 143 
HIS CD2 NE2  sing Y N 144 
HIS CD2 HD2  sing N N 145 
HIS CE1 NE2  sing Y N 146 
HIS CE1 HE1  sing N N 147 
HIS NE2 HE2  sing N N 148 
HIS OXT HXT  sing N N 149 
HOH O   H1   sing N N 150 
HOH O   H2   sing N N 151 
ILE N   CA   sing N N 152 
ILE N   H    sing N N 153 
ILE N   H2   sing N N 154 
ILE CA  C    sing N N 155 
ILE CA  CB   sing N N 156 
ILE CA  HA   sing N N 157 
ILE C   O    doub N N 158 
ILE C   OXT  sing N N 159 
ILE CB  CG1  sing N N 160 
ILE CB  CG2  sing N N 161 
ILE CB  HB   sing N N 162 
ILE CG1 CD1  sing N N 163 
ILE CG1 HG12 sing N N 164 
ILE CG1 HG13 sing N N 165 
ILE CG2 HG21 sing N N 166 
ILE CG2 HG22 sing N N 167 
ILE CG2 HG23 sing N N 168 
ILE CD1 HD11 sing N N 169 
ILE CD1 HD12 sing N N 170 
ILE CD1 HD13 sing N N 171 
ILE OXT HXT  sing N N 172 
LEU N   CA   sing N N 173 
LEU N   H    sing N N 174 
LEU N   H2   sing N N 175 
LEU CA  C    sing N N 176 
LEU CA  CB   sing N N 177 
LEU CA  HA   sing N N 178 
LEU C   O    doub N N 179 
LEU C   OXT  sing N N 180 
LEU CB  CG   sing N N 181 
LEU CB  HB2  sing N N 182 
LEU CB  HB3  sing N N 183 
LEU CG  CD1  sing N N 184 
LEU CG  CD2  sing N N 185 
LEU CG  HG   sing N N 186 
LEU CD1 HD11 sing N N 187 
LEU CD1 HD12 sing N N 188 
LEU CD1 HD13 sing N N 189 
LEU CD2 HD21 sing N N 190 
LEU CD2 HD22 sing N N 191 
LEU CD2 HD23 sing N N 192 
LEU OXT HXT  sing N N 193 
LYS N   CA   sing N N 194 
LYS N   H    sing N N 195 
LYS N   H2   sing N N 196 
LYS CA  C    sing N N 197 
LYS CA  CB   sing N N 198 
LYS CA  HA   sing N N 199 
LYS C   O    doub N N 200 
LYS C   OXT  sing N N 201 
LYS CB  CG   sing N N 202 
LYS CB  HB2  sing N N 203 
LYS CB  HB3  sing N N 204 
LYS CG  CD   sing N N 205 
LYS CG  HG2  sing N N 206 
LYS CG  HG3  sing N N 207 
LYS CD  CE   sing N N 208 
LYS CD  HD2  sing N N 209 
LYS CD  HD3  sing N N 210 
LYS CE  NZ   sing N N 211 
LYS CE  HE2  sing N N 212 
LYS CE  HE3  sing N N 213 
LYS NZ  HZ1  sing N N 214 
LYS NZ  HZ2  sing N N 215 
LYS NZ  HZ3  sing N N 216 
LYS OXT HXT  sing N N 217 
MET N   CA   sing N N 218 
MET N   H    sing N N 219 
MET N   H2   sing N N 220 
MET CA  C    sing N N 221 
MET CA  CB   sing N N 222 
MET CA  HA   sing N N 223 
MET C   O    doub N N 224 
MET C   OXT  sing N N 225 
MET CB  CG   sing N N 226 
MET CB  HB2  sing N N 227 
MET CB  HB3  sing N N 228 
MET CG  SD   sing N N 229 
MET CG  HG2  sing N N 230 
MET CG  HG3  sing N N 231 
MET SD  CE   sing N N 232 
MET CE  HE1  sing N N 233 
MET CE  HE2  sing N N 234 
MET CE  HE3  sing N N 235 
MET OXT HXT  sing N N 236 
PHE N   CA   sing N N 237 
PHE N   H    sing N N 238 
PHE N   H2   sing N N 239 
PHE CA  C    sing N N 240 
PHE CA  CB   sing N N 241 
PHE CA  HA   sing N N 242 
PHE C   O    doub N N 243 
PHE C   OXT  sing N N 244 
PHE CB  CG   sing N N 245 
PHE CB  HB2  sing N N 246 
PHE CB  HB3  sing N N 247 
PHE CG  CD1  doub Y N 248 
PHE CG  CD2  sing Y N 249 
PHE CD1 CE1  sing Y N 250 
PHE CD1 HD1  sing N N 251 
PHE CD2 CE2  doub Y N 252 
PHE CD2 HD2  sing N N 253 
PHE CE1 CZ   doub Y N 254 
PHE CE1 HE1  sing N N 255 
PHE CE2 CZ   sing Y N 256 
PHE CE2 HE2  sing N N 257 
PHE CZ  HZ   sing N N 258 
PHE OXT HXT  sing N N 259 
PRO N   CA   sing N N 260 
PRO N   CD   sing N N 261 
PRO N   H    sing N N 262 
PRO CA  C    sing N N 263 
PRO CA  CB   sing N N 264 
PRO CA  HA   sing N N 265 
PRO C   O    doub N N 266 
PRO C   OXT  sing N N 267 
PRO CB  CG   sing N N 268 
PRO CB  HB2  sing N N 269 
PRO CB  HB3  sing N N 270 
PRO CG  CD   sing N N 271 
PRO CG  HG2  sing N N 272 
PRO CG  HG3  sing N N 273 
PRO CD  HD2  sing N N 274 
PRO CD  HD3  sing N N 275 
PRO OXT HXT  sing N N 276 
SER N   CA   sing N N 277 
SER N   H    sing N N 278 
SER N   H2   sing N N 279 
SER CA  C    sing N N 280 
SER CA  CB   sing N N 281 
SER CA  HA   sing N N 282 
SER C   O    doub N N 283 
SER C   OXT  sing N N 284 
SER CB  OG   sing N N 285 
SER CB  HB2  sing N N 286 
SER CB  HB3  sing N N 287 
SER OG  HG   sing N N 288 
SER OXT HXT  sing N N 289 
THR N   CA   sing N N 290 
THR N   H    sing N N 291 
THR N   H2   sing N N 292 
THR CA  C    sing N N 293 
THR CA  CB   sing N N 294 
THR CA  HA   sing N N 295 
THR C   O    doub N N 296 
THR C   OXT  sing N N 297 
THR CB  OG1  sing N N 298 
THR CB  CG2  sing N N 299 
THR CB  HB   sing N N 300 
THR OG1 HG1  sing N N 301 
THR CG2 HG21 sing N N 302 
THR CG2 HG22 sing N N 303 
THR CG2 HG23 sing N N 304 
THR OXT HXT  sing N N 305 
TYR N   CA   sing N N 306 
TYR N   H    sing N N 307 
TYR N   H2   sing N N 308 
TYR CA  C    sing N N 309 
TYR CA  CB   sing N N 310 
TYR CA  HA   sing N N 311 
TYR C   O    doub N N 312 
TYR C   OXT  sing N N 313 
TYR CB  CG   sing N N 314 
TYR CB  HB2  sing N N 315 
TYR CB  HB3  sing N N 316 
TYR CG  CD1  doub Y N 317 
TYR CG  CD2  sing Y N 318 
TYR CD1 CE1  sing Y N 319 
TYR CD1 HD1  sing N N 320 
TYR CD2 CE2  doub Y N 321 
TYR CD2 HD2  sing N N 322 
TYR CE1 CZ   doub Y N 323 
TYR CE1 HE1  sing N N 324 
TYR CE2 CZ   sing Y N 325 
TYR CE2 HE2  sing N N 326 
TYR CZ  OH   sing N N 327 
TYR OH  HH   sing N N 328 
TYR OXT HXT  sing N N 329 
VAL N   CA   sing N N 330 
VAL N   H    sing N N 331 
VAL N   H2   sing N N 332 
VAL CA  C    sing N N 333 
VAL CA  CB   sing N N 334 
VAL CA  HA   sing N N 335 
VAL C   O    doub N N 336 
VAL C   OXT  sing N N 337 
VAL CB  CG1  sing N N 338 
VAL CB  CG2  sing N N 339 
VAL CB  HB   sing N N 340 
VAL CG1 HG11 sing N N 341 
VAL CG1 HG12 sing N N 342 
VAL CG1 HG13 sing N N 343 
VAL CG2 HG21 sing N N 344 
VAL CG2 HG22 sing N N 345 
VAL CG2 HG23 sing N N 346 
VAL OXT HXT  sing N N 347 
# 
_atom_sites.entry_id                    3VC8 
_atom_sites.fract_transf_matrix[1][1]   -0.00817153 
_atom_sites.fract_transf_matrix[1][2]   -0.00439267 
_atom_sites.fract_transf_matrix[1][3]   -0.00889741 
_atom_sites.fract_transf_matrix[2][1]   -0.01375153 
_atom_sites.fract_transf_matrix[2][2]   -0.00098759 
_atom_sites.fract_transf_matrix[2][3]   0.01311721 
_atom_sites.fract_transf_matrix[3][1]   -0.01089876 
_atom_sites.fract_transf_matrix[3][2]   0.01426844 
_atom_sites.fract_transf_matrix[3][3]   -0.01035154 
_atom_sites.fract_transf_vector[1]      0.084655 
_atom_sites.fract_transf_vector[2]      -0.234728 
_atom_sites.fract_transf_vector[3]      -0.016126 
# 
loop_
_atom_type.symbol 
C 
N 
O 
S 
# 
loop_
_atom_site.group_PDB 
_atom_site.id 
_atom_site.type_symbol 
_atom_site.label_atom_id 
_atom_site.label_alt_id 
_atom_site.label_comp_id 
_atom_site.label_asym_id 
_atom_site.label_entity_id 
_atom_site.label_seq_id 
_atom_site.pdbx_PDB_ins_code 
_atom_site.Cartn_x 
_atom_site.Cartn_y 
_atom_site.Cartn_z 
_atom_site.occupancy 
_atom_site.B_iso_or_equiv 
_atom_site.pdbx_formal_charge 
_atom_site.auth_seq_id 
_atom_site.auth_comp_id 
_atom_site.auth_asym_id 
_atom_site.auth_atom_id 
_atom_site.pdbx_PDB_model_num 
ATOM   1    N N   . THR A 1 6  ? -11.217 9.070   -8.729  1.00 46.55  ? 1   THR A N   1 
ATOM   2    C CA  . THR A 1 6  ? -10.707 9.818   -7.546  1.00 45.78  ? 1   THR A CA  1 
ATOM   3    C C   . THR A 1 6  ? -11.418 9.363   -6.282  1.00 43.72  ? 1   THR A C   1 
ATOM   4    O O   . THR A 1 6  ? -12.397 8.614   -6.335  1.00 42.93  ? 1   THR A O   1 
ATOM   5    C CB  . THR A 1 6  ? -10.922 11.348  -7.683  1.00 46.46  ? 1   THR A CB  1 
ATOM   6    O OG1 . THR A 1 6  ? -12.323 11.648  -7.648  1.00 49.53  ? 1   THR A OG1 1 
ATOM   7    C CG2 . THR A 1 6  ? -10.338 11.852  -8.983  1.00 47.04  ? 1   THR A CG2 1 
ATOM   8    N N   . PHE A 1 7  ? -10.917 9.837   -5.145  1.00 40.39  ? 2   PHE A N   1 
ATOM   9    C CA  . PHE A 1 7  ? -11.470 9.494   -3.842  1.00 39.65  ? 2   PHE A CA  1 
ATOM   10   C C   . PHE A 1 7  ? -12.927 9.956   -3.709  1.00 37.93  ? 2   PHE A C   1 
ATOM   11   O O   . PHE A 1 7  ? -13.787 9.192   -3.277  1.00 34.33  ? 2   PHE A O   1 
ATOM   12   C CB  . PHE A 1 7  ? -10.608 10.123  -2.741  1.00 34.19  ? 2   PHE A CB  1 
ATOM   13   C CG  . PHE A 1 7  ? -10.998 9.712   -1.354  1.00 35.05  ? 2   PHE A CG  1 
ATOM   14   C CD1 . PHE A 1 7  ? -10.450 8.577   -0.772  1.00 32.65  ? 2   PHE A CD1 1 
ATOM   15   C CD2 . PHE A 1 7  ? -11.916 10.464  -0.622  1.00 36.84  ? 2   PHE A CD2 1 
ATOM   16   C CE1 . PHE A 1 7  ? -10.811 8.193   0.520   1.00 30.24  ? 2   PHE A CE1 1 
ATOM   17   C CE2 . PHE A 1 7  ? -12.285 10.086  0.673   1.00 35.31  ? 2   PHE A CE2 1 
ATOM   18   C CZ  . PHE A 1 7  ? -11.730 8.952   1.243   1.00 30.17  ? 2   PHE A CZ  1 
ATOM   19   N N   . GLU A 1 8  ? -13.202 11.203  -4.087  1.00 40.56  ? 3   GLU A N   1 
ATOM   20   C CA  . GLU A 1 8  ? -14.557 11.750  -3.994  1.00 43.65  ? 3   GLU A CA  1 
ATOM   21   C C   . GLU A 1 8  ? -15.520 10.927  -4.822  1.00 43.48  ? 3   GLU A C   1 
ATOM   22   O O   . GLU A 1 8  ? -16.670 10.714  -4.436  1.00 40.87  ? 3   GLU A O   1 
ATOM   23   C CB  . GLU A 1 8  ? -14.596 13.198  -4.484  1.00 46.43  ? 3   GLU A CB  1 
ATOM   24   C CG  . GLU A 1 8  ? -13.782 14.167  -3.660  1.00 47.56  ? 3   GLU A CG  1 
ATOM   25   C CD  . GLU A 1 8  ? -12.319 13.795  -3.618  1.00 50.28  ? 3   GLU A CD  1 
ATOM   26   O OE1 . GLU A 1 8  ? -11.772 13.406  -4.673  1.00 45.96  ? 3   GLU A OE1 1 
ATOM   27   O OE2 . GLU A 1 8  ? -11.710 13.899  -2.533  1.00 52.29  ? 3   GLU A OE2 1 
ATOM   28   N N   . GLU A 1 9  ? -15.040 10.471  -5.970  1.00 43.85  ? 4   GLU A N   1 
ATOM   29   C CA  . GLU A 1 9  ? -15.846 9.664   -6.861  1.00 43.31  ? 4   GLU A CA  1 
ATOM   30   C C   . GLU A 1 9  ? -16.090 8.264   -6.313  1.00 39.72  ? 4   GLU A C   1 
ATOM   31   O O   . GLU A 1 9  ? -17.217 7.756   -6.373  1.00 36.35  ? 4   GLU A O   1 
ATOM   32   C CB  . GLU A 1 9  ? -15.174 9.594   -8.222  1.00 47.32  ? 4   GLU A CB  1 
ATOM   33   C CG  . GLU A 1 9  ? -15.245 10.919  -8.956  1.00 56.11  ? 4   GLU A CG  1 
ATOM   34   C CD  . GLU A 1 9  ? -14.368 10.962  -10.185 1.00 60.44  ? 4   GLU A CD  1 
ATOM   35   O OE1 . GLU A 1 9  ? -14.425 10.014  -11.002 1.00 61.89  ? 4   GLU A OE1 1 
ATOM   36   O OE2 . GLU A 1 9  ? -13.625 11.958  -10.332 1.00 64.46  ? 4   GLU A OE2 1 
ATOM   37   N N   . MET A 1 10 ? -15.041 7.633   -5.787  1.00 38.01  ? 5   MET A N   1 
ATOM   38   C CA  . MET A 1 10 ? -15.180 6.297   -5.211  1.00 34.44  ? 5   MET A CA  1 
ATOM   39   C C   . MET A 1 10 ? -16.161 6.339   -4.034  1.00 32.80  ? 5   MET A C   1 
ATOM   40   O O   . MET A 1 10 ? -16.999 5.450   -3.877  1.00 32.40  ? 5   MET A O   1 
ATOM   41   C CB  . MET A 1 10 ? -13.822 5.787   -4.728  1.00 31.60  ? 5   MET A CB  1 
ATOM   42   C CG  . MET A 1 10 ? -12.891 5.309   -5.828  1.00 37.82  ? 5   MET A CG  1 
ATOM   43   S SD  . MET A 1 10 ? -13.559 3.898   -6.732  1.00 42.14  ? 5   MET A SD  1 
ATOM   44   C CE  . MET A 1 10 ? -13.139 2.508   -5.643  1.00 36.25  ? 5   MET A CE  1 
ATOM   45   N N   . ALA A 1 11 ? -16.048 7.388   -3.222  1.00 34.95  ? 6   ALA A N   1 
ATOM   46   C CA  . ALA A 1 11 ? -16.894 7.588   -2.044  1.00 36.76  ? 6   ALA A CA  1 
ATOM   47   C C   . ALA A 1 11 ? -18.391 7.510   -2.343  1.00 38.48  ? 6   ALA A C   1 
ATOM   48   O O   . ALA A 1 11 ? -19.201 7.242   -1.457  1.00 38.11  ? 6   ALA A O   1 
ATOM   49   C CB  . ALA A 1 11 ? -16.567 8.934   -1.406  1.00 35.08  ? 6   ALA A CB  1 
ATOM   50   N N   . LEU A 1 12 ? -18.751 7.739   -3.601  1.00 42.32  ? 7   LEU A N   1 
ATOM   51   C CA  . LEU A 1 12 ? -20.149 7.721   -4.014  1.00 44.51  ? 7   LEU A CA  1 
ATOM   52   C C   . LEU A 1 12 ? -20.630 6.366   -4.546  1.00 46.34  ? 7   LEU A C   1 
ATOM   53   O O   . LEU A 1 12 ? -21.834 6.139   -4.696  1.00 47.04  ? 7   LEU A O   1 
ATOM   54   C CB  . LEU A 1 12 ? -20.373 8.804   -5.071  1.00 45.25  ? 7   LEU A CB  1 
ATOM   55   C CG  . LEU A 1 12 ? -20.044 10.211  -4.575  1.00 46.41  ? 7   LEU A CG  1 
ATOM   56   C CD1 . LEU A 1 12 ? -20.159 11.217  -5.705  1.00 48.08  ? 7   LEU A CD1 1 
ATOM   57   C CD2 . LEU A 1 12 ? -20.981 10.567  -3.437  1.00 44.67  ? 7   LEU A CD2 1 
ATOM   58   N N   . THR A 1 13 ? -19.697 5.456   -4.802  1.00 46.47  ? 8   THR A N   1 
ATOM   59   C CA  . THR A 1 13 ? -20.055 4.149   -5.336  1.00 44.83  ? 8   THR A CA  1 
ATOM   60   C C   . THR A 1 13 ? -20.057 3.051   -4.272  1.00 45.35  ? 8   THR A C   1 
ATOM   61   O O   . THR A 1 13 ? -19.553 3.243   -3.172  1.00 44.39  ? 8   THR A O   1 
ATOM   62   C CB  . THR A 1 13 ? -19.074 3.768   -6.451  1.00 47.40  ? 8   THR A CB  1 
ATOM   63   O OG1 . THR A 1 13 ? -17.880 3.228   -5.879  1.00 47.49  ? 8   THR A OG1 1 
ATOM   64   C CG2 . THR A 1 13 ? -18.693 5.007   -7.244  1.00 49.43  ? 8   THR A CG2 1 
ATOM   65   N N   . THR A 1 14 ? -20.651 1.908   -4.594  1.00 42.67  ? 9   THR A N   1 
ATOM   66   C CA  . THR A 1 14 ? -20.683 0.772   -3.680  1.00 42.97  ? 9   THR A CA  1 
ATOM   67   C C   . THR A 1 14 ? -19.611 -0.191  -4.184  1.00 42.91  ? 9   THR A C   1 
ATOM   68   O O   . THR A 1 14 ? -19.548 -0.485  -5.375  1.00 46.27  ? 9   THR A O   1 
ATOM   69   C CB  . THR A 1 14 ? -22.077 0.079   -3.676  1.00 43.65  ? 9   THR A CB  1 
ATOM   70   O OG1 . THR A 1 14 ? -23.040 0.949   -3.066  1.00 44.24  ? 9   THR A OG1 1 
ATOM   71   C CG2 . THR A 1 14 ? -22.039 -1.234  -2.893  1.00 40.29  ? 9   THR A CG2 1 
ATOM   72   N N   . PHE A 1 15 ? -18.759 -0.663  -3.278  1.00 37.40  ? 10  PHE A N   1 
ATOM   73   C CA  . PHE A 1 15 ? -17.680 -1.565  -3.644  1.00 33.05  ? 10  PHE A CA  1 
ATOM   74   C C   . PHE A 1 15 ? -17.090 -2.185  -2.385  1.00 29.66  ? 10  PHE A C   1 
ATOM   75   O O   . PHE A 1 15 ? -17.376 -1.749  -1.265  1.00 31.34  ? 10  PHE A O   1 
ATOM   76   C CB  . PHE A 1 15 ? -16.597 -0.788  -4.400  1.00 31.65  ? 10  PHE A CB  1 
ATOM   77   C CG  . PHE A 1 15 ? -15.862 0.220   -3.551  1.00 30.70  ? 10  PHE A CG  1 
ATOM   78   C CD1 . PHE A 1 15 ? -14.725 -0.145  -2.837  1.00 31.99  ? 10  PHE A CD1 1 
ATOM   79   C CD2 . PHE A 1 15 ? -16.322 1.530   -3.440  1.00 33.07  ? 10  PHE A CD2 1 
ATOM   80   C CE1 . PHE A 1 15 ? -14.064 0.779   -2.026  1.00 24.56  ? 10  PHE A CE1 1 
ATOM   81   C CE2 . PHE A 1 15 ? -15.665 2.454   -2.632  1.00 33.98  ? 10  PHE A CE2 1 
ATOM   82   C CZ  . PHE A 1 15 ? -14.536 2.075   -1.927  1.00 27.76  ? 10  PHE A CZ  1 
ATOM   83   N N   . MET A 1 16 ? -16.264 -3.206  -2.562  1.00 27.10  ? 11  MET A N   1 
ATOM   84   C CA  . MET A 1 16 ? -15.644 -3.870  -1.426  1.00 28.99  ? 11  MET A CA  1 
ATOM   85   C C   . MET A 1 16 ? -14.340 -3.201  -1.043  1.00 28.46  ? 11  MET A C   1 
ATOM   86   O O   . MET A 1 16 ? -13.536 -2.847  -1.903  1.00 29.68  ? 11  MET A O   1 
ATOM   87   C CB  . MET A 1 16 ? -15.350 -5.334  -1.752  1.00 31.25  ? 11  MET A CB  1 
ATOM   88   C CG  . MET A 1 16 ? -16.578 -6.201  -1.924  1.00 38.01  ? 11  MET A CG  1 
ATOM   89   S SD  . MET A 1 16 ? -17.578 -6.275  -0.445  1.00 37.97  ? 11  MET A SD  1 
ATOM   90   C CE  . MET A 1 16 ? -16.569 -7.263  0.622   1.00 32.45  ? 11  MET A CE  1 
ATOM   91   N N   . ILE A 1 17 ? -14.132 -3.023  0.256   1.00 28.91  ? 12  ILE A N   1 
ATOM   92   C CA  . ILE A 1 17 ? -12.888 -2.456  0.744   1.00 27.70  ? 12  ILE A CA  1 
ATOM   93   C C   . ILE A 1 17 ? -12.055 -3.692  1.062   1.00 30.43  ? 12  ILE A C   1 
ATOM   94   O O   . ILE A 1 17 ? -12.381 -4.458  1.969   1.00 27.54  ? 12  ILE A O   1 
ATOM   95   C CB  . ILE A 1 17 ? -13.082 -1.618  2.029   1.00 28.39  ? 12  ILE A CB  1 
ATOM   96   C CG1 . ILE A 1 17 ? -13.865 -0.344  1.720   1.00 28.40  ? 12  ILE A CG1 1 
ATOM   97   C CG2 . ILE A 1 17 ? -11.731 -1.231  2.595   1.00 25.59  ? 12  ILE A CG2 1 
ATOM   98   C CD1 . ILE A 1 17 ? -14.207 0.482   2.941   1.00 29.84  ? 12  ILE A CD1 1 
ATOM   99   N N   . THR A 1 18 ? -11.008 -3.900  0.269   1.00 31.56  ? 13  THR A N   1 
ATOM   100  C CA  . THR A 1 18 ? -10.096 -5.028  0.417   1.00 32.59  ? 13  THR A CA  1 
ATOM   101  C C   . THR A 1 18 ? -8.708  -4.424  0.666   1.00 33.81  ? 13  THR A C   1 
ATOM   102  O O   . THR A 1 18 ? -8.565  -3.204  0.641   1.00 30.93  ? 13  THR A O   1 
ATOM   103  C CB  . THR A 1 18 ? -10.059 -5.866  -0.880  1.00 34.25  ? 13  THR A CB  1 
ATOM   104  O OG1 . THR A 1 18 ? -9.560  -5.069  -1.962  1.00 35.91  ? 13  THR A OG1 1 
ATOM   105  C CG2 . THR A 1 18 ? -11.451 -6.350  -1.238  1.00 34.20  ? 13  THR A CG2 1 
ATOM   106  N N   . LYS A 1 19 ? -7.691  -5.243  0.916   1.00 34.11  ? 14  LYS A N   1 
ATOM   107  C CA  . LYS A 1 19 ? -6.367  -4.675  1.125   1.00 37.43  ? 14  LYS A CA  1 
ATOM   108  C C   . LYS A 1 19 ? -5.930  -3.907  -0.118  1.00 34.89  ? 14  LYS A C   1 
ATOM   109  O O   . LYS A 1 19 ? -5.259  -2.870  -0.019  1.00 34.79  ? 14  LYS A O   1 
ATOM   110  C CB  . LYS A 1 19 ? -5.341  -5.754  1.435   1.00 39.28  ? 14  LYS A CB  1 
ATOM   111  C CG  . LYS A 1 19 ? -5.421  -6.285  2.842   1.00 44.83  ? 14  LYS A CG  1 
ATOM   112  C CD  . LYS A 1 19 ? -4.198  -7.108  3.161   1.00 48.91  ? 14  LYS A CD  1 
ATOM   113  C CE  . LYS A 1 19 ? -4.440  -7.935  4.395   1.00 51.59  ? 14  LYS A CE  1 
ATOM   114  N NZ  . LYS A 1 19 ? -5.654  -8.788  4.210   1.00 56.08  ? 14  LYS A NZ  1 
ATOM   115  N N   . GLU A 1 20 ? -6.321  -4.412  -1.287  1.00 35.89  ? 15  GLU A N   1 
ATOM   116  C CA  . GLU A 1 20 ? -5.977  -3.759  -2.543  1.00 36.19  ? 15  GLU A CA  1 
ATOM   117  C C   . GLU A 1 20 ? -6.717  -2.430  -2.759  1.00 31.97  ? 15  GLU A C   1 
ATOM   118  O O   . GLU A 1 20 ? -6.091  -1.409  -3.041  1.00 27.98  ? 15  GLU A O   1 
ATOM   119  C CB  . GLU A 1 20 ? -6.261  -4.680  -3.732  1.00 41.89  ? 15  GLU A CB  1 
ATOM   120  C CG  . GLU A 1 20 ? -6.088  -3.942  -5.056  1.00 50.05  ? 15  GLU A CG  1 
ATOM   121  C CD  . GLU A 1 20 ? -6.214  -4.821  -6.286  1.00 54.61  ? 15  GLU A CD  1 
ATOM   122  O OE1 . GLU A 1 20 ? -7.297  -5.414  -6.500  1.00 58.86  ? 15  GLU A OE1 1 
ATOM   123  O OE2 . GLU A 1 20 ? -5.220  -4.900  -7.043  1.00 58.10  ? 15  GLU A OE2 1 
ATOM   124  N N   . SER A 1 21 ? -8.043  -2.440  -2.640  1.00 28.02  ? 16  SER A N   1 
ATOM   125  C CA  . SER A 1 21 ? -8.820  -1.215  -2.832  1.00 27.17  ? 16  SER A CA  1 
ATOM   126  C C   . SER A 1 21 ? -8.529  -0.183  -1.750  1.00 22.41  ? 16  SER A C   1 
ATOM   127  O O   . SER A 1 21 ? -8.585  1.016   -2.005  1.00 23.17  ? 16  SER A O   1 
ATOM   128  C CB  . SER A 1 21 ? -10.315 -1.515  -2.847  1.00 24.88  ? 16  SER A CB  1 
ATOM   129  O OG  . SER A 1 21 ? -10.776 -1.934  -1.575  1.00 25.09  ? 16  SER A OG  1 
ATOM   130  N N   . TYR A 1 22 ? -8.248  -0.646  -0.534  1.00 23.11  ? 17  TYR A N   1 
ATOM   131  C CA  . TYR A 1 22 ? -7.913  0.262   0.566   1.00 26.00  ? 17  TYR A CA  1 
ATOM   132  C C   . TYR A 1 22 ? -6.682  1.031   0.151   1.00 24.81  ? 17  TYR A C   1 
ATOM   133  O O   . TYR A 1 22 ? -6.602  2.245   0.282   1.00 24.80  ? 17  TYR A O   1 
ATOM   134  C CB  . TYR A 1 22 ? -7.554  -0.510  1.835   1.00 20.85  ? 17  TYR A CB  1 
ATOM   135  C CG  . TYR A 1 22 ? -6.955  0.378   2.904   1.00 25.50  ? 17  TYR A CG  1 
ATOM   136  C CD1 . TYR A 1 22 ? -7.752  1.259   3.618   1.00 20.20  ? 17  TYR A CD1 1 
ATOM   137  C CD2 . TYR A 1 22 ? -5.580  0.389   3.151   1.00 27.71  ? 17  TYR A CD2 1 
ATOM   138  C CE1 . TYR A 1 22 ? -7.210  2.135   4.547   1.00 30.41  ? 17  TYR A CE1 1 
ATOM   139  C CE2 . TYR A 1 22 ? -5.022  1.264   4.083   1.00 26.82  ? 17  TYR A CE2 1 
ATOM   140  C CZ  . TYR A 1 22 ? -5.844  2.138   4.774   1.00 29.19  ? 17  TYR A CZ  1 
ATOM   141  O OH  . TYR A 1 22 ? -5.297  3.042   5.658   1.00 31.91  ? 17  TYR A OH  1 
ATOM   142  N N   . CYS A 1 23 ? -5.716  0.277   -0.343  1.00 29.67  ? 18  CYS A N   1 
ATOM   143  C CA  . CYS A 1 23 ? -4.449  0.817   -0.769  1.00 32.34  ? 18  CYS A CA  1 
ATOM   144  C C   . CYS A 1 23 ? -4.544  1.889   -1.815  1.00 30.84  ? 18  CYS A C   1 
ATOM   145  O O   . CYS A 1 23 ? -3.996  2.970   -1.623  1.00 27.94  ? 18  CYS A O   1 
ATOM   146  C CB  . CYS A 1 23 ? -3.554  -0.334  -1.226  1.00 35.92  ? 18  CYS A CB  1 
ATOM   147  S SG  . CYS A 1 23 ? -2.208  -0.634  -0.075  1.00 54.33  ? 18  CYS A SG  1 
ATOM   148  N N   . LYS A 1 24 ? -5.239  1.592   -2.907  1.00 28.78  ? 19  LYS A N   1 
ATOM   149  C CA  . LYS A 1 24 ? -5.426  2.546   -3.988  1.00 29.53  ? 19  LYS A CA  1 
ATOM   150  C C   . LYS A 1 24 ? -6.130  3.814   -3.515  1.00 28.92  ? 19  LYS A C   1 
ATOM   151  O O   . LYS A 1 24 ? -5.817  4.914   -3.966  1.00 27.56  ? 19  LYS A O   1 
ATOM   152  C CB  . LYS A 1 24 ? -6.238  1.916   -5.121  1.00 30.95  ? 19  LYS A CB  1 
ATOM   153  C CG  . LYS A 1 24 ? -5.680  0.594   -5.633  1.00 41.34  ? 19  LYS A CG  1 
ATOM   154  C CD  . LYS A 1 24 ? -6.437  0.170   -6.880  1.00 46.62  ? 19  LYS A CD  1 
ATOM   155  C CE  . LYS A 1 24 ? -6.428  -1.344  -7.113  1.00 47.62  ? 19  LYS A CE  1 
ATOM   156  N NZ  . LYS A 1 24 ? -5.124  -1.892  -7.576  1.00 50.86  ? 19  LYS A NZ  1 
ATOM   157  N N   . LEU A 1 25 ? -7.094  3.654   -2.612  1.00 26.82  ? 20  LEU A N   1 
ATOM   158  C CA  . LEU A 1 25 ? -7.842  4.790   -2.083  1.00 24.57  ? 20  LEU A CA  1 
ATOM   159  C C   . LEU A 1 25 ? -6.919  5.663   -1.241  1.00 24.18  ? 20  LEU A C   1 
ATOM   160  O O   . LEU A 1 25 ? -6.921  6.886   -1.373  1.00 24.45  ? 20  LEU A O   1 
ATOM   161  C CB  . LEU A 1 25 ? -9.025  4.309   -1.237  1.00 24.95  ? 20  LEU A CB  1 
ATOM   162  C CG  . LEU A 1 25 ? -10.207 3.726   -2.014  1.00 32.05  ? 20  LEU A CG  1 
ATOM   163  C CD1 . LEU A 1 25 ? -11.085 2.933   -1.075  1.00 29.75  ? 20  LEU A CD1 1 
ATOM   164  C CD2 . LEU A 1 25 ? -10.989 4.840   -2.691  1.00 31.58  ? 20  LEU A CD2 1 
ATOM   165  N N   . LYS A 1 26 ? -6.125  5.037   -0.380  1.00 28.08  ? 21  LYS A N   1 
ATOM   166  C CA  . LYS A 1 26 ? -5.199  5.787   0.451   1.00 29.95  ? 21  LYS A CA  1 
ATOM   167  C C   . LYS A 1 26 ? -4.224  6.579   -0.429  1.00 31.03  ? 21  LYS A C   1 
ATOM   168  O O   . LYS A 1 26 ? -4.003  7.767   -0.203  1.00 31.32  ? 21  LYS A O   1 
ATOM   169  C CB  . LYS A 1 26 ? -4.433  4.834   1.366   1.00 31.84  ? 21  LYS A CB  1 
ATOM   170  C CG  . LYS A 1 26 ? -4.526  5.191   2.853   1.00 39.91  ? 21  LYS A CG  1 
ATOM   171  C CD  . LYS A 1 26 ? -3.945  6.563   3.126   1.00 42.83  ? 21  LYS A CD  1 
ATOM   172  C CE  . LYS A 1 26 ? -4.075  6.968   4.592   1.00 46.98  ? 21  LYS A CE  1 
ATOM   173  N NZ  . LYS A 1 26 ? -3.592  8.375   4.774   1.00 42.58  ? 21  LYS A NZ  1 
ATOM   174  N N   . ASN A 1 27 ? -3.657  5.925   -1.443  1.00 28.99  ? 22  ASN A N   1 
ATOM   175  C CA  . ASN A 1 27 ? -2.711  6.580   -2.343  1.00 32.09  ? 22  ASN A CA  1 
ATOM   176  C C   . ASN A 1 27 ? -3.321  7.689   -3.174  1.00 28.11  ? 22  ASN A C   1 
ATOM   177  O O   . ASN A 1 27 ? -2.605  8.516   -3.714  1.00 27.74  ? 22  ASN A O   1 
ATOM   178  C CB  . ASN A 1 27 ? -2.082  5.572   -3.306  1.00 30.30  ? 22  ASN A CB  1 
ATOM   179  C CG  . ASN A 1 27 ? -1.055  4.691   -2.641  1.00 35.14  ? 22  ASN A CG  1 
ATOM   180  O OD1 . ASN A 1 27 ? -0.420  5.091   -1.664  1.00 41.84  ? 22  ASN A OD1 1 
ATOM   181  N ND2 . ASN A 1 27 ? -0.859  3.494   -3.186  1.00 38.97  ? 22  ASN A ND2 1 
ATOM   182  N N   . SER A 1 28 ? -4.642  7.705   -3.283  1.00 30.72  ? 23  SER A N   1 
ATOM   183  C CA  . SER A 1 28 ? -5.312  8.709   -4.098  1.00 27.84  ? 23  SER A CA  1 
ATOM   184  C C   . SER A 1 28 ? -5.660  10.001  -3.373  1.00 29.30  ? 23  SER A C   1 
ATOM   185  O O   . SER A 1 28 ? -6.071  10.981  -4.001  1.00 30.66  ? 23  SER A O   1 
ATOM   186  C CB  . SER A 1 28 ? -6.594  8.128   -4.696  1.00 29.42  ? 23  SER A CB  1 
ATOM   187  O OG  . SER A 1 28 ? -7.635  8.135   -3.743  1.00 33.23  ? 23  SER A OG  1 
ATOM   188  N N   . VAL A 1 29 ? -5.497  10.009  -2.057  1.00 28.58  ? 24  VAL A N   1 
ATOM   189  C CA  . VAL A 1 29 ? -5.836  11.193  -1.282  1.00 30.49  ? 24  VAL A CA  1 
ATOM   190  C C   . VAL A 1 29 ? -4.686  11.533  -0.342  1.00 28.94  ? 24  VAL A C   1 
ATOM   191  O O   . VAL A 1 29 ? -4.030  10.636  0.195   1.00 30.06  ? 24  VAL A O   1 
ATOM   192  C CB  . VAL A 1 29 ? -7.141  10.949  -0.475  1.00 32.17  ? 24  VAL A CB  1 
ATOM   193  C CG1 . VAL A 1 29 ? -6.901  9.891   0.591   1.00 29.46  ? 24  VAL A CG1 1 
ATOM   194  C CG2 . VAL A 1 29 ? -7.648  12.242  0.118   1.00 36.72  ? 24  VAL A CG2 1 
ATOM   195  N N   . SER A 1 30 ? -4.420  12.825  -0.168  1.00 30.87  ? 25  SER A N   1 
ATOM   196  C CA  . SER A 1 30 ? -3.341  13.234  0.716   1.00 30.94  ? 25  SER A CA  1 
ATOM   197  C C   . SER A 1 30 ? -3.749  12.818  2.109   1.00 30.62  ? 25  SER A C   1 
ATOM   198  O O   . SER A 1 30 ? -4.945  12.730  2.405   1.00 27.75  ? 25  SER A O   1 
ATOM   199  C CB  . SER A 1 30 ? -3.149  14.747  0.684   1.00 26.71  ? 25  SER A CB  1 
ATOM   200  O OG  . SER A 1 30 ? -4.216  15.391  1.347   1.00 33.12  ? 25  SER A OG  1 
ATOM   201  N N   . ASP A 1 31 ? -2.769  12.555  2.962   1.00 30.62  ? 26  ASP A N   1 
ATOM   202  C CA  . ASP A 1 31 ? -3.069  12.167  4.325   1.00 31.62  ? 26  ASP A CA  1 
ATOM   203  C C   . ASP A 1 31 ? -3.817  13.285  5.060   1.00 31.21  ? 26  ASP A C   1 
ATOM   204  O O   . ASP A 1 31 ? -4.650  13.027  5.933   1.00 29.78  ? 26  ASP A O   1 
ATOM   205  C CB  . ASP A 1 31 ? -1.783  11.834  5.058   1.00 32.54  ? 26  ASP A CB  1 
ATOM   206  C CG  . ASP A 1 31 ? -2.030  11.432  6.489   1.00 40.86  ? 26  ASP A CG  1 
ATOM   207  O OD1 . ASP A 1 31 ? -1.911  12.296  7.382   1.00 42.45  ? 26  ASP A OD1 1 
ATOM   208  O OD2 . ASP A 1 31 ? -2.363  10.250  6.722   1.00 43.83  ? 26  ASP A OD2 1 
ATOM   209  N N   . VAL A 1 32 ? -3.510  14.530  4.711   1.00 29.83  ? 27  VAL A N   1 
ATOM   210  C CA  . VAL A 1 32 ? -4.173  15.671  5.326   1.00 30.85  ? 27  VAL A CA  1 
ATOM   211  C C   . VAL A 1 32 ? -5.670  15.657  4.982   1.00 29.86  ? 27  VAL A C   1 
ATOM   212  O O   . VAL A 1 32 ? -6.513  15.819  5.865   1.00 29.64  ? 27  VAL A O   1 
ATOM   213  C CB  . VAL A 1 32 ? -3.522  16.993  4.857   1.00 30.69  ? 27  VAL A CB  1 
ATOM   214  C CG1 . VAL A 1 32 ? -4.423  18.162  5.160   1.00 32.18  ? 27  VAL A CG1 1 
ATOM   215  C CG2 . VAL A 1 32 ? -2.199  17.182  5.553   1.00 30.92  ? 27  VAL A CG2 1 
ATOM   216  N N   . ALA A 1 33 ? -5.994  15.446  3.709   1.00 27.18  ? 28  ALA A N   1 
ATOM   217  C CA  . ALA A 1 33 ? -7.388  15.404  3.265   1.00 26.84  ? 28  ALA A CA  1 
ATOM   218  C C   . ALA A 1 33 ? -8.111  14.227  3.908   1.00 26.11  ? 28  ALA A C   1 
ATOM   219  O O   . ALA A 1 33 ? -9.252  14.351  4.360   1.00 24.58  ? 28  ALA A O   1 
ATOM   220  C CB  . ALA A 1 33 ? -7.451  15.284  1.741   1.00 22.65  ? 28  ALA A CB  1 
ATOM   221  N N   . PHE A 1 34 ? -7.443  13.082  3.936   1.00 22.88  ? 29  PHE A N   1 
ATOM   222  C CA  . PHE A 1 34 ? -8.014  11.890  4.536   1.00 25.17  ? 29  PHE A CA  1 
ATOM   223  C C   . PHE A 1 34 ? -8.437  12.172  5.985   1.00 26.39  ? 29  PHE A C   1 
ATOM   224  O O   . PHE A 1 34 ? -9.588  11.904  6.357   1.00 22.95  ? 29  PHE A O   1 
ATOM   225  C CB  . PHE A 1 34 ? -6.999  10.736  4.522   1.00 23.75  ? 29  PHE A CB  1 
ATOM   226  C CG  . PHE A 1 34 ? -7.525  9.460   5.131   1.00 27.56  ? 29  PHE A CG  1 
ATOM   227  C CD1 . PHE A 1 34 ? -8.348  8.605   4.395   1.00 26.06  ? 29  PHE A CD1 1 
ATOM   228  C CD2 . PHE A 1 34 ? -7.230  9.131   6.456   1.00 25.80  ? 29  PHE A CD2 1 
ATOM   229  C CE1 . PHE A 1 34 ? -8.869  7.449   4.969   1.00 28.39  ? 29  PHE A CE1 1 
ATOM   230  C CE2 . PHE A 1 34 ? -7.751  7.976   7.039   1.00 28.22  ? 29  PHE A CE2 1 
ATOM   231  C CZ  . PHE A 1 34 ? -8.570  7.134   6.293   1.00 28.85  ? 29  PHE A CZ  1 
ATOM   232  N N   . ASN A 1 35 ? -7.520  12.711  6.797   1.00 27.77  ? 30  ASN A N   1 
ATOM   233  C CA  . ASN A 1 35 ? -7.823  12.999  8.204   1.00 28.51  ? 30  ASN A CA  1 
ATOM   234  C C   . ASN A 1 35 ? -8.917  14.041  8.372   1.00 27.23  ? 30  ASN A C   1 
ATOM   235  O O   . ASN A 1 35 ? -9.693  13.990  9.320   1.00 28.49  ? 30  ASN A O   1 
ATOM   236  C CB  . ASN A 1 35 ? -6.570  13.454  8.963   1.00 30.18  ? 30  ASN A CB  1 
ATOM   237  C CG  . ASN A 1 35 ? -5.592  12.316  9.216   1.00 33.57  ? 30  ASN A CG  1 
ATOM   238  O OD1 . ASN A 1 35 ? -5.983  11.152  9.310   1.00 38.15  ? 30  ASN A OD1 1 
ATOM   239  N ND2 . ASN A 1 35 ? -4.317  12.654  9.347   1.00 41.36  ? 30  ASN A ND2 1 
ATOM   240  N N   . ARG A 1 36 ? -8.975  14.996  7.457   1.00 26.74  ? 31  ARG A N   1 
ATOM   241  C CA  . ARG A 1 36 ? -10.015 16.009  7.529   1.00 28.22  ? 31  ARG A CA  1 
ATOM   242  C C   . ARG A 1 36 ? -11.372 15.350  7.274   1.00 28.39  ? 31  ARG A C   1 
ATOM   243  O O   . ARG A 1 36 ? -12.361 15.661  7.934   1.00 28.30  ? 31  ARG A O   1 
ATOM   244  C CB  . ARG A 1 36 ? -9.766  17.102  6.502   1.00 30.30  ? 31  ARG A CB  1 
ATOM   245  C CG  . ARG A 1 36 ? -10.860 18.127  6.483   1.00 33.56  ? 31  ARG A CG  1 
ATOM   246  C CD  . ARG A 1 36 ? -10.539 19.232  5.520   1.00 40.10  ? 31  ARG A CD  1 
ATOM   247  N NE  . ARG A 1 36 ? -11.737 20.015  5.247   1.00 46.47  ? 31  ARG A NE  1 
ATOM   248  C CZ  . ARG A 1 36 ? -12.766 19.574  4.529   1.00 47.95  ? 31  ARG A CZ  1 
ATOM   249  N NH1 . ARG A 1 36 ? -12.736 18.350  4.006   1.00 46.32  ? 31  ARG A NH1 1 
ATOM   250  N NH2 . ARG A 1 36 ? -13.826 20.356  4.336   1.00 49.74  ? 31  ARG A NH2 1 
ATOM   251  N N   . TYR A 1 37 ? -11.411 14.443  6.304   1.00 26.17  ? 32  TYR A N   1 
ATOM   252  C CA  . TYR A 1 37 ? -12.631 13.705  5.985   1.00 27.35  ? 32  TYR A CA  1 
ATOM   253  C C   . TYR A 1 37 ? -13.030 12.868  7.200   1.00 27.11  ? 32  TYR A C   1 
ATOM   254  O O   . TYR A 1 37 ? -14.187 12.834  7.599   1.00 25.35  ? 32  TYR A O   1 
ATOM   255  C CB  . TYR A 1 37 ? -12.386 12.783  4.791   1.00 26.99  ? 32  TYR A CB  1 
ATOM   256  C CG  . TYR A 1 37 ? -12.343 13.495  3.465   1.00 29.61  ? 32  TYR A CG  1 
ATOM   257  C CD1 . TYR A 1 37 ? -11.633 12.959  2.389   1.00 31.23  ? 32  TYR A CD1 1 
ATOM   258  C CD2 . TYR A 1 37 ? -13.069 14.667  3.263   1.00 30.63  ? 32  TYR A CD2 1 
ATOM   259  C CE1 . TYR A 1 37 ? -11.653 13.569  1.149   1.00 33.75  ? 32  TYR A CE1 1 
ATOM   260  C CE2 . TYR A 1 37 ? -13.098 15.278  2.032   1.00 34.07  ? 32  TYR A CE2 1 
ATOM   261  C CZ  . TYR A 1 37 ? -12.391 14.725  0.980   1.00 33.84  ? 32  TYR A CZ  1 
ATOM   262  O OH  . TYR A 1 37 ? -12.444 15.323  -0.250  1.00 40.24  ? 32  TYR A OH  1 
ATOM   263  N N   . LEU A 1 38 ? -12.050 12.192  7.781   1.00 27.70  ? 33  LEU A N   1 
ATOM   264  C CA  . LEU A 1 38 ? -12.267 11.362  8.954   1.00 27.17  ? 33  LEU A CA  1 
ATOM   265  C C   . LEU A 1 38 ? -12.881 12.189  10.088  1.00 27.29  ? 33  LEU A C   1 
ATOM   266  O O   . LEU A 1 38 ? -13.798 11.733  10.787  1.00 26.98  ? 33  LEU A O   1 
ATOM   267  C CB  . LEU A 1 38 ? -10.926 10.782  9.408   1.00 26.80  ? 33  LEU A CB  1 
ATOM   268  C CG  . LEU A 1 38 ? -10.919 9.725   10.505  1.00 32.06  ? 33  LEU A CG  1 
ATOM   269  C CD1 . LEU A 1 38 ? -11.856 8.571   10.146  1.00 31.78  ? 33  LEU A CD1 1 
ATOM   270  C CD2 . LEU A 1 38 ? -9.496  9.237   10.673  1.00 29.17  ? 33  LEU A CD2 1 
ATOM   271  N N   . SER A 1 39 ? -12.376 13.408  10.265  1.00 28.63  ? 34  SER A N   1 
ATOM   272  C CA  . SER A 1 39 ? -12.854 14.291  11.327  1.00 31.25  ? 34  SER A CA  1 
ATOM   273  C C   . SER A 1 39 ? -14.267 14.830  11.095  1.00 33.80  ? 34  SER A C   1 
ATOM   274  O O   . SER A 1 39 ? -14.878 15.385  12.002  1.00 35.18  ? 34  SER A O   1 
ATOM   275  C CB  . SER A 1 39 ? -11.899 15.467  11.496  1.00 30.07  ? 34  SER A CB  1 
ATOM   276  O OG  . SER A 1 39 ? -12.084 16.402  10.447  1.00 34.60  ? 34  SER A OG  1 
ATOM   277  N N   . LEU A 1 40 ? -14.782 14.681  9.882   1.00 32.75  ? 35  LEU A N   1 
ATOM   278  C CA  . LEU A 1 40 ? -16.130 15.152  9.571   1.00 32.55  ? 35  LEU A CA  1 
ATOM   279  C C   . LEU A 1 40 ? -17.187 14.035  9.674   1.00 33.18  ? 35  LEU A C   1 
ATOM   280  O O   . LEU A 1 40 ? -18.380 14.271  9.451   1.00 31.45  ? 35  LEU A O   1 
ATOM   281  C CB  . LEU A 1 40 ? -16.145 15.755  8.164   1.00 31.84  ? 35  LEU A CB  1 
ATOM   282  C CG  . LEU A 1 40 ? -15.308 17.022  7.993   1.00 32.28  ? 35  LEU A CG  1 
ATOM   283  C CD1 . LEU A 1 40 ? -15.223 17.422  6.534   1.00 35.81  ? 35  LEU A CD1 1 
ATOM   284  C CD2 . LEU A 1 40 ? -15.937 18.131  8.799   1.00 35.71  ? 35  LEU A CD2 1 
ATOM   285  N N   . TYR A 1 41 ? -16.746 12.830  10.030  1.00 28.07  ? 36  TYR A N   1 
ATOM   286  C CA  . TYR A 1 41 ? -17.641 11.685  10.128  1.00 31.33  ? 36  TYR A CA  1 
ATOM   287  C C   . TYR A 1 41 ? -18.831 11.873  11.065  1.00 31.96  ? 36  TYR A C   1 
ATOM   288  O O   . TYR A 1 41 ? -19.973 11.629  10.673  1.00 32.84  ? 36  TYR A O   1 
ATOM   289  C CB  . TYR A 1 41 ? -16.871 10.427  10.547  1.00 32.59  ? 36  TYR A CB  1 
ATOM   290  C CG  . TYR A 1 41 ? -17.752 9.198   10.635  1.00 34.62  ? 36  TYR A CG  1 
ATOM   291  C CD1 . TYR A 1 41 ? -18.363 8.679   9.496   1.00 34.50  ? 36  TYR A CD1 1 
ATOM   292  C CD2 . TYR A 1 41 ? -18.027 8.597   11.864  1.00 35.26  ? 36  TYR A CD2 1 
ATOM   293  C CE1 . TYR A 1 41 ? -19.228 7.601   9.571   1.00 37.80  ? 36  TYR A CE1 1 
ATOM   294  C CE2 . TYR A 1 41 ? -18.891 7.521   11.958  1.00 39.42  ? 36  TYR A CE2 1 
ATOM   295  C CZ  . TYR A 1 41 ? -19.492 7.029   10.805  1.00 39.17  ? 36  TYR A CZ  1 
ATOM   296  O OH  . TYR A 1 41 ? -20.382 5.979   10.880  1.00 42.16  ? 36  TYR A OH  1 
ATOM   297  N N   . ASN A 1 42 ? -18.574 12.292  12.299  1.00 32.53  ? 37  ASN A N   1 
ATOM   298  C CA  . ASN A 1 42 ? -19.650 12.482  13.265  1.00 28.99  ? 37  ASN A CA  1 
ATOM   299  C C   . ASN A 1 42 ? -20.651 13.518  12.831  1.00 29.54  ? 37  ASN A C   1 
ATOM   300  O O   . ASN A 1 42 ? -21.855 13.331  13.013  1.00 34.09  ? 37  ASN A O   1 
ATOM   301  C CB  . ASN A 1 42 ? -19.093 12.858  14.627  1.00 29.90  ? 37  ASN A CB  1 
ATOM   302  C CG  . ASN A 1 42 ? -18.366 11.720  15.270  1.00 32.30  ? 37  ASN A CG  1 
ATOM   303  O OD1 . ASN A 1 42 ? -18.919 10.635  15.430  1.00 36.85  ? 37  ASN A OD1 1 
ATOM   304  N ND2 . ASN A 1 42 ? -17.117 11.948  15.637  1.00 37.46  ? 37  ASN A ND2 1 
ATOM   305  N N   . LYS A 1 43 ? -20.165 14.609  12.256  1.00 29.62  ? 38  LYS A N   1 
ATOM   306  C CA  . LYS A 1 43 ? -21.059 15.659  11.790  1.00 31.28  ? 38  LYS A CA  1 
ATOM   307  C C   . LYS A 1 43 ? -22.103 15.128  10.814  1.00 33.85  ? 38  LYS A C   1 
ATOM   308  O O   . LYS A 1 43 ? -23.263 15.540  10.846  1.00 30.80  ? 38  LYS A O   1 
ATOM   309  C CB  . LYS A 1 43 ? -20.268 16.771  11.107  1.00 33.68  ? 38  LYS A CB  1 
ATOM   310  C CG  . LYS A 1 43 ? -21.151 17.724  10.329  1.00 37.18  ? 38  LYS A CG  1 
ATOM   311  C CD  . LYS A 1 43 ? -20.328 18.730  9.559   1.00 41.12  ? 38  LYS A CD  1 
ATOM   312  C CE  . LYS A 1 43 ? -21.218 19.667  8.769   1.00 40.65  ? 38  LYS A CE  1 
ATOM   313  N NZ  . LYS A 1 43 ? -20.413 20.716  8.096   1.00 46.68  ? 38  LYS A NZ  1 
ATOM   314  N N   . TYR A 1 44 ? -21.690 14.215  9.940   1.00 34.29  ? 39  TYR A N   1 
ATOM   315  C CA  . TYR A 1 44 ? -22.600 13.664  8.951   1.00 37.04  ? 39  TYR A CA  1 
ATOM   316  C C   . TYR A 1 44 ? -23.326 12.407  9.399   1.00 37.57  ? 39  TYR A C   1 
ATOM   317  O O   . TYR A 1 44 ? -24.432 12.131  8.945   1.00 39.25  ? 39  TYR A O   1 
ATOM   318  C CB  . TYR A 1 44 ? -21.847 13.417  7.646   1.00 36.11  ? 39  TYR A CB  1 
ATOM   319  C CG  . TYR A 1 44 ? -21.445 14.702  6.965   1.00 38.65  ? 39  TYR A CG  1 
ATOM   320  C CD1 . TYR A 1 44 ? -20.111 15.121  6.938   1.00 37.55  ? 39  TYR A CD1 1 
ATOM   321  C CD2 . TYR A 1 44 ? -22.406 15.517  6.361   1.00 38.31  ? 39  TYR A CD2 1 
ATOM   322  C CE1 . TYR A 1 44 ? -19.751 16.321  6.323   1.00 39.52  ? 39  TYR A CE1 1 
ATOM   323  C CE2 . TYR A 1 44 ? -22.055 16.713  5.747   1.00 39.81  ? 39  TYR A CE2 1 
ATOM   324  C CZ  . TYR A 1 44 ? -20.734 17.105  5.729   1.00 36.76  ? 39  TYR A CZ  1 
ATOM   325  O OH  . TYR A 1 44 ? -20.398 18.266  5.089   1.00 41.54  ? 39  TYR A OH  1 
ATOM   326  N N   . ARG A 1 45 ? -22.707 11.648  10.289  1.00 38.03  ? 40  ARG A N   1 
ATOM   327  C CA  . ARG A 1 45 ? -23.329 10.436  10.808  1.00 39.70  ? 40  ARG A CA  1 
ATOM   328  C C   . ARG A 1 45 ? -24.574 10.822  11.609  1.00 41.28  ? 40  ARG A C   1 
ATOM   329  O O   . ARG A 1 45 ? -25.558 10.077  11.655  1.00 39.89  ? 40  ARG A O   1 
ATOM   330  C CB  . ARG A 1 45 ? -22.323 9.693   11.693  1.00 42.67  ? 40  ARG A CB  1 
ATOM   331  C CG  . ARG A 1 45 ? -22.903 8.695   12.669  1.00 46.81  ? 40  ARG A CG  1 
ATOM   332  C CD  . ARG A 1 45 ? -23.436 7.473   11.997  1.00 53.63  ? 40  ARG A CD  1 
ATOM   333  N NE  . ARG A 1 45 ? -23.694 6.436   12.989  1.00 60.75  ? 40  ARG A NE  1 
ATOM   334  C CZ  . ARG A 1 45 ? -24.064 5.193   12.697  1.00 65.85  ? 40  ARG A CZ  1 
ATOM   335  N NH1 . ARG A 1 45 ? -24.223 4.824   11.431  1.00 69.53  ? 40  ARG A NH1 1 
ATOM   336  N NH2 . ARG A 1 45 ? -24.264 4.313   13.672  1.00 68.95  ? 40  ARG A NH2 1 
ATOM   337  N N   . TYR A 1 46 ? -24.526 12.002  12.224  1.00 41.00  ? 41  TYR A N   1 
ATOM   338  C CA  . TYR A 1 46 ? -25.631 12.513  13.034  1.00 42.94  ? 41  TYR A CA  1 
ATOM   339  C C   . TYR A 1 46 ? -26.133 13.859  12.508  1.00 43.85  ? 41  TYR A C   1 
ATOM   340  O O   . TYR A 1 46 ? -26.355 14.798  13.275  1.00 43.79  ? 41  TYR A O   1 
ATOM   341  C CB  . TYR A 1 46 ? -25.185 12.673  14.495  1.00 42.32  ? 41  TYR A CB  1 
ATOM   342  C CG  . TYR A 1 46 ? -24.631 11.406  15.104  1.00 42.65  ? 41  TYR A CG  1 
ATOM   343  C CD1 . TYR A 1 46 ? -23.256 11.214  15.230  1.00 43.56  ? 41  TYR A CD1 1 
ATOM   344  C CD2 . TYR A 1 46 ? -25.483 10.374  15.505  1.00 41.76  ? 41  TYR A CD2 1 
ATOM   345  C CE1 . TYR A 1 46 ? -22.743 10.019  15.739  1.00 45.77  ? 41  TYR A CE1 1 
ATOM   346  C CE2 . TYR A 1 46 ? -24.984 9.180   16.012  1.00 40.98  ? 41  TYR A CE2 1 
ATOM   347  C CZ  . TYR A 1 46 ? -23.614 9.004   16.125  1.00 43.07  ? 41  TYR A CZ  1 
ATOM   348  O OH  . TYR A 1 46 ? -23.119 7.805   16.603  1.00 45.27  ? 41  TYR A OH  1 
ATOM   349  N N   . PHE A 1 47 ? -26.312 13.939  11.194  1.00 43.57  ? 42  PHE A N   1 
ATOM   350  C CA  . PHE A 1 47 ? -26.784 15.151  10.530  1.00 45.44  ? 42  PHE A CA  1 
ATOM   351  C C   . PHE A 1 47 ? -28.315 15.209  10.570  1.00 45.91  ? 42  PHE A C   1 
ATOM   352  O O   . PHE A 1 47 ? -28.984 14.268  10.136  1.00 46.39  ? 42  PHE A O   1 
ATOM   353  C CB  . PHE A 1 47 ? -26.315 15.146  9.069   1.00 45.06  ? 42  PHE A CB  1 
ATOM   354  C CG  . PHE A 1 47 ? -26.480 16.458  8.372   1.00 47.16  ? 42  PHE A CG  1 
ATOM   355  C CD1 . PHE A 1 47 ? -25.464 17.407  8.406   1.00 47.33  ? 42  PHE A CD1 1 
ATOM   356  C CD2 . PHE A 1 47 ? -27.655 16.754  7.689   1.00 47.14  ? 42  PHE A CD2 1 
ATOM   357  C CE1 . PHE A 1 47 ? -25.616 18.634  7.767   1.00 48.89  ? 42  PHE A CE1 1 
ATOM   358  C CE2 . PHE A 1 47 ? -27.819 17.972  7.052   1.00 48.09  ? 42  PHE A CE2 1 
ATOM   359  C CZ  . PHE A 1 47 ? -26.801 18.917  7.087   1.00 50.46  ? 42  PHE A CZ  1 
ATOM   360  N N   . SER A 1 48 ? -28.867 16.304  11.088  1.00 48.73  ? 43  SER A N   1 
ATOM   361  C CA  . SER A 1 48 ? -30.321 16.471  11.164  1.00 53.56  ? 43  SER A CA  1 
ATOM   362  C C   . SER A 1 48 ? -30.825 17.276  9.970   1.00 55.73  ? 43  SER A C   1 
ATOM   363  O O   . SER A 1 48 ? -30.297 18.346  9.674   1.00 57.28  ? 43  SER A O   1 
ATOM   364  C CB  . SER A 1 48 ? -30.722 17.216  12.443  1.00 53.85  ? 43  SER A CB  1 
ATOM   365  O OG  . SER A 1 48 ? -30.385 16.496  13.614  1.00 56.16  ? 43  SER A OG  1 
ATOM   366  N N   . GLY A 1 49 ? -31.835 16.760  9.276   1.00 59.56  ? 44  GLY A N   1 
ATOM   367  C CA  . GLY A 1 49 ? -32.385 17.493  8.149   1.00 62.70  ? 44  GLY A CA  1 
ATOM   368  C C   . GLY A 1 49 ? -31.905 17.167  6.748   1.00 65.65  ? 44  GLY A C   1 
ATOM   369  O O   . GLY A 1 49 ? -31.368 16.092  6.487   1.00 64.66  ? 44  GLY A O   1 
ATOM   370  N N   . LYS A 1 50 ? -32.109 18.126  5.847   1.00 68.64  ? 45  LYS A N   1 
ATOM   371  C CA  . LYS A 1 50 ? -31.744 17.999  4.436   1.00 70.95  ? 45  LYS A CA  1 
ATOM   372  C C   . LYS A 1 50 ? -30.258 18.101  4.120   1.00 71.66  ? 45  LYS A C   1 
ATOM   373  O O   . LYS A 1 50 ? -29.497 18.773  4.815   1.00 72.56  ? 45  LYS A O   1 
ATOM   374  C CB  . LYS A 1 50 ? -32.473 19.062  3.600   1.00 71.68  ? 45  LYS A CB  1 
ATOM   375  C CG  . LYS A 1 50 ? -33.958 18.827  3.425   1.00 73.63  ? 45  LYS A CG  1 
ATOM   376  C CD  . LYS A 1 50 ? -34.605 19.866  2.508   1.00 75.14  ? 45  LYS A CD  1 
ATOM   377  C CE  . LYS A 1 50 ? -34.158 19.709  1.062   1.00 74.91  ? 45  LYS A CE  1 
ATOM   378  N NZ  . LYS A 1 50 ? -34.872 20.662  0.175   1.00 76.38  ? 45  LYS A NZ  1 
ATOM   379  N N   . MET A 1 51 ? -29.865 17.443  3.035   1.00 72.06  ? 46  MET A N   1 
ATOM   380  C CA  . MET A 1 51 ? -28.484 17.472  2.584   1.00 72.56  ? 46  MET A CA  1 
ATOM   381  C C   . MET A 1 51 ? -28.365 17.864  1.117   1.00 72.98  ? 46  MET A C   1 
ATOM   382  O O   . MET A 1 51 ? -28.655 17.059  0.227   1.00 73.35  ? 46  MET A O   1 
ATOM   383  C CB  . MET A 1 51 ? -27.821 16.110  2.783   1.00 71.83  ? 46  MET A CB  1 
ATOM   384  C CG  . MET A 1 51 ? -27.427 15.802  4.207   1.00 71.54  ? 46  MET A CG  1 
ATOM   385  S SD  . MET A 1 51 ? -26.060 14.639  4.230   1.00 67.18  ? 46  MET A SD  1 
ATOM   386  C CE  . MET A 1 51 ? -24.733 15.748  3.862   1.00 70.35  ? 46  MET A CE  1 
ATOM   387  N N   . ASP A 1 52 ? -27.950 19.101  0.861   1.00 73.73  ? 47  ASP A N   1 
ATOM   388  C CA  . ASP A 1 52 ? -27.768 19.541  -0.517  1.00 74.05  ? 47  ASP A CA  1 
ATOM   389  C C   . ASP A 1 52 ? -26.664 18.653  -1.085  1.00 73.54  ? 47  ASP A C   1 
ATOM   390  O O   . ASP A 1 52 ? -25.740 18.282  -0.361  1.00 73.65  ? 47  ASP A O   1 
ATOM   391  C CB  . ASP A 1 52 ? -27.353 21.019  -0.567  1.00 75.49  ? 47  ASP A CB  1 
ATOM   392  C CG  . ASP A 1 52 ? -26.188 21.339  0.359   1.00 77.73  ? 47  ASP A CG  1 
ATOM   393  O OD1 . ASP A 1 52 ? -26.268 20.986  1.555   1.00 78.12  ? 47  ASP A OD1 1 
ATOM   394  O OD2 . ASP A 1 52 ? -25.202 21.955  -0.105  1.00 78.03  ? 47  ASP A OD2 1 
ATOM   395  N N   . THR A 1 53 ? -26.762 18.298  -2.363  1.00 72.10  ? 48  THR A N   1 
ATOM   396  C CA  . THR A 1 53 ? -25.761 17.434  -2.987  1.00 70.19  ? 48  THR A CA  1 
ATOM   397  C C   . THR A 1 53 ? -24.321 17.767  -2.577  1.00 68.92  ? 48  THR A C   1 
ATOM   398  O O   . THR A 1 53 ? -23.553 16.868  -2.243  1.00 68.70  ? 48  THR A O   1 
ATOM   399  C CB  . THR A 1 53 ? -25.861 17.466  -4.535  1.00 70.08  ? 48  THR A CB  1 
ATOM   400  O OG1 . THR A 1 53 ? -25.750 18.817  -4.994  1.00 71.46  ? 48  THR A OG1 1 
ATOM   401  C CG2 . THR A 1 53 ? -27.186 16.871  -5.005  1.00 70.21  ? 48  THR A CG2 1 
ATOM   402  N N   . ALA A 1 54 ? -23.949 19.045  -2.597  1.00 66.54  ? 49  ALA A N   1 
ATOM   403  C CA  . ALA A 1 54 ? -22.595 19.432  -2.209  1.00 64.23  ? 49  ALA A CA  1 
ATOM   404  C C   . ALA A 1 54 ? -22.246 18.866  -0.827  1.00 63.20  ? 49  ALA A C   1 
ATOM   405  O O   . ALA A 1 54 ? -21.099 18.490  -0.563  1.00 61.70  ? 49  ALA A O   1 
ATOM   406  C CB  . ALA A 1 54 ? -22.470 20.943  -2.200  1.00 65.86  ? 49  ALA A CB  1 
ATOM   407  N N   . ALA A 1 55 ? -23.244 18.807  0.051   1.00 60.58  ? 50  ALA A N   1 
ATOM   408  C CA  . ALA A 1 55 ? -23.060 18.280  1.402   1.00 57.18  ? 50  ALA A CA  1 
ATOM   409  C C   . ALA A 1 55 ? -23.014 16.763  1.364   1.00 54.66  ? 50  ALA A C   1 
ATOM   410  O O   . ALA A 1 55 ? -22.245 16.152  2.094   1.00 53.34  ? 50  ALA A O   1 
ATOM   411  C CB  . ALA A 1 55 ? -24.197 18.735  2.306   1.00 59.20  ? 50  ALA A CB  1 
ATOM   412  N N   . TYR A 1 56 ? -23.846 16.160  0.518   1.00 49.54  ? 51  TYR A N   1 
ATOM   413  C CA  . TYR A 1 56 ? -23.890 14.706  0.384   1.00 48.23  ? 51  TYR A CA  1 
ATOM   414  C C   . TYR A 1 56 ? -22.556 14.179  -0.135  1.00 47.08  ? 51  TYR A C   1 
ATOM   415  O O   . TYR A 1 56 ? -22.114 13.109  0.265   1.00 44.33  ? 51  TYR A O   1 
ATOM   416  C CB  . TYR A 1 56 ? -25.002 14.272  -0.580  1.00 46.20  ? 51  TYR A CB  1 
ATOM   417  C CG  . TYR A 1 56 ? -25.101 12.766  -0.748  1.00 45.23  ? 51  TYR A CG  1 
ATOM   418  C CD1 . TYR A 1 56 ? -25.800 11.989  0.171   1.00 45.10  ? 51  TYR A CD1 1 
ATOM   419  C CD2 . TYR A 1 56 ? -24.444 12.114  -1.788  1.00 43.50  ? 51  TYR A CD2 1 
ATOM   420  C CE1 . TYR A 1 56 ? -25.836 10.600  0.064   1.00 44.97  ? 51  TYR A CE1 1 
ATOM   421  C CE2 . TYR A 1 56 ? -24.472 10.729  -1.904  1.00 42.69  ? 51  TYR A CE2 1 
ATOM   422  C CZ  . TYR A 1 56 ? -25.167 9.976   -0.973  1.00 45.97  ? 51  TYR A CZ  1 
ATOM   423  O OH  . TYR A 1 56 ? -25.170 8.600   -1.060  1.00 47.21  ? 51  TYR A OH  1 
ATOM   424  N N   . ARG A 1 57 ? -21.927 14.925  -1.035  1.00 47.09  ? 52  ARG A N   1 
ATOM   425  C CA  . ARG A 1 57 ? -20.643 14.520  -1.590  1.00 49.48  ? 52  ARG A CA  1 
ATOM   426  C C   . ARG A 1 57 ? -19.611 14.466  -0.494  1.00 47.92  ? 52  ARG A C   1 
ATOM   427  O O   . ARG A 1 57 ? -18.826 13.521  -0.412  1.00 48.15  ? 52  ARG A O   1 
ATOM   428  C CB  . ARG A 1 57 ? -20.172 15.510  -2.643  1.00 50.87  ? 52  ARG A CB  1 
ATOM   429  C CG  . ARG A 1 57 ? -20.899 15.404  -3.954  1.00 57.44  ? 52  ARG A CG  1 
ATOM   430  C CD  . ARG A 1 57 ? -20.470 16.521  -4.857  1.00 62.42  ? 52  ARG A CD  1 
ATOM   431  N NE  . ARG A 1 57 ? -21.090 16.421  -6.171  1.00 68.10  ? 52  ARG A NE  1 
ATOM   432  C CZ  . ARG A 1 57 ? -21.062 17.396  -7.076  1.00 70.20  ? 52  ARG A CZ  1 
ATOM   433  N NH1 . ARG A 1 57 ? -20.443 18.543  -6.798  1.00 71.64  ? 52  ARG A NH1 1 
ATOM   434  N NH2 . ARG A 1 57 ? -21.651 17.228  -8.257  1.00 71.37  ? 52  ARG A NH2 1 
ATOM   435  N N   . GLU A 1 58 ? -19.608 15.493  0.347   1.00 44.68  ? 53  GLU A N   1 
ATOM   436  C CA  . GLU A 1 58 ? -18.658 15.544  1.433   1.00 41.24  ? 53  GLU A CA  1 
ATOM   437  C C   . GLU A 1 58 ? -18.994 14.513  2.500   1.00 39.53  ? 53  GLU A C   1 
ATOM   438  O O   . GLU A 1 58 ? -18.101 13.970  3.144   1.00 40.60  ? 53  GLU A O   1 
ATOM   439  C CB  . GLU A 1 58 ? -18.617 16.936  2.054   1.00 42.45  ? 53  GLU A CB  1 
ATOM   440  C CG  . GLU A 1 58 ? -17.562 17.032  3.132   1.00 44.88  ? 53  GLU A CG  1 
ATOM   441  C CD  . GLU A 1 58 ? -17.242 18.446  3.549   1.00 47.29  ? 53  GLU A CD  1 
ATOM   442  O OE1 . GLU A 1 58 ? -18.129 19.117  4.120   1.00 46.24  ? 53  GLU A OE1 1 
ATOM   443  O OE2 . GLU A 1 58 ? -16.093 18.880  3.310   1.00 49.22  ? 53  GLU A OE2 1 
ATOM   444  N N   . ALA A 1 59 ? -20.282 14.243  2.686   1.00 35.96  ? 54  ALA A N   1 
ATOM   445  C CA  . ALA A 1 59 ? -20.708 13.269  3.682   1.00 32.52  ? 54  ALA A CA  1 
ATOM   446  C C   . ALA A 1 59 ? -20.253 11.871  3.258   1.00 30.90  ? 54  ALA A C   1 
ATOM   447  O O   . ALA A 1 59 ? -19.917 11.032  4.098   1.00 29.30  ? 54  ALA A O   1 
ATOM   448  C CB  . ALA A 1 59 ? -22.216 13.309  3.831   1.00 32.76  ? 54  ALA A CB  1 
ATOM   449  N N   . ALA A 1 60 ? -20.266 11.630  1.951   1.00 25.22  ? 55  ALA A N   1 
ATOM   450  C CA  . ALA A 1 60 ? -19.844 10.359  1.388   1.00 27.75  ? 55  ALA A CA  1 
ATOM   451  C C   . ALA A 1 60 ? -18.342 10.150  1.651   1.00 24.82  ? 55  ALA A C   1 
ATOM   452  O O   . ALA A 1 60 ? -17.912 9.056   2.020   1.00 29.21  ? 55  ALA A O   1 
ATOM   453  C CB  . ALA A 1 60 ? -20.130 10.342  -0.112  1.00 27.82  ? 55  ALA A CB  1 
ATOM   454  N N   . CYS A 1 61 ? -17.550 11.204  1.459   1.00 27.44  ? 56  CYS A N   1 
ATOM   455  C CA  . CYS A 1 61 ? -16.108 11.145  1.686   1.00 28.63  ? 56  CYS A CA  1 
ATOM   456  C C   . CYS A 1 61 ? -15.819 10.805  3.136   1.00 28.40  ? 56  CYS A C   1 
ATOM   457  O O   . CYS A 1 61 ? -14.883 10.064  3.424   1.00 25.86  ? 56  CYS A O   1 
ATOM   458  C CB  . CYS A 1 61 ? -15.445 12.478  1.333   1.00 31.23  ? 56  CYS A CB  1 
ATOM   459  S SG  . CYS A 1 61 ? -15.427 12.871  -0.430  1.00 35.05  ? 56  CYS A SG  1 
ATOM   460  N N   . SER A 1 62 ? -16.614 11.358  4.048   1.00 25.49  ? 57  SER A N   1 
ATOM   461  C CA  . SER A 1 62 ? -16.456 11.087  5.476   1.00 25.98  ? 57  SER A CA  1 
ATOM   462  C C   . SER A 1 62 ? -16.737 9.632   5.756   1.00 24.51  ? 57  SER A C   1 
ATOM   463  O O   . SER A 1 62 ? -16.000 8.980   6.493   1.00 22.85  ? 57  SER A O   1 
ATOM   464  C CB  . SER A 1 62 ? -17.425 11.934  6.293   1.00 27.49  ? 57  SER A CB  1 
ATOM   465  O OG  . SER A 1 62 ? -16.918 13.246  6.423   1.00 38.14  ? 57  SER A OG  1 
ATOM   466  N N   . GLN A 1 63 ? -17.830 9.148   5.179   1.00 23.44  ? 58  GLN A N   1 
ATOM   467  C CA  . GLN A 1 63 ? -18.269 7.768   5.324   1.00 23.28  ? 58  GLN A CA  1 
ATOM   468  C C   . GLN A 1 63 ? -17.172 6.829   4.863   1.00 24.49  ? 58  GLN A C   1 
ATOM   469  O O   . GLN A 1 63 ? -16.867 5.833   5.518   1.00 23.36  ? 58  GLN A O   1 
ATOM   470  C CB  . GLN A 1 63 ? -19.502 7.529   4.453   1.00 33.39  ? 58  GLN A CB  1 
ATOM   471  C CG  . GLN A 1 63 ? -20.819 7.726   5.148   1.00 41.08  ? 58  GLN A CG  1 
ATOM   472  C CD  . GLN A 1 63 ? -21.432 6.406   5.536   1.00 45.74  ? 58  GLN A CD  1 
ATOM   473  O OE1 . GLN A 1 63 ? -21.742 5.577   4.674   1.00 47.69  ? 58  GLN A OE1 1 
ATOM   474  N NE2 . GLN A 1 63 ? -21.602 6.189   6.840   1.00 46.75  ? 58  GLN A NE2 1 
ATOM   475  N N   . LEU A 1 64 ? -16.592 7.149   3.711   1.00 21.03  ? 59  LEU A N   1 
ATOM   476  C CA  . LEU A 1 64 ? -15.542 6.319   3.152   1.00 22.78  ? 59  LEU A CA  1 
ATOM   477  C C   . LEU A 1 64 ? -14.283 6.368   4.012   1.00 17.09  ? 59  LEU A C   1 
ATOM   478  O O   . LEU A 1 64 ? -13.695 5.327   4.307   1.00 18.18  ? 59  LEU A O   1 
ATOM   479  C CB  . LEU A 1 64 ? -15.224 6.744   1.714   1.00 25.73  ? 59  LEU A CB  1 
ATOM   480  C CG  . LEU A 1 64 ? -14.130 5.898   1.036   1.00 25.20  ? 59  LEU A CG  1 
ATOM   481  C CD1 . LEU A 1 64 ? -14.451 4.410   1.178   1.00 26.94  ? 59  LEU A CD1 1 
ATOM   482  C CD2 . LEU A 1 64 ? -13.993 6.297   -0.435  1.00 28.54  ? 59  LEU A CD2 1 
ATOM   483  N N   . ALA A 1 65 ? -13.875 7.566   4.426   1.00 20.32  ? 60  ALA A N   1 
ATOM   484  C CA  . ALA A 1 65 ? -12.683 7.689   5.257   1.00 22.24  ? 60  ALA A CA  1 
ATOM   485  C C   . ALA A 1 65 ? -12.857 6.875   6.548   1.00 23.76  ? 60  ALA A C   1 
ATOM   486  O O   . ALA A 1 65 ? -11.928 6.222   7.023   1.00 23.72  ? 60  ALA A O   1 
ATOM   487  C CB  . ALA A 1 65 ? -12.419 9.155   5.573   1.00 21.24  ? 60  ALA A CB  1 
ATOM   488  N N   . LYS A 1 66 ? -14.063 6.902   7.101   1.00 24.05  ? 61  LYS A N   1 
ATOM   489  C CA  . LYS A 1 66 ? -14.355 6.170   8.325   1.00 22.56  ? 61  LYS A CA  1 
ATOM   490  C C   . LYS A 1 66 ? -14.279 4.665   8.084   1.00 23.21  ? 61  LYS A C   1 
ATOM   491  O O   . LYS A 1 66 ? -13.730 3.925   8.900   1.00 24.42  ? 61  LYS A O   1 
ATOM   492  C CB  . LYS A 1 66 ? -15.749 6.541   8.856   1.00 25.00  ? 61  LYS A CB  1 
ATOM   493  C CG  . LYS A 1 66 ? -16.100 5.871   10.172  1.00 30.53  ? 61  LYS A CG  1 
ATOM   494  C CD  . LYS A 1 66 ? -15.031 6.174   11.213  1.00 34.97  ? 61  LYS A CD  1 
ATOM   495  C CE  . LYS A 1 66 ? -15.284 5.433   12.513  1.00 43.12  ? 61  LYS A CE  1 
ATOM   496  N NZ  . LYS A 1 66 ? -14.164 5.604   13.486  1.00 41.08  ? 61  LYS A NZ  1 
ATOM   497  N N   . ALA A 1 67 ? -14.849 4.217   6.969   1.00 19.58  ? 62  ALA A N   1 
ATOM   498  C CA  . ALA A 1 67 ? -14.836 2.805   6.621   1.00 21.79  ? 62  ALA A CA  1 
ATOM   499  C C   . ALA A 1 67 ? -13.392 2.338   6.423   1.00 20.09  ? 62  ALA A C   1 
ATOM   500  O O   . ALA A 1 67 ? -13.034 1.221   6.773   1.00 22.66  ? 62  ALA A O   1 
ATOM   501  C CB  . ALA A 1 67 ? -15.639 2.580   5.354   1.00 22.82  ? 62  ALA A CB  1 
ATOM   502  N N   . MET A 1 68 ? -12.568 3.197   5.840   1.00 20.60  ? 63  MET A N   1 
ATOM   503  C CA  . MET A 1 68 ? -11.166 2.871   5.617   1.00 24.79  ? 63  MET A CA  1 
ATOM   504  C C   . MET A 1 68 ? -10.413 2.784   6.946   1.00 25.68  ? 63  MET A C   1 
ATOM   505  O O   . MET A 1 68 ? -9.597  1.882   7.131   1.00 26.69  ? 63  MET A O   1 
ATOM   506  C CB  . MET A 1 68 ? -10.517 3.924   4.709   1.00 23.16  ? 63  MET A CB  1 
ATOM   507  C CG  . MET A 1 68 ? -10.804 3.732   3.233   1.00 27.85  ? 63  MET A CG  1 
ATOM   508  S SD  . MET A 1 68 ? -10.204 5.132   2.299   1.00 32.74  ? 63  MET A SD  1 
ATOM   509  C CE  . MET A 1 68 ? -8.422  4.962   2.497   1.00 33.83  ? 63  MET A CE  1 
ATOM   510  N N   . GLU A 1 69 ? -10.695 3.718   7.860   1.00 26.93  ? 64  GLU A N   1 
ATOM   511  C CA  . GLU A 1 69 ? -10.055 3.760   9.176   1.00 30.89  ? 64  GLU A CA  1 
ATOM   512  C C   . GLU A 1 69 ? -10.299 2.458   9.908   1.00 33.16  ? 64  GLU A C   1 
ATOM   513  O O   . GLU A 1 69 ? -9.385  1.878   10.483  1.00 32.85  ? 64  GLU A O   1 
ATOM   514  C CB  . GLU A 1 69 ? -10.611 4.934   10.009  1.00 31.44  ? 64  GLU A CB  1 
ATOM   515  C CG  . GLU A 1 69 ? -10.190 4.975   11.505  1.00 34.15  ? 64  GLU A CG  1 
ATOM   516  C CD  . GLU A 1 69 ? -8.703  5.232   11.678  1.00 41.40  ? 64  GLU A CD  1 
ATOM   517  O OE1 . GLU A 1 69 ? -8.044  5.386   10.626  1.00 39.43  ? 64  GLU A OE1 1 
ATOM   518  O OE2 . GLU A 1 69 ? -8.191  5.285   12.836  1.00 45.03  ? 64  GLU A OE2 1 
ATOM   519  N N   . THR A 1 70 ? -11.546 2.008   9.878   1.00 32.19  ? 65  THR A N   1 
ATOM   520  C CA  . THR A 1 70 ? -11.951 0.774   10.551  1.00 31.84  ? 65  THR A CA  1 
ATOM   521  C C   . THR A 1 70 ? -11.258 -0.444  9.965   1.00 32.32  ? 65  THR A C   1 
ATOM   522  O O   . THR A 1 70 ? -10.701 -1.269  10.682  1.00 32.88  ? 65  THR A O   1 
ATOM   523  C CB  . THR A 1 70 ? -13.470 0.577   10.446  1.00 31.74  ? 65  THR A CB  1 
ATOM   524  O OG1 . THR A 1 70 ? -14.128 1.766   10.892  1.00 34.16  ? 65  THR A OG1 1 
ATOM   525  C CG2 . THR A 1 70 ? -13.916 -0.581  11.308  1.00 33.01  ? 65  THR A CG2 1 
ATOM   526  N N   . PHE A 1 71 ? -11.303 -0.554  8.646   1.00 30.40  ? 66  PHE A N   1 
ATOM   527  C CA  . PHE A 1 71 ? -10.676 -1.666  7.953   1.00 32.91  ? 66  PHE A CA  1 
ATOM   528  C C   . PHE A 1 71 ? -9.228  -1.772  8.419   1.00 37.47  ? 66  PHE A C   1 
ATOM   529  O O   . PHE A 1 71 ? -8.774  -2.829  8.859   1.00 36.19  ? 66  PHE A O   1 
ATOM   530  C CB  . PHE A 1 71 ? -10.710 -1.425  6.439   1.00 32.14  ? 66  PHE A CB  1 
ATOM   531  C CG  . PHE A 1 71 ? -10.058 -2.509  5.648   1.00 32.99  ? 66  PHE A CG  1 
ATOM   532  C CD1 . PHE A 1 71 ? -10.692 -3.733  5.472   1.00 34.91  ? 66  PHE A CD1 1 
ATOM   533  C CD2 . PHE A 1 71 ? -8.794  -2.326  5.111   1.00 33.70  ? 66  PHE A CD2 1 
ATOM   534  C CE1 . PHE A 1 71 ? -10.073 -4.767  4.777   1.00 32.84  ? 66  PHE A CE1 1 
ATOM   535  C CE2 . PHE A 1 71 ? -8.167  -3.349  4.417   1.00 35.85  ? 66  PHE A CE2 1 
ATOM   536  C CZ  . PHE A 1 71 ? -8.812  -4.578  4.248   1.00 33.54  ? 66  PHE A CZ  1 
ATOM   537  N N   . ASN A 1 72 ? -8.526  -0.648  8.338   1.00 36.28  ? 67  ASN A N   1 
ATOM   538  C CA  . ASN A 1 72 ? -7.130  -0.560  8.712   1.00 40.60  ? 67  ASN A CA  1 
ATOM   539  C C   . ASN A 1 72 ? -6.844  -0.704  10.211  1.00 45.01  ? 67  ASN A C   1 
ATOM   540  O O   . ASN A 1 72 ? -6.214  -1.670  10.639  1.00 46.71  ? 67  ASN A O   1 
ATOM   541  C CB  . ASN A 1 72 ? -6.570  0.769   8.207   1.00 34.17  ? 67  ASN A CB  1 
ATOM   542  C CG  . ASN A 1 72 ? -5.063  0.861   8.349   1.00 28.52  ? 67  ASN A CG  1 
ATOM   543  O OD1 . ASN A 1 72 ? -4.338  -0.026  7.889   1.00 35.71  ? 67  ASN A OD1 1 
ATOM   544  N ND2 . ASN A 1 72 ? -4.582  1.932   8.975   1.00 31.37  ? 67  ASN A ND2 1 
ATOM   545  N N   . HIS A 1 73 ? -7.305  0.263   11.001  1.00 50.16  ? 68  HIS A N   1 
ATOM   546  C CA  . HIS A 1 73 ? -7.062  0.281   12.445  1.00 51.89  ? 68  HIS A CA  1 
ATOM   547  C C   . HIS A 1 73 ? -7.936  -0.584  13.328  1.00 57.97  ? 68  HIS A C   1 
ATOM   548  O O   . HIS A 1 73 ? -7.837  -0.479  14.552  1.00 58.39  ? 68  HIS A O   1 
ATOM   549  C CB  . HIS A 1 73 ? -7.154  1.711   12.976  1.00 47.19  ? 68  HIS A CB  1 
ATOM   550  C CG  . HIS A 1 73 ? -6.000  2.570   12.588  1.00 46.28  ? 68  HIS A CG  1 
ATOM   551  N ND1 . HIS A 1 73 ? -6.054  3.946   12.606  1.00 46.42  ? 68  HIS A ND1 1 
ATOM   552  C CD2 . HIS A 1 73 ? -4.762  2.245   12.146  1.00 48.67  ? 68  HIS A CD2 1 
ATOM   553  C CE1 . HIS A 1 73 ? -4.901  4.432   12.184  1.00 48.33  ? 68  HIS A CE1 1 
ATOM   554  N NE2 . HIS A 1 73 ? -4.098  3.423   11.899  1.00 50.44  ? 68  HIS A NE2 1 
ATOM   555  N N   . ASN A 1 74 ? -8.779  -1.437  12.751  1.00 64.84  ? 69  ASN A N   1 
ATOM   556  C CA  . ASN A 1 74 ? -9.653  -2.259  13.588  1.00 70.56  ? 69  ASN A CA  1 
ATOM   557  C C   . ASN A 1 74 ? -9.754  -3.739  13.243  1.00 74.23  ? 69  ASN A C   1 
ATOM   558  O O   . ASN A 1 74 ? -10.487 -4.468  13.908  1.00 75.59  ? 69  ASN A O   1 
ATOM   559  C CB  . ASN A 1 74 ? -11.068 -1.658  13.621  1.00 71.76  ? 69  ASN A CB  1 
ATOM   560  C CG  . ASN A 1 74 ? -11.127 -0.334  14.378  1.00 73.71  ? 69  ASN A CG  1 
ATOM   561  O OD1 . ASN A 1 74 ? -10.759 -0.263  15.552  1.00 74.62  ? 69  ASN A OD1 1 
ATOM   562  N ND2 . ASN A 1 74 ? -11.593 0.722   13.708  1.00 76.18  ? 69  ASN A ND2 1 
ATOM   563  N N   . ASN A 1 75 ? -9.026  -4.195  12.227  1.00 78.42  ? 70  ASN A N   1 
ATOM   564  C CA  . ASN A 1 75 ? -9.102  -5.602  11.859  1.00 81.85  ? 70  ASN A CA  1 
ATOM   565  C C   . ASN A 1 75 ? -8.243  -5.939  10.644  1.00 83.12  ? 70  ASN A C   1 
ATOM   566  O O   . ASN A 1 75 ? -7.620  -5.060  10.053  1.00 83.99  ? 70  ASN A O   1 
ATOM   567  C CB  . ASN A 1 75 ? -10.561 -5.970  11.571  1.00 82.99  ? 70  ASN A CB  1 
ATOM   568  C CG  . ASN A 1 75 ? -10.910 -7.379  12.025  1.00 85.62  ? 70  ASN A CG  1 
ATOM   569  O OD1 . ASN A 1 75 ? -10.887 -7.679  13.222  1.00 85.88  ? 70  ASN A OD1 1 
ATOM   570  N ND2 . ASN A 1 75 ? -11.234 -8.251  11.071  1.00 86.28  ? 70  ASN A ND2 1 
ATOM   571  N N   . GLY A 1 76 ? -8.363  -7.200  10.221  1.00 84.60  ? 71  GLY A N   1 
ATOM   572  C CA  . GLY A 1 76 ? -7.775  -7.731  9.004   1.00 85.29  ? 71  GLY A CA  1 
ATOM   573  C C   . GLY A 1 76 ? -8.759  -8.250  7.949   1.00 86.02  ? 71  GLY A C   1 
ATOM   574  O O   . GLY A 1 76 ? -8.366  -9.064  7.114   1.00 86.38  ? 71  GLY A O   1 
ATOM   575  N N   . ASN A 1 77 ? -10.027 -7.827  7.976   1.00 86.65  ? 72  ASN A N   1 
ATOM   576  C CA  . ASN A 1 77 ? -11.035 -8.371  7.038   1.00 87.25  ? 72  ASN A CA  1 
ATOM   577  C C   . ASN A 1 77 ? -11.811 -7.388  6.127   1.00 87.74  ? 72  ASN A C   1 
ATOM   578  O O   . ASN A 1 77 ? -12.059 -6.242  6.495   1.00 88.75  ? 72  ASN A O   1 
ATOM   579  C CB  . ASN A 1 77 ? -12.015 -9.270  7.791   1.00 20.00  ? 72  ASN A CB  1 
ATOM   580  N N   . ASP A 1 78 ? -12.199 -7.877  4.946   1.00 45.74  ? 73  ASP A N   1 
ATOM   581  C CA  . ASP A 1 78 ? -12.907 -7.104  3.909   1.00 46.34  ? 73  ASP A CA  1 
ATOM   582  C C   . ASP A 1 78 ? -14.332 -6.673  4.269   1.00 42.95  ? 73  ASP A C   1 
ATOM   583  O O   . ASP A 1 78 ? -15.007 -7.345  5.045   1.00 42.85  ? 73  ASP A O   1 
ATOM   584  C CB  . ASP A 1 78 ? -12.952 -7.901  2.602   1.00 48.06  ? 73  ASP A CB  1 
ATOM   585  C CG  . ASP A 1 78 ? -11.579 -8.342  2.138   1.00 52.19  ? 73  ASP A CG  1 
ATOM   586  O OD1 . ASP A 1 78 ? -10.583 -8.035  2.825   1.00 53.97  ? 73  ASP A OD1 1 
ATOM   587  O OD2 . ASP A 1 78 ? -11.499 -9.002  1.081   1.00 53.30  ? 73  ASP A OD2 1 
ATOM   588  N N   . VAL A 1 79 ? -14.792 -5.554  3.703   1.00 40.66  ? 74  VAL A N   1 
ATOM   589  C CA  . VAL A 1 79 ? -16.115 -5.058  4.033   1.00 38.03  ? 74  VAL A CA  1 
ATOM   590  C C   . VAL A 1 79 ? -16.703 -4.259  2.886   1.00 36.75  ? 74  VAL A C   1 
ATOM   591  O O   . VAL A 1 79 ? -16.007 -3.486  2.240   1.00 32.81  ? 74  VAL A O   1 
ATOM   592  C CB  . VAL A 1 79 ? -16.069 -4.152  5.271   1.00 41.84  ? 74  VAL A CB  1 
ATOM   593  C CG1 . VAL A 1 79 ? -15.130 -2.972  5.021   1.00 41.63  ? 74  VAL A CG1 1 
ATOM   594  C CG2 . VAL A 1 79 ? -17.465 -3.652  5.590   1.00 44.31  ? 74  VAL A CG2 1 
ATOM   595  N N   . LEU A 1 80 ? -17.994 -4.440  2.640   1.00 32.05  ? 75  LEU A N   1 
ATOM   596  C CA  . LEU A 1 80 ? -18.654 -3.714  1.565   1.00 35.27  ? 75  LEU A CA  1 
ATOM   597  C C   . LEU A 1 80 ? -18.851 -2.267  1.969   1.00 32.40  ? 75  LEU A C   1 
ATOM   598  O O   . LEU A 1 80 ? -19.254 -1.983  3.092   1.00 35.70  ? 75  LEU A O   1 
ATOM   599  C CB  . LEU A 1 80 ? -20.026 -4.330  1.247   1.00 34.87  ? 75  LEU A CB  1 
ATOM   600  C CG  . LEU A 1 80 ? -20.864 -3.636  0.171   1.00 32.68  ? 75  LEU A CG  1 
ATOM   601  C CD1 . LEU A 1 80 ? -20.185 -3.786  -1.172  1.00 34.46  ? 75  LEU A CD1 1 
ATOM   602  C CD2 . LEU A 1 80 ? -22.249 -4.240  0.124   1.00 38.20  ? 75  LEU A CD2 1 
ATOM   603  N N   . TYR A 1 81 ? -18.548 -1.352  1.053   1.00 31.99  ? 76  TYR A N   1 
ATOM   604  C CA  . TYR A 1 81 ? -18.760 0.064   1.321   1.00 31.74  ? 76  TYR A CA  1 
ATOM   605  C C   . TYR A 1 81 ? -19.937 0.551   0.492   1.00 33.32  ? 76  TYR A C   1 
ATOM   606  O O   . TYR A 1 81 ? -20.015 0.265   -0.702  1.00 32.45  ? 76  TYR A O   1 
ATOM   607  C CB  . TYR A 1 81 ? -17.550 0.916   0.938   1.00 28.43  ? 76  TYR A CB  1 
ATOM   608  C CG  . TYR A 1 81 ? -17.894 2.391   0.904   1.00 27.89  ? 76  TYR A CG  1 
ATOM   609  C CD1 . TYR A 1 81 ? -18.040 3.123   2.084   1.00 25.84  ? 76  TYR A CD1 1 
ATOM   610  C CD2 . TYR A 1 81 ? -18.146 3.038   -0.306  1.00 25.21  ? 76  TYR A CD2 1 
ATOM   611  C CE1 . TYR A 1 81 ? -18.437 4.466   2.058   1.00 27.74  ? 76  TYR A CE1 1 
ATOM   612  C CE2 . TYR A 1 81 ? -18.543 4.379   -0.344  1.00 26.99  ? 76  TYR A CE2 1 
ATOM   613  C CZ  . TYR A 1 81 ? -18.689 5.084   0.839   1.00 29.92  ? 76  TYR A CZ  1 
ATOM   614  O OH  . TYR A 1 81 ? -19.104 6.399   0.806   1.00 32.66  ? 76  TYR A OH  1 
ATOM   615  N N   . GLN A 1 82 ? -20.844 1.286   1.130   1.00 37.94  ? 77  GLN A N   1 
ATOM   616  C CA  . GLN A 1 82 ? -22.003 1.856   0.448   1.00 40.66  ? 77  GLN A CA  1 
ATOM   617  C C   . GLN A 1 82 ? -22.108 3.329   0.843   1.00 41.09  ? 77  GLN A C   1 
ATOM   618  O O   . GLN A 1 82 ? -21.996 3.670   2.034   1.00 39.04  ? 77  GLN A O   1 
ATOM   619  C CB  . GLN A 1 82 ? -23.296 1.163   0.868   1.00 42.27  ? 77  GLN A CB  1 
ATOM   620  C CG  . GLN A 1 82 ? -23.250 -0.341  0.928   1.00 43.77  ? 77  GLN A CG  1 
ATOM   621  C CD  . GLN A 1 82 ? -24.643 -0.926  1.068   1.00 48.17  ? 77  GLN A CD  1 
ATOM   622  O OE1 . GLN A 1 82 ? -24.832 -1.978  1.685   1.00 49.84  ? 77  GLN A OE1 1 
ATOM   623  N NE2 . GLN A 1 82 ? -25.629 -0.245  0.486   1.00 49.09  ? 77  GLN A NE2 1 
ATOM   624  N N   . PRO A 1 83 ? -22.326 4.223   -0.142  1.00 42.00  ? 78  PRO A N   1 
ATOM   625  C CA  . PRO A 1 83 ? -22.441 5.652   0.156   1.00 43.29  ? 78  PRO A CA  1 
ATOM   626  C C   . PRO A 1 83 ? -23.585 5.949   1.136   1.00 46.45  ? 78  PRO A C   1 
ATOM   627  O O   . PRO A 1 83 ? -24.563 5.205   1.202   1.00 45.28  ? 78  PRO A O   1 
ATOM   628  C CB  . PRO A 1 83 ? -22.639 6.280   -1.227  1.00 43.27  ? 78  PRO A CB  1 
ATOM   629  C CG  . PRO A 1 83 ? -23.276 5.195   -2.005  1.00 45.76  ? 78  PRO A CG  1 
ATOM   630  C CD  . PRO A 1 83 ? -22.500 3.980   -1.581  1.00 44.84  ? 78  PRO A CD  1 
ATOM   631  N N   . PRO A 1 84 ? -23.468 7.039   1.917   1.00 46.88  ? 79  PRO A N   1 
ATOM   632  C CA  . PRO A 1 84 ? -24.518 7.379   2.876   1.00 50.68  ? 79  PRO A CA  1 
ATOM   633  C C   . PRO A 1 84 ? -25.902 7.398   2.235   1.00 55.18  ? 79  PRO A C   1 
ATOM   634  O O   . PRO A 1 84 ? -26.030 7.503   1.015   1.00 56.38  ? 79  PRO A O   1 
ATOM   635  C CB  . PRO A 1 84 ? -24.079 8.748   3.391   1.00 49.03  ? 79  PRO A CB  1 
ATOM   636  C CG  . PRO A 1 84 ? -23.339 9.326   2.229   1.00 47.61  ? 79  PRO A CG  1 
ATOM   637  C CD  . PRO A 1 84 ? -22.515 8.153   1.777   1.00 46.48  ? 79  PRO A CD  1 
ATOM   638  N N   . THR A 1 85 ? -26.926 7.291   3.076   1.00 60.39  ? 80  THR A N   1 
ATOM   639  C CA  . THR A 1 85 ? -28.331 7.275   2.660   1.00 66.48  ? 80  THR A CA  1 
ATOM   640  C C   . THR A 1 85 ? -28.633 7.963   1.328   1.00 68.89  ? 80  THR A C   1 
ATOM   641  O O   . THR A 1 85 ? -28.966 9.151   1.297   1.00 69.66  ? 80  THR A O   1 
ATOM   642  C CB  . THR A 1 85 ? -29.235 7.929   3.736   1.00 67.57  ? 80  THR A CB  1 
ATOM   643  O OG1 . THR A 1 85 ? -28.909 7.406   5.032   1.00 67.98  ? 80  THR A OG1 1 
ATOM   644  C CG2 . THR A 1 85 ? -30.705 7.640   3.435   1.00 68.29  ? 80  THR A CG2 1 
ATOM   645  N N   . ALA A 1 86 ? -28.530 7.207   0.235   1.00 71.25  ? 81  ALA A N   1 
ATOM   646  C CA  . ALA A 1 86 ? -28.794 7.730   -1.108  1.00 72.66  ? 81  ALA A CA  1 
ATOM   647  C C   . ALA A 1 86 ? -30.262 8.139   -1.275  1.00 73.47  ? 81  ALA A C   1 
ATOM   648  O O   . ALA A 1 86 ? -31.027 7.349   -1.872  1.00 74.27  ? 81  ALA A O   1 
ATOM   649  C CB  . ALA A 1 86 ? -28.410 6.682   -2.164  1.00 73.00  ? 81  ALA A CB  1 
ATOM   650  N N   . THR B 1 6  ? 7.309   -12.681 5.567   1.00 41.93  ? 1   THR B N   1 
ATOM   651  C CA  . THR B 1 6  ? 7.975   -11.377 5.838   1.00 38.26  ? 1   THR B CA  1 
ATOM   652  C C   . THR B 1 6  ? 8.600   -10.809 4.576   1.00 36.09  ? 1   THR B C   1 
ATOM   653  O O   . THR B 1 6  ? 8.694   -11.490 3.554   1.00 34.37  ? 1   THR B O   1 
ATOM   654  C CB  . THR B 1 6  ? 9.115   -11.518 6.867   1.00 41.21  ? 1   THR B CB  1 
ATOM   655  O OG1 . THR B 1 6  ? 10.195  -12.268 6.288   1.00 38.28  ? 1   THR B OG1 1 
ATOM   656  C CG2 . THR B 1 6  ? 8.622   -12.220 8.117   1.00 41.53  ? 1   THR B CG2 1 
ATOM   657  N N   . PHE B 1 7  ? 9.036   -9.554  4.662   1.00 32.81  ? 2   PHE B N   1 
ATOM   658  C CA  . PHE B 1 7  ? 9.677   -8.881  3.543   1.00 31.41  ? 2   PHE B CA  1 
ATOM   659  C C   . PHE B 1 7  ? 10.928  -9.671  3.157   1.00 31.22  ? 2   PHE B C   1 
ATOM   660  O O   . PHE B 1 7  ? 11.189  -9.925  1.976   1.00 29.05  ? 2   PHE B O   1 
ATOM   661  C CB  . PHE B 1 7  ? 10.071  -7.456  3.947   1.00 27.42  ? 2   PHE B CB  1 
ATOM   662  C CG  . PHE B 1 7  ? 10.676  -6.652  2.827   1.00 26.32  ? 2   PHE B CG  1 
ATOM   663  C CD1 . PHE B 1 7  ? 9.873   -5.922  1.965   1.00 26.68  ? 2   PHE B CD1 1 
ATOM   664  C CD2 . PHE B 1 7  ? 12.049  -6.643  2.623   1.00 29.28  ? 2   PHE B CD2 1 
ATOM   665  C CE1 . PHE B 1 7  ? 10.433  -5.197  0.912   1.00 24.97  ? 2   PHE B CE1 1 
ATOM   666  C CE2 . PHE B 1 7  ? 12.614  -5.931  1.584   1.00 30.30  ? 2   PHE B CE2 1 
ATOM   667  C CZ  . PHE B 1 7  ? 11.812  -5.206  0.726   1.00 27.46  ? 2   PHE B CZ  1 
ATOM   668  N N   . GLU B 1 8  ? 11.705  -10.058 4.160   1.00 34.20  ? 3   GLU B N   1 
ATOM   669  C CA  . GLU B 1 8  ? 12.925  -10.813 3.913   1.00 34.43  ? 3   GLU B CA  1 
ATOM   670  C C   . GLU B 1 8  ? 12.606  -12.110 3.181   1.00 35.17  ? 3   GLU B C   1 
ATOM   671  O O   . GLU B 1 8  ? 13.296  -12.484 2.240   1.00 32.33  ? 3   GLU B O   1 
ATOM   672  C CB  . GLU B 1 8  ? 13.629  -11.122 5.232   1.00 37.58  ? 3   GLU B CB  1 
ATOM   673  C CG  . GLU B 1 8  ? 14.139  -9.904  5.983   1.00 37.45  ? 3   GLU B CG  1 
ATOM   674  C CD  . GLU B 1 8  ? 13.021  -8.984  6.451   1.00 41.60  ? 3   GLU B CD  1 
ATOM   675  O OE1 . GLU B 1 8  ? 11.934  -9.499  6.805   1.00 39.16  ? 3   GLU B OE1 1 
ATOM   676  O OE2 . GLU B 1 8  ? 13.238  -7.746  6.484   1.00 37.09  ? 3   GLU B OE2 1 
ATOM   677  N N   . GLU B 1 9  ? 11.549  -12.787 3.616   1.00 37.05  ? 4   GLU B N   1 
ATOM   678  C CA  . GLU B 1 9  ? 11.130  -14.039 3.006   1.00 40.22  ? 4   GLU B CA  1 
ATOM   679  C C   . GLU B 1 9  ? 10.679  -13.857 1.553   1.00 37.47  ? 4   GLU B C   1 
ATOM   680  O O   . GLU B 1 9  ? 11.077  -14.625 0.672   1.00 37.45  ? 4   GLU B O   1 
ATOM   681  C CB  . GLU B 1 9  ? 10.002  -14.666 3.833   1.00 45.30  ? 4   GLU B CB  1 
ATOM   682  C CG  . GLU B 1 9  ? 10.440  -15.214 5.192   1.00 51.94  ? 4   GLU B CG  1 
ATOM   683  C CD  . GLU B 1 9  ? 9.293   -15.859 5.973   1.00 56.24  ? 4   GLU B CD  1 
ATOM   684  O OE1 . GLU B 1 9  ? 8.500   -16.610 5.362   1.00 58.49  ? 4   GLU B OE1 1 
ATOM   685  O OE2 . GLU B 1 9  ? 9.192   -15.627 7.200   1.00 55.74  ? 4   GLU B OE2 1 
ATOM   686  N N   . MET B 1 10 ? 9.853   -12.842 1.307   1.00 36.63  ? 5   MET B N   1 
ATOM   687  C CA  . MET B 1 10 ? 9.356   -12.560 -0.038  1.00 31.14  ? 5   MET B CA  1 
ATOM   688  C C   . MET B 1 10 ? 10.463  -12.245 -1.038  1.00 30.19  ? 5   MET B C   1 
ATOM   689  O O   . MET B 1 10 ? 10.341  -12.554 -2.226  1.00 30.25  ? 5   MET B O   1 
ATOM   690  C CB  . MET B 1 10 ? 8.363   -11.394 -0.005  1.00 36.18  ? 5   MET B CB  1 
ATOM   691  C CG  . MET B 1 10 ? 6.971   -11.767 0.478   1.00 43.10  ? 5   MET B CG  1 
ATOM   692  S SD  . MET B 1 10 ? 6.110   -12.853 -0.676  1.00 49.78  ? 5   MET B SD  1 
ATOM   693  C CE  . MET B 1 10 ? 6.407   -14.446 0.084   1.00 49.59  ? 5   MET B CE  1 
ATOM   694  N N   . ALA B 1 11 ? 11.536  -11.617 -0.558  1.00 29.64  ? 6   ALA B N   1 
ATOM   695  C CA  . ALA B 1 11 ? 12.675  -11.252 -1.406  1.00 25.97  ? 6   ALA B CA  1 
ATOM   696  C C   . ALA B 1 11 ? 13.370  -12.512 -1.947  1.00 26.50  ? 6   ALA B C   1 
ATOM   697  O O   . ALA B 1 11 ? 14.154  -12.452 -2.893  1.00 26.44  ? 6   ALA B O   1 
ATOM   698  C CB  . ALA B 1 11 ? 13.666  -10.392 -0.599  1.00 23.30  ? 6   ALA B CB  1 
ATOM   699  N N   . LEU B 1 12 ? 13.052  -13.652 -1.341  1.00 31.88  ? 7   LEU B N   1 
ATOM   700  C CA  . LEU B 1 12 ? 13.623  -14.936 -1.728  1.00 35.74  ? 7   LEU B CA  1 
ATOM   701  C C   . LEU B 1 12 ? 12.653  -15.791 -2.554  1.00 40.74  ? 7   LEU B C   1 
ATOM   702  O O   . LEU B 1 12 ? 12.856  -16.996 -2.715  1.00 44.12  ? 7   LEU B O   1 
ATOM   703  C CB  . LEU B 1 12 ? 14.066  -15.695 -0.471  1.00 33.52  ? 7   LEU B CB  1 
ATOM   704  C CG  . LEU B 1 12 ? 15.177  -15.008 0.334   1.00 35.06  ? 7   LEU B CG  1 
ATOM   705  C CD1 . LEU B 1 12 ? 15.455  -15.769 1.605   1.00 34.19  ? 7   LEU B CD1 1 
ATOM   706  C CD2 . LEU B 1 12 ? 16.439  -14.920 -0.509  1.00 34.39  ? 7   LEU B CD2 1 
ATOM   707  N N   . THR B 1 13 ? 11.606  -15.163 -3.086  1.00 41.41  ? 8   THR B N   1 
ATOM   708  C CA  . THR B 1 13 ? 10.617  -15.862 -3.904  1.00 41.73  ? 8   THR B CA  1 
ATOM   709  C C   . THR B 1 13 ? 10.370  -15.116 -5.217  1.00 42.91  ? 8   THR B C   1 
ATOM   710  O O   . THR B 1 13 ? 10.745  -13.957 -5.352  1.00 43.24  ? 8   THR B O   1 
ATOM   711  C CB  . THR B 1 13 ? 9.274   -15.977 -3.167  1.00 42.38  ? 8   THR B CB  1 
ATOM   712  O OG1 . THR B 1 13 ? 8.545   -14.756 -3.314  1.00 42.09  ? 8   THR B OG1 1 
ATOM   713  C CG2 . THR B 1 13 ? 9.503   -16.227 -1.681  1.00 45.13  ? 8   THR B CG2 1 
ATOM   714  N N   . THR B 1 14 ? 9.756   -15.793 -6.188  1.00 42.28  ? 9   THR B N   1 
ATOM   715  C CA  . THR B 1 14 ? 9.424   -15.191 -7.485  1.00 42.97  ? 9   THR B CA  1 
ATOM   716  C C   . THR B 1 14 ? 7.917   -14.918 -7.466  1.00 42.01  ? 9   THR B C   1 
ATOM   717  O O   . THR B 1 14 ? 7.123   -15.806 -7.143  1.00 44.18  ? 9   THR B O   1 
ATOM   718  C CB  . THR B 1 14 ? 9.751   -16.133 -8.673  1.00 44.99  ? 9   THR B CB  1 
ATOM   719  O OG1 . THR B 1 14 ? 11.159  -16.373 -8.721  1.00 48.32  ? 9   THR B OG1 1 
ATOM   720  C CG2 . THR B 1 14 ? 9.335   -15.507 -9.992  1.00 45.04  ? 9   THR B CG2 1 
ATOM   721  N N   . PHE B 1 15 ? 7.535   -13.689 -7.800  1.00 37.34  ? 10  PHE B N   1 
ATOM   722  C CA  . PHE B 1 15 ? 6.139   -13.295 -7.785  1.00 32.85  ? 10  PHE B CA  1 
ATOM   723  C C   . PHE B 1 15 ? 5.998   -11.984 -8.532  1.00 31.07  ? 10  PHE B C   1 
ATOM   724  O O   . PHE B 1 15 ? 6.984   -11.294 -8.798  1.00 27.97  ? 10  PHE B O   1 
ATOM   725  C CB  . PHE B 1 15 ? 5.654   -13.129 -6.333  1.00 33.14  ? 10  PHE B CB  1 
ATOM   726  C CG  . PHE B 1 15 ? 6.263   -11.941 -5.605  1.00 32.99  ? 10  PHE B CG  1 
ATOM   727  C CD1 . PHE B 1 15 ? 5.714   -10.664 -5.733  1.00 32.50  ? 10  PHE B CD1 1 
ATOM   728  C CD2 . PHE B 1 15 ? 7.425   -12.092 -4.837  1.00 35.18  ? 10  PHE B CD2 1 
ATOM   729  C CE1 . PHE B 1 15 ? 6.308   -9.564  -5.110  1.00 26.05  ? 10  PHE B CE1 1 
ATOM   730  C CE2 . PHE B 1 15 ? 8.025   -10.994 -4.210  1.00 30.26  ? 10  PHE B CE2 1 
ATOM   731  C CZ  . PHE B 1 15 ? 7.462   -9.726  -4.355  1.00 25.88  ? 10  PHE B CZ  1 
ATOM   732  N N   . MET B 1 16 ? 4.760   -11.642 -8.867  1.00 28.29  ? 11  MET B N   1 
ATOM   733  C CA  . MET B 1 16 ? 4.472   -10.405 -9.581  1.00 31.90  ? 11  MET B CA  1 
ATOM   734  C C   . MET B 1 16 ? 4.357   -9.220  -8.640  1.00 30.04  ? 11  MET B C   1 
ATOM   735  O O   . MET B 1 16 ? 3.676   -9.283  -7.615  1.00 31.65  ? 11  MET B O   1 
ATOM   736  C CB  . MET B 1 16 ? 3.156   -10.517 -10.362 1.00 34.41  ? 11  MET B CB  1 
ATOM   737  C CG  . MET B 1 16 ? 3.194   -11.444 -11.562 1.00 38.33  ? 11  MET B CG  1 
ATOM   738  S SD  . MET B 1 16 ? 4.382   -10.915 -12.787 1.00 39.41  ? 11  MET B SD  1 
ATOM   739  C CE  . MET B 1 16 ? 3.643   -9.420  -13.409 1.00 34.36  ? 11  MET B CE  1 
ATOM   740  N N   . ILE B 1 17 ? 5.050   -8.146  -8.993  1.00 29.65  ? 12  ILE B N   1 
ATOM   741  C CA  . ILE B 1 17 ? 4.968   -6.921  -8.226  1.00 29.63  ? 12  ILE B CA  1 
ATOM   742  C C   . ILE B 1 17 ? 3.809   -6.189  -8.886  1.00 33.08  ? 12  ILE B C   1 
ATOM   743  O O   . ILE B 1 17 ? 3.886   -5.792  -10.046 1.00 33.27  ? 12  ILE B O   1 
ATOM   744  C CB  . ILE B 1 17 ? 6.263   -6.083  -8.335  1.00 26.97  ? 12  ILE B CB  1 
ATOM   745  C CG1 . ILE B 1 17 ? 7.324   -6.648  -7.392  1.00 27.75  ? 12  ILE B CG1 1 
ATOM   746  C CG2 . ILE B 1 17 ? 5.991   -4.629  -7.972  1.00 26.29  ? 12  ILE B CG2 1 
ATOM   747  C CD1 . ILE B 1 17 ? 8.619   -5.893  -7.424  1.00 30.10  ? 12  ILE B CD1 1 
ATOM   748  N N   . THR B 1 18 ? 2.717   -6.066  -8.147  1.00 33.05  ? 13  THR B N   1 
ATOM   749  C CA  . THR B 1 18 ? 1.524   -5.395  -8.631  1.00 35.22  ? 13  THR B CA  1 
ATOM   750  C C   . THR B 1 18 ? 1.213   -4.295  -7.624  1.00 36.64  ? 13  THR B C   1 
ATOM   751  O O   . THR B 1 18 ? 1.958   -4.113  -6.665  1.00 30.93  ? 13  THR B O   1 
ATOM   752  C CB  . THR B 1 18 ? 0.346   -6.392  -8.721  1.00 35.76  ? 13  THR B CB  1 
ATOM   753  O OG1 . THR B 1 18 ? 0.070   -6.943  -7.430  1.00 36.68  ? 13  THR B OG1 1 
ATOM   754  C CG2 . THR B 1 18 ? 0.702   -7.531  -9.655  1.00 39.45  ? 13  THR B CG2 1 
ATOM   755  N N   . LYS B 1 19 ? 0.141   -3.541  -7.836  1.00 36.27  ? 14  LYS B N   1 
ATOM   756  C CA  . LYS B 1 19 ? -0.195  -2.491  -6.886  1.00 39.13  ? 14  LYS B CA  1 
ATOM   757  C C   . LYS B 1 19 ? -0.549  -3.127  -5.551  1.00 37.28  ? 14  LYS B C   1 
ATOM   758  O O   . LYS B 1 19 ? -0.223  -2.575  -4.498  1.00 38.11  ? 14  LYS B O   1 
ATOM   759  C CB  . LYS B 1 19 ? -1.377  -1.648  -7.370  1.00 41.14  ? 14  LYS B CB  1 
ATOM   760  C CG  . LYS B 1 19 ? -1.079  -0.745  -8.547  1.00 44.23  ? 14  LYS B CG  1 
ATOM   761  C CD  . LYS B 1 19 ? -2.276  0.138   -8.873  1.00 48.39  ? 14  LYS B CD  1 
ATOM   762  C CE  . LYS B 1 19 ? -2.063  0.887   -10.170 1.00 49.89  ? 14  LYS B CE  1 
ATOM   763  N NZ  . LYS B 1 19 ? -1.811  -0.079  -11.268 1.00 53.10  ? 14  LYS B NZ  1 
ATOM   764  N N   . GLU B 1 20 ? -1.206  -4.286  -5.587  1.00 35.27  ? 15  GLU B N   1 
ATOM   765  C CA  . GLU B 1 20 ? -1.583  -4.945  -4.348  1.00 36.13  ? 15  GLU B CA  1 
ATOM   766  C C   . GLU B 1 20 ? -0.404  -5.566  -3.627  1.00 34.05  ? 15  GLU B C   1 
ATOM   767  O O   . GLU B 1 20 ? -0.285  -5.439  -2.408  1.00 28.43  ? 15  GLU B O   1 
ATOM   768  C CB  . GLU B 1 20 ? -2.616  -6.039  -4.570  1.00 41.46  ? 15  GLU B CB  1 
ATOM   769  C CG  . GLU B 1 20 ? -3.006  -6.661  -3.242  1.00 47.63  ? 15  GLU B CG  1 
ATOM   770  C CD  . GLU B 1 20 ? -3.686  -7.996  -3.376  1.00 53.49  ? 15  GLU B CD  1 
ATOM   771  O OE1 . GLU B 1 20 ? -3.050  -8.932  -3.914  1.00 59.17  ? 15  GLU B OE1 1 
ATOM   772  O OE2 . GLU B 1 20 ? -4.852  -8.105  -2.930  1.00 54.57  ? 15  GLU B OE2 1 
ATOM   773  N N   . SER B 1 21 ? 0.455   -6.264  -4.365  1.00 30.79  ? 16  SER B N   1 
ATOM   774  C CA  . SER B 1 21 ? 1.608   -6.889  -3.736  1.00 30.61  ? 16  SER B CA  1 
ATOM   775  C C   . SER B 1 21 ? 2.591   -5.820  -3.257  1.00 26.01  ? 16  SER B C   1 
ATOM   776  O O   . SER B 1 21 ? 3.173   -5.959  -2.187  1.00 27.03  ? 16  SER B O   1 
ATOM   777  C CB  . SER B 1 21 ? 2.288   -7.870  -4.697  1.00 25.49  ? 16  SER B CB  1 
ATOM   778  O OG  . SER B 1 21 ? 2.825   -7.214  -5.824  1.00 29.26  ? 16  SER B OG  1 
ATOM   779  N N   . TYR B 1 22 ? 2.786   -4.767  -4.046  1.00 22.57  ? 17  TYR B N   1 
ATOM   780  C CA  . TYR B 1 22 ? 3.669   -3.671  -3.656  1.00 28.16  ? 17  TYR B CA  1 
ATOM   781  C C   . TYR B 1 22 ? 3.200   -3.178  -2.301  1.00 30.14  ? 17  TYR B C   1 
ATOM   782  O O   . TYR B 1 22 ? 3.980   -2.935  -1.393  1.00 25.65  ? 17  TYR B O   1 
ATOM   783  C CB  . TYR B 1 22 ? 3.547   -2.519  -4.651  1.00 25.88  ? 17  TYR B CB  1 
ATOM   784  C CG  . TYR B 1 22 ? 4.234   -1.250  -4.200  1.00 29.10  ? 17  TYR B CG  1 
ATOM   785  C CD1 . TYR B 1 22 ? 5.600   -1.096  -4.349  1.00 27.44  ? 17  TYR B CD1 1 
ATOM   786  C CD2 . TYR B 1 22 ? 3.523   -0.228  -3.564  1.00 28.74  ? 17  TYR B CD2 1 
ATOM   787  C CE1 . TYR B 1 22 ? 6.248   0.036   -3.874  1.00 31.62  ? 17  TYR B CE1 1 
ATOM   788  C CE2 . TYR B 1 22 ? 4.164   0.902   -3.085  1.00 29.92  ? 17  TYR B CE2 1 
ATOM   789  C CZ  . TYR B 1 22 ? 5.527   1.029   -3.238  1.00 29.67  ? 17  TYR B CZ  1 
ATOM   790  O OH  . TYR B 1 22 ? 6.175   2.131   -2.716  1.00 32.53  ? 17  TYR B OH  1 
ATOM   791  N N   . CYS B 1 23 ? 1.891   -3.039  -2.187  1.00 33.41  ? 18  CYS B N   1 
ATOM   792  C CA  . CYS B 1 23 ? 1.256   -2.548  -0.980  1.00 35.50  ? 18  CYS B CA  1 
ATOM   793  C C   . CYS B 1 23 ? 1.502   -3.378  0.243   1.00 31.57  ? 18  CYS B C   1 
ATOM   794  O O   . CYS B 1 23 ? 1.960   -2.836  1.238   1.00 30.11  ? 18  CYS B O   1 
ATOM   795  C CB  . CYS B 1 23 ? -0.234  -2.380  -1.230  1.00 39.14  ? 18  CYS B CB  1 
ATOM   796  S SG  . CYS B 1 23 ? -0.664  -0.666  -1.385  1.00 55.55  ? 18  CYS B SG  1 
ATOM   797  N N   . LYS B 1 24 ? 1.196   -4.672  0.185   1.00 30.12  ? 19  LYS B N   1 
ATOM   798  C CA  . LYS B 1 24 ? 1.445   -5.555  1.315   1.00 30.69  ? 19  LYS B CA  1 
ATOM   799  C C   . LYS B 1 24 ? 2.928   -5.509  1.666   1.00 31.19  ? 19  LYS B C   1 
ATOM   800  O O   . LYS B 1 24 ? 3.308   -5.594  2.829   1.00 29.03  ? 19  LYS B O   1 
ATOM   801  C CB  . LYS B 1 24 ? 1.058   -6.992  0.966   1.00 33.15  ? 19  LYS B CB  1 
ATOM   802  C CG  . LYS B 1 24 ? -0.325  -7.135  0.366   1.00 44.66  ? 19  LYS B CG  1 
ATOM   803  C CD  . LYS B 1 24 ? -0.795  -8.581  0.443   1.00 49.23  ? 19  LYS B CD  1 
ATOM   804  C CE  . LYS B 1 24 ? -1.973  -8.862  -0.490  1.00 52.23  ? 19  LYS B CE  1 
ATOM   805  N NZ  . LYS B 1 24 ? -3.062  -7.855  -0.367  1.00 58.92  ? 19  LYS B NZ  1 
ATOM   806  N N   . LEU B 1 25 ? 3.767   -5.383  0.646   1.00 29.29  ? 20  LEU B N   1 
ATOM   807  C CA  . LEU B 1 25 ? 5.206   -5.342  0.855   1.00 29.72  ? 20  LEU B CA  1 
ATOM   808  C C   . LEU B 1 25 ? 5.668   -4.074  1.577   1.00 28.34  ? 20  LEU B C   1 
ATOM   809  O O   . LEU B 1 25 ? 6.434   -4.152  2.539   1.00 25.58  ? 20  LEU B O   1 
ATOM   810  C CB  . LEU B 1 25 ? 5.943   -5.503  -0.484  1.00 27.05  ? 20  LEU B CB  1 
ATOM   811  C CG  . LEU B 1 25 ? 5.976   -6.945  -1.016  1.00 31.94  ? 20  LEU B CG  1 
ATOM   812  C CD1 . LEU B 1 25 ? 6.605   -6.970  -2.383  1.00 30.86  ? 20  LEU B CD1 1 
ATOM   813  C CD2 . LEU B 1 25 ? 6.751   -7.845  -0.056  1.00 33.11  ? 20  LEU B CD2 1 
ATOM   814  N N   . LYS B 1 26 ? 5.196   -2.913  1.126   1.00 26.23  ? 21  LYS B N   1 
ATOM   815  C CA  . LYS B 1 26 ? 5.570   -1.645  1.754   1.00 30.31  ? 21  LYS B CA  1 
ATOM   816  C C   . LYS B 1 26 ? 5.082   -1.585  3.212   1.00 30.76  ? 21  LYS B C   1 
ATOM   817  O O   . LYS B 1 26 ? 5.743   -0.988  4.058   1.00 31.23  ? 21  LYS B O   1 
ATOM   818  C CB  . LYS B 1 26 ? 4.986   -0.468  0.972   1.00 30.28  ? 21  LYS B CB  1 
ATOM   819  C CG  . LYS B 1 26 ? 5.628   0.882   1.311   1.00 35.61  ? 21  LYS B CG  1 
ATOM   820  C CD  . LYS B 1 26 ? 7.064   0.968   0.780   1.00 39.73  ? 21  LYS B CD  1 
ATOM   821  C CE  . LYS B 1 26 ? 7.728   2.300   1.119   1.00 44.56  ? 21  LYS B CE  1 
ATOM   822  N NZ  . LYS B 1 26 ? 7.909   2.482   2.592   1.00 42.43  ? 21  LYS B NZ  1 
ATOM   823  N N   . ASN B 1 27 ? 3.932   -2.202  3.490   1.00 27.37  ? 22  ASN B N   1 
ATOM   824  C CA  . ASN B 1 27 ? 3.349   -2.252  4.834   1.00 32.36  ? 22  ASN B CA  1 
ATOM   825  C C   . ASN B 1 27 ? 4.048   -3.216  5.780   1.00 31.08  ? 22  ASN B C   1 
ATOM   826  O O   . ASN B 1 27 ? 3.936   -3.089  6.999   1.00 33.99  ? 22  ASN B O   1 
ATOM   827  C CB  . ASN B 1 27 ? 1.884   -2.667  4.774   1.00 31.10  ? 22  ASN B CB  1 
ATOM   828  C CG  . ASN B 1 27 ? 1.005   -1.588  4.243   1.00 33.08  ? 22  ASN B CG  1 
ATOM   829  O OD1 . ASN B 1 27 ? 1.282   -0.406  4.435   1.00 37.21  ? 22  ASN B OD1 1 
ATOM   830  N ND2 . ASN B 1 27 ? -0.080  -1.975  3.584   1.00 38.24  ? 22  ASN B ND2 1 
ATOM   831  N N   . SER B 1 28 ? 4.759   -4.189  5.224   1.00 30.12  ? 23  SER B N   1 
ATOM   832  C CA  . SER B 1 28 ? 5.438   -5.184  6.041   1.00 28.07  ? 23  SER B CA  1 
ATOM   833  C C   . SER B 1 28 ? 6.818   -4.744  6.514   1.00 29.34  ? 23  SER B C   1 
ATOM   834  O O   . SER B 1 28 ? 7.423   -5.396  7.366   1.00 29.81  ? 23  SER B O   1 
ATOM   835  C CB  . SER B 1 28 ? 5.571   -6.495  5.261   1.00 28.09  ? 23  SER B CB  1 
ATOM   836  O OG  . SER B 1 28 ? 6.613   -6.408  4.298   1.00 27.27  ? 23  SER B OG  1 
ATOM   837  N N   . VAL B 1 29 ? 7.320   -3.641  5.966   1.00 29.51  ? 24  VAL B N   1 
ATOM   838  C CA  . VAL B 1 29 ? 8.645   -3.159  6.338   1.00 30.40  ? 24  VAL B CA  1 
ATOM   839  C C   . VAL B 1 29 ? 8.587   -1.699  6.747   1.00 28.99  ? 24  VAL B C   1 
ATOM   840  O O   . VAL B 1 29 ? 7.818   -0.926  6.177   1.00 28.57  ? 24  VAL B O   1 
ATOM   841  C CB  . VAL B 1 29 ? 9.644   -3.330  5.156   1.00 30.95  ? 24  VAL B CB  1 
ATOM   842  C CG1 . VAL B 1 29 ? 9.200   -2.513  3.963   1.00 32.02  ? 24  VAL B CG1 1 
ATOM   843  C CG2 . VAL B 1 29 ? 11.037  -2.924  5.582   1.00 35.56  ? 24  VAL B CG2 1 
ATOM   844  N N   . SER B 1 30 ? 9.380   -1.320  7.746   1.00 29.99  ? 25  SER B N   1 
ATOM   845  C CA  . SER B 1 30 ? 9.392   0.072   8.174   1.00 28.83  ? 25  SER B CA  1 
ATOM   846  C C   . SER B 1 30 ? 10.017  0.876   7.060   1.00 27.46  ? 25  SER B C   1 
ATOM   847  O O   . SER B 1 30 ? 10.857  0.381   6.309   1.00 25.93  ? 25  SER B O   1 
ATOM   848  C CB  . SER B 1 30 ? 10.215  0.259   9.443   1.00 28.87  ? 25  SER B CB  1 
ATOM   849  O OG  . SER B 1 30 ? 11.587  0.071   9.184   1.00 28.43  ? 25  SER B OG  1 
ATOM   850  N N   . ASP B 1 31 ? 9.599   2.122   6.945   1.00 24.66  ? 26  ASP B N   1 
ATOM   851  C CA  . ASP B 1 31 ? 10.143  2.977   5.921   1.00 27.90  ? 26  ASP B CA  1 
ATOM   852  C C   . ASP B 1 31 ? 11.667  3.066   6.041   1.00 28.47  ? 26  ASP B C   1 
ATOM   853  O O   . ASP B 1 31 ? 12.376  3.109   5.035   1.00 25.25  ? 26  ASP B O   1 
ATOM   854  C CB  . ASP B 1 31 ? 9.528   4.361   6.032   1.00 30.11  ? 26  ASP B CB  1 
ATOM   855  C CG  . ASP B 1 31 ? 9.957   5.268   4.906   1.00 35.58  ? 26  ASP B CG  1 
ATOM   856  O OD1 . ASP B 1 31 ? 10.640  6.280   5.179   1.00 39.71  ? 26  ASP B OD1 1 
ATOM   857  O OD2 . ASP B 1 31 ? 9.617   4.963   3.740   1.00 38.18  ? 26  ASP B OD2 1 
ATOM   858  N N   . VAL B 1 32 ? 12.173  3.079   7.270   1.00 25.01  ? 27  VAL B N   1 
ATOM   859  C CA  . VAL B 1 32 ? 13.613  3.176   7.509   1.00 24.34  ? 27  VAL B CA  1 
ATOM   860  C C   . VAL B 1 32 ? 14.366  1.970   6.964   1.00 23.88  ? 27  VAL B C   1 
ATOM   861  O O   . VAL B 1 32 ? 15.375  2.125   6.281   1.00 24.27  ? 27  VAL B O   1 
ATOM   862  C CB  . VAL B 1 32 ? 13.928  3.322   9.021   1.00 27.78  ? 27  VAL B CB  1 
ATOM   863  C CG1 . VAL B 1 32 ? 15.424  3.302   9.247   1.00 29.37  ? 27  VAL B CG1 1 
ATOM   864  C CG2 . VAL B 1 32 ? 13.351  4.619   9.546   1.00 26.10  ? 27  VAL B CG2 1 
ATOM   865  N N   . ALA B 1 33 ? 13.873  0.771   7.265   1.00 22.66  ? 28  ALA B N   1 
ATOM   866  C CA  . ALA B 1 33 ? 14.501  -0.467  6.800   1.00 23.67  ? 28  ALA B CA  1 
ATOM   867  C C   . ALA B 1 33 ? 14.409  -0.546  5.285   1.00 24.20  ? 28  ALA B C   1 
ATOM   868  O O   . ALA B 1 33 ? 15.337  -1.013  4.629   1.00 19.83  ? 28  ALA B O   1 
ATOM   869  C CB  . ALA B 1 33 ? 13.821  -1.679  7.435   1.00 19.11  ? 28  ALA B CB  1 
ATOM   870  N N   . PHE B 1 34 ? 13.297  -0.078  4.728   1.00 23.05  ? 29  PHE B N   1 
ATOM   871  C CA  . PHE B 1 34 ? 13.126  -0.082  3.285   1.00 23.58  ? 29  PHE B CA  1 
ATOM   872  C C   . PHE B 1 34 ? 14.204  0.779   2.640   1.00 21.76  ? 29  PHE B C   1 
ATOM   873  O O   . PHE B 1 34 ? 14.919  0.324   1.760   1.00 23.83  ? 29  PHE B O   1 
ATOM   874  C CB  . PHE B 1 34 ? 11.761  0.474   2.886   1.00 22.90  ? 29  PHE B CB  1 
ATOM   875  C CG  . PHE B 1 34 ? 11.544  0.511   1.390   1.00 27.53  ? 29  PHE B CG  1 
ATOM   876  C CD1 . PHE B 1 34 ? 11.049  -0.607  0.713   1.00 26.84  ? 29  PHE B CD1 1 
ATOM   877  C CD2 . PHE B 1 34 ? 11.890  1.644   0.653   1.00 27.76  ? 29  PHE B CD2 1 
ATOM   878  C CE1 . PHE B 1 34 ? 10.904  -0.593  -0.667  1.00 28.48  ? 29  PHE B CE1 1 
ATOM   879  C CE2 . PHE B 1 34 ? 11.750  1.667   -0.730  1.00 24.77  ? 29  PHE B CE2 1 
ATOM   880  C CZ  . PHE B 1 34 ? 11.256  0.550   -1.392  1.00 24.88  ? 29  PHE B CZ  1 
ATOM   881  N N   . ASN B 1 35 ? 14.313  2.032   3.064   1.00 25.79  ? 30  ASN B N   1 
ATOM   882  C CA  . ASN B 1 35 ? 15.326  2.923   2.502   1.00 26.52  ? 30  ASN B CA  1 
ATOM   883  C C   . ASN B 1 35 ? 16.749  2.394   2.697   1.00 26.98  ? 30  ASN B C   1 
ATOM   884  O O   . ASN B 1 35 ? 17.643  2.681   1.899   1.00 24.51  ? 30  ASN B O   1 
ATOM   885  C CB  . ASN B 1 35 ? 15.206  4.325   3.105   1.00 27.08  ? 30  ASN B CB  1 
ATOM   886  C CG  . ASN B 1 35 ? 13.940  5.025   2.683   1.00 34.88  ? 30  ASN B CG  1 
ATOM   887  O OD1 . ASN B 1 35 ? 13.496  4.880   1.553   1.00 34.88  ? 30  ASN B OD1 1 
ATOM   888  N ND2 . ASN B 1 35 ? 13.363  5.803   3.579   1.00 33.60  ? 30  ASN B ND2 1 
ATOM   889  N N   . ARG B 1 36 ? 16.963  1.622   3.757   1.00 28.37  ? 31  ARG B N   1 
ATOM   890  C CA  . ARG B 1 36 ? 18.275  1.046   4.010   1.00 24.69  ? 31  ARG B CA  1 
ATOM   891  C C   . ARG B 1 36 ? 18.556  -0.028  2.966   1.00 21.55  ? 31  ARG B C   1 
ATOM   892  O O   . ARG B 1 36 ? 19.616  -0.063  2.354   1.00 25.53  ? 31  ARG B O   1 
ATOM   893  C CB  . ARG B 1 36 ? 18.332  0.426   5.398   1.00 26.67  ? 31  ARG B CB  1 
ATOM   894  C CG  . ARG B 1 36 ? 19.657  -0.247  5.660   1.00 31.56  ? 31  ARG B CG  1 
ATOM   895  C CD  . ARG B 1 36 ? 19.753  -0.771  7.060   1.00 31.94  ? 31  ARG B CD  1 
ATOM   896  N NE  . ARG B 1 36 ? 20.971  -1.560  7.231   1.00 37.28  ? 31  ARG B NE  1 
ATOM   897  C CZ  . ARG B 1 36 ? 21.132  -2.806  6.786   1.00 37.56  ? 31  ARG B CZ  1 
ATOM   898  N NH1 . ARG B 1 36 ? 20.144  -3.416  6.138   1.00 35.86  ? 31  ARG B NH1 1 
ATOM   899  N NH2 . ARG B 1 36 ? 22.282  -3.446  7.006   1.00 36.14  ? 31  ARG B NH2 1 
ATOM   900  N N   . TYR B 1 37 ? 17.596  -0.921  2.778   1.00 19.28  ? 32  TYR B N   1 
ATOM   901  C CA  . TYR B 1 37 ? 17.733  -1.975  1.789   1.00 22.33  ? 32  TYR B CA  1 
ATOM   902  C C   . TYR B 1 37 ? 17.994  -1.367  0.424   1.00 20.17  ? 32  TYR B C   1 
ATOM   903  O O   . TYR B 1 37 ? 18.876  -1.812  -0.300  1.00 20.00  ? 32  TYR B O   1 
ATOM   904  C CB  . TYR B 1 37 ? 16.461  -2.804  1.743   1.00 24.12  ? 32  TYR B CB  1 
ATOM   905  C CG  . TYR B 1 37 ? 16.338  -3.749  2.892   1.00 24.93  ? 32  TYR B CG  1 
ATOM   906  C CD1 . TYR B 1 37 ? 15.093  -4.053  3.434   1.00 27.89  ? 32  TYR B CD1 1 
ATOM   907  C CD2 . TYR B 1 37 ? 17.463  -4.379  3.417   1.00 24.20  ? 32  TYR B CD2 1 
ATOM   908  C CE1 . TYR B 1 37 ? 14.966  -4.973  4.477   1.00 29.18  ? 32  TYR B CE1 1 
ATOM   909  C CE2 . TYR B 1 37 ? 17.351  -5.298  4.452   1.00 23.42  ? 32  TYR B CE2 1 
ATOM   910  C CZ  . TYR B 1 37 ? 16.099  -5.595  4.977   1.00 23.70  ? 32  TYR B CZ  1 
ATOM   911  O OH  . TYR B 1 37 ? 15.976  -6.534  5.972   1.00 30.70  ? 32  TYR B OH  1 
ATOM   912  N N   . LEU B 1 38 ? 17.214  -0.350  0.082   1.00 21.28  ? 33  LEU B N   1 
ATOM   913  C CA  . LEU B 1 38 ? 17.346  0.345   -1.194  1.00 22.48  ? 33  LEU B CA  1 
ATOM   914  C C   . LEU B 1 38 ? 18.740  0.937   -1.340  1.00 22.24  ? 33  LEU B C   1 
ATOM   915  O O   . LEU B 1 38 ? 19.323  0.890   -2.415  1.00 21.31  ? 33  LEU B O   1 
ATOM   916  C CB  . LEU B 1 38 ? 16.295  1.459   -1.301  1.00 21.98  ? 33  LEU B CB  1 
ATOM   917  C CG  . LEU B 1 38 ? 16.254  2.312   -2.567  1.00 30.47  ? 33  LEU B CG  1 
ATOM   918  C CD1 . LEU B 1 38 ? 15.902  1.470   -3.795  1.00 29.01  ? 33  LEU B CD1 1 
ATOM   919  C CD2 . LEU B 1 38 ? 15.227  3.391   -2.363  1.00 27.93  ? 33  LEU B CD2 1 
ATOM   920  N N   . SER B 1 39 ? 19.289  1.484   -0.265  1.00 24.96  ? 34  SER B N   1 
ATOM   921  C CA  . SER B 1 39 ? 20.620  2.076   -0.340  1.00 26.07  ? 34  SER B CA  1 
ATOM   922  C C   . SER B 1 39 ? 21.742  1.049   -0.560  1.00 26.48  ? 34  SER B C   1 
ATOM   923  O O   . SER B 1 39 ? 22.833  1.406   -1.001  1.00 27.59  ? 34  SER B O   1 
ATOM   924  C CB  . SER B 1 39 ? 20.911  2.877   0.931   1.00 25.77  ? 34  SER B CB  1 
ATOM   925  O OG  . SER B 1 39 ? 21.249  2.009   2.002   1.00 30.85  ? 34  SER B OG  1 
ATOM   926  N N   . LEU B 1 40 ? 21.481  -0.218  -0.254  1.00 24.55  ? 35  LEU B N   1 
ATOM   927  C CA  . LEU B 1 40 ? 22.485  -1.267  -0.428  1.00 23.45  ? 35  LEU B CA  1 
ATOM   928  C C   . LEU B 1 40 ? 22.402  -1.952  -1.791  1.00 23.70  ? 35  LEU B C   1 
ATOM   929  O O   . LEU B 1 40 ? 23.172  -2.873  -2.073  1.00 22.78  ? 35  LEU B O   1 
ATOM   930  C CB  . LEU B 1 40 ? 22.326  -2.321  0.667   1.00 24.09  ? 35  LEU B CB  1 
ATOM   931  C CG  . LEU B 1 40 ? 22.422  -1.763  2.082   1.00 28.14  ? 35  LEU B CG  1 
ATOM   932  C CD1 . LEU B 1 40 ? 22.126  -2.849  3.093   1.00 28.31  ? 35  LEU B CD1 1 
ATOM   933  C CD2 . LEU B 1 40 ? 23.810  -1.176  2.284   1.00 32.94  ? 35  LEU B CD2 1 
ATOM   934  N N   . TYR B 1 41 ? 21.477  -1.504  -2.637  1.00 20.42  ? 36  TYR B N   1 
ATOM   935  C CA  . TYR B 1 41 ? 21.300  -2.109  -3.950  1.00 22.75  ? 36  TYR B CA  1 
ATOM   936  C C   . TYR B 1 41 ? 22.571  -2.190  -4.797  1.00 23.62  ? 36  TYR B C   1 
ATOM   937  O O   . TYR B 1 41 ? 22.861  -3.231  -5.394  1.00 25.27  ? 36  TYR B O   1 
ATOM   938  C CB  . TYR B 1 41 ? 20.224  -1.369  -4.744  1.00 24.57  ? 36  TYR B CB  1 
ATOM   939  C CG  . TYR B 1 41 ? 20.035  -1.934  -6.132  1.00 26.80  ? 36  TYR B CG  1 
ATOM   940  C CD1 . TYR B 1 41 ? 19.426  -3.176  -6.321  1.00 25.28  ? 36  TYR B CD1 1 
ATOM   941  C CD2 . TYR B 1 41 ? 20.523  -1.260  -7.252  1.00 31.00  ? 36  TYR B CD2 1 
ATOM   942  C CE1 . TYR B 1 41 ? 19.308  -3.740  -7.591  1.00 30.98  ? 36  TYR B CE1 1 
ATOM   943  C CE2 . TYR B 1 41 ? 20.411  -1.807  -8.521  1.00 34.00  ? 36  TYR B CE2 1 
ATOM   944  C CZ  . TYR B 1 41 ? 19.803  -3.048  -8.685  1.00 33.44  ? 36  TYR B CZ  1 
ATOM   945  O OH  . TYR B 1 41 ? 19.695  -3.591  -9.944  1.00 37.79  ? 36  TYR B OH  1 
ATOM   946  N N   . ASN B 1 42 ? 23.331  -1.098  -4.854  1.00 26.43  ? 37  ASN B N   1 
ATOM   947  C CA  . ASN B 1 42 ? 24.554  -1.077  -5.654  1.00 28.20  ? 37  ASN B CA  1 
ATOM   948  C C   . ASN B 1 42 ? 25.656  -1.946  -5.080  1.00 29.30  ? 37  ASN B C   1 
ATOM   949  O O   . ASN B 1 42 ? 26.369  -2.615  -5.827  1.00 29.30  ? 37  ASN B O   1 
ATOM   950  C CB  . ASN B 1 42 ? 25.050  0.354   -5.837  1.00 29.87  ? 37  ASN B CB  1 
ATOM   951  C CG  . ASN B 1 42 ? 24.184  1.140   -6.795  1.00 33.77  ? 37  ASN B CG  1 
ATOM   952  O OD1 . ASN B 1 42 ? 23.852  0.658   -7.885  1.00 38.51  ? 37  ASN B OD1 1 
ATOM   953  N ND2 . ASN B 1 42 ? 23.809  2.355   -6.401  1.00 36.84  ? 37  ASN B ND2 1 
ATOM   954  N N   . LYS B 1 43 ? 25.792  -1.934  -3.759  1.00 28.92  ? 38  LYS B N   1 
ATOM   955  C CA  . LYS B 1 43 ? 26.794  -2.748  -3.096  1.00 32.04  ? 38  LYS B CA  1 
ATOM   956  C C   . LYS B 1 43 ? 26.650  -4.208  -3.511  1.00 31.34  ? 38  LYS B C   1 
ATOM   957  O O   . LYS B 1 43 ? 27.627  -4.878  -3.846  1.00 31.33  ? 38  LYS B O   1 
ATOM   958  C CB  . LYS B 1 43 ? 26.636  -2.648  -1.583  1.00 34.79  ? 38  LYS B CB  1 
ATOM   959  C CG  . LYS B 1 43 ? 27.385  -3.744  -0.817  1.00 36.67  ? 38  LYS B CG  1 
ATOM   960  C CD  . LYS B 1 43 ? 27.069  -3.688  0.676   1.00 44.50  ? 38  LYS B CD  1 
ATOM   961  C CE  . LYS B 1 43 ? 27.841  -4.724  1.479   1.00 45.91  ? 38  LYS B CE  1 
ATOM   962  N NZ  . LYS B 1 43 ? 27.572  -4.509  2.930   1.00 50.12  ? 38  LYS B NZ  1 
ATOM   963  N N   . TYR B 1 44 ? 25.419  -4.701  -3.484  1.00 30.38  ? 39  TYR B N   1 
ATOM   964  C CA  . TYR B 1 44 ? 25.163  -6.085  -3.834  1.00 30.25  ? 39  TYR B CA  1 
ATOM   965  C C   . TYR B 1 44 ? 25.024  -6.310  -5.337  1.00 29.99  ? 39  TYR B C   1 
ATOM   966  O O   . TYR B 1 44 ? 25.324  -7.384  -5.841  1.00 29.20  ? 39  TYR B O   1 
ATOM   967  C CB  . TYR B 1 44 ? 23.929  -6.585  -3.074  1.00 30.06  ? 39  TYR B CB  1 
ATOM   968  C CG  . TYR B 1 44 ? 24.187  -6.735  -1.580  1.00 31.40  ? 39  TYR B CG  1 
ATOM   969  C CD1 . TYR B 1 44 ? 23.586  -5.883  -0.643  1.00 29.42  ? 39  TYR B CD1 1 
ATOM   970  C CD2 . TYR B 1 44 ? 25.066  -7.713  -1.105  1.00 32.99  ? 39  TYR B CD2 1 
ATOM   971  C CE1 . TYR B 1 44 ? 23.859  -6.010  0.724   1.00 31.15  ? 39  TYR B CE1 1 
ATOM   972  C CE2 . TYR B 1 44 ? 25.339  -7.844  0.253   1.00 33.77  ? 39  TYR B CE2 1 
ATOM   973  C CZ  . TYR B 1 44 ? 24.740  -6.998  1.161   1.00 30.52  ? 39  TYR B CZ  1 
ATOM   974  O OH  . TYR B 1 44 ? 25.037  -7.168  2.495   1.00 30.49  ? 39  TYR B OH  1 
ATOM   975  N N   . ARG B 1 45 ? 24.577  -5.296  -6.060  1.00 30.43  ? 40  ARG B N   1 
ATOM   976  C CA  . ARG B 1 45 ? 24.434  -5.411  -7.504  1.00 34.88  ? 40  ARG B CA  1 
ATOM   977  C C   . ARG B 1 45 ? 25.813  -5.631  -8.149  1.00 35.87  ? 40  ARG B C   1 
ATOM   978  O O   . ARG B 1 45 ? 25.947  -6.403  -9.102  1.00 32.70  ? 40  ARG B O   1 
ATOM   979  C CB  . ARG B 1 45 ? 23.779  -4.137  -8.039  1.00 38.93  ? 40  ARG B CB  1 
ATOM   980  C CG  . ARG B 1 45 ? 23.932  -3.901  -9.516  1.00 44.43  ? 40  ARG B CG  1 
ATOM   981  C CD  . ARG B 1 45 ? 23.107  -4.836  -10.349 1.00 51.25  ? 40  ARG B CD  1 
ATOM   982  N NE  . ARG B 1 45 ? 22.907  -4.252  -11.670 1.00 58.48  ? 40  ARG B NE  1 
ATOM   983  C CZ  . ARG B 1 45 ? 22.282  -4.851  -12.678 1.00 62.33  ? 40  ARG B CZ  1 
ATOM   984  N NH1 . ARG B 1 45 ? 21.786  -6.075  -12.531 1.00 65.41  ? 40  ARG B NH1 1 
ATOM   985  N NH2 . ARG B 1 45 ? 22.142  -4.215  -13.836 1.00 65.83  ? 40  ARG B NH2 1 
ATOM   986  N N   . TYR B 1 46 ? 26.836  -4.966  -7.610  1.00 30.69  ? 41  TYR B N   1 
ATOM   987  C CA  . TYR B 1 46 ? 28.194  -5.078  -8.138  1.00 35.15  ? 41  TYR B CA  1 
ATOM   988  C C   . TYR B 1 46 ? 29.146  -5.755  -7.167  1.00 35.07  ? 41  TYR B C   1 
ATOM   989  O O   . TYR B 1 46 ? 30.350  -5.512  -7.198  1.00 37.94  ? 41  TYR B O   1 
ATOM   990  C CB  . TYR B 1 46 ? 28.743  -3.691  -8.500  1.00 33.21  ? 41  TYR B CB  1 
ATOM   991  C CG  . TYR B 1 46 ? 27.899  -2.958  -9.512  1.00 32.60  ? 41  TYR B CG  1 
ATOM   992  C CD1 . TYR B 1 46 ? 27.047  -1.923  -9.120  1.00 33.49  ? 41  TYR B CD1 1 
ATOM   993  C CD2 . TYR B 1 46 ? 27.893  -3.349  -10.852 1.00 34.28  ? 41  TYR B CD2 1 
ATOM   994  C CE1 . TYR B 1 46 ? 26.202  -1.296  -10.040 1.00 37.28  ? 41  TYR B CE1 1 
ATOM   995  C CE2 . TYR B 1 46 ? 27.054  -2.737  -11.778 1.00 32.09  ? 41  TYR B CE2 1 
ATOM   996  C CZ  . TYR B 1 46 ? 26.208  -1.713  -11.367 1.00 33.95  ? 41  TYR B CZ  1 
ATOM   997  O OH  . TYR B 1 46 ? 25.349  -1.135  -12.273 1.00 42.27  ? 41  TYR B OH  1 
ATOM   998  N N   . PHE B 1 47 ? 28.602  -6.598  -6.302  1.00 34.51  ? 42  PHE B N   1 
ATOM   999  C CA  . PHE B 1 47 ? 29.394  -7.331  -5.320  1.00 37.75  ? 42  PHE B CA  1 
ATOM   1000 C C   . PHE B 1 47 ? 30.368  -8.271  -6.036  1.00 38.81  ? 42  PHE B C   1 
ATOM   1001 O O   . PHE B 1 47 ? 29.984  -8.980  -6.960  1.00 38.15  ? 42  PHE B O   1 
ATOM   1002 C CB  . PHE B 1 47 ? 28.464  -8.159  -4.432  1.00 39.67  ? 42  PHE B CB  1 
ATOM   1003 C CG  . PHE B 1 47 ? 29.113  -8.691  -3.194  1.00 39.03  ? 42  PHE B CG  1 
ATOM   1004 C CD1 . PHE B 1 47 ? 28.984  -8.010  -1.983  1.00 42.03  ? 42  PHE B CD1 1 
ATOM   1005 C CD2 . PHE B 1 47 ? 29.844  -9.873  -3.231  1.00 41.42  ? 42  PHE B CD2 1 
ATOM   1006 C CE1 . PHE B 1 47 ? 29.566  -8.496  -0.821  1.00 41.95  ? 42  PHE B CE1 1 
ATOM   1007 C CE2 . PHE B 1 47 ? 30.435  -10.373 -2.078  1.00 42.37  ? 42  PHE B CE2 1 
ATOM   1008 C CZ  . PHE B 1 47 ? 30.293  -9.680  -0.865  1.00 42.39  ? 42  PHE B CZ  1 
ATOM   1009 N N   . SER B 1 48 ? 31.624  -8.279  -5.612  1.00 41.55  ? 43  SER B N   1 
ATOM   1010 C CA  . SER B 1 48 ? 32.618  -9.155  -6.224  1.00 46.57  ? 43  SER B CA  1 
ATOM   1011 C C   . SER B 1 48 ? 32.849  -10.345 -5.307  1.00 46.95  ? 43  SER B C   1 
ATOM   1012 O O   . SER B 1 48 ? 33.242  -10.162 -4.155  1.00 47.81  ? 43  SER B O   1 
ATOM   1013 C CB  . SER B 1 48 ? 33.951  -8.416  -6.412  1.00 48.61  ? 43  SER B CB  1 
ATOM   1014 O OG  . SER B 1 48 ? 33.820  -7.294  -7.268  1.00 50.42  ? 43  SER B OG  1 
ATOM   1015 N N   . GLY B 1 49 ? 32.582  -11.556 -5.788  1.00 47.78  ? 44  GLY B N   1 
ATOM   1016 C CA  . GLY B 1 49 ? 32.845  -12.725 -4.960  1.00 46.92  ? 44  GLY B CA  1 
ATOM   1017 C C   . GLY B 1 49 ? 31.750  -13.448 -4.197  1.00 45.51  ? 44  GLY B C   1 
ATOM   1018 O O   . GLY B 1 49 ? 30.557  -13.249 -4.436  1.00 44.29  ? 44  GLY B O   1 
ATOM   1019 N N   . LYS B 1 50 ? 32.191  -14.298 -3.266  1.00 44.47  ? 45  LYS B N   1 
ATOM   1020 C CA  . LYS B 1 50 ? 31.320  -15.118 -2.430  1.00 41.74  ? 45  LYS B CA  1 
ATOM   1021 C C   . LYS B 1 50 ? 30.732  -14.379 -1.242  1.00 38.94  ? 45  LYS B C   1 
ATOM   1022 O O   . LYS B 1 50 ? 31.381  -13.524 -0.644  1.00 39.48  ? 45  LYS B O   1 
ATOM   1023 C CB  . LYS B 1 50 ? 32.084  -16.337 -1.899  1.00 43.58  ? 45  LYS B CB  1 
ATOM   1024 C CG  . LYS B 1 50 ? 32.643  -17.250 -2.964  1.00 46.34  ? 45  LYS B CG  1 
ATOM   1025 C CD  . LYS B 1 50 ? 31.553  -17.700 -3.898  1.00 51.78  ? 45  LYS B CD  1 
ATOM   1026 C CE  . LYS B 1 50 ? 32.121  -18.488 -5.046  1.00 53.28  ? 45  LYS B CE  1 
ATOM   1027 N NZ  . LYS B 1 50 ? 31.052  -18.844 -6.011  1.00 56.04  ? 45  LYS B NZ  1 
ATOM   1028 N N   . MET B 1 51 ? 29.502  -14.739 -0.888  1.00 35.93  ? 46  MET B N   1 
ATOM   1029 C CA  . MET B 1 51 ? 28.812  -14.131 0.246   1.00 34.92  ? 46  MET B CA  1 
ATOM   1030 C C   . MET B 1 51 ? 28.346  -15.237 1.193   1.00 31.45  ? 46  MET B C   1 
ATOM   1031 O O   . MET B 1 51 ? 28.160  -16.377 0.759   1.00 30.68  ? 46  MET B O   1 
ATOM   1032 C CB  . MET B 1 51 ? 27.563  -13.383 -0.234  1.00 37.24  ? 46  MET B CB  1 
ATOM   1033 C CG  . MET B 1 51 ? 27.682  -12.637 -1.538  1.00 44.47  ? 46  MET B CG  1 
ATOM   1034 S SD  . MET B 1 51 ? 26.076  -11.947 -1.944  1.00 46.70  ? 46  MET B SD  1 
ATOM   1035 C CE  . MET B 1 51 ? 25.828  -10.936 -0.582  1.00 49.70  ? 46  MET B CE  1 
ATOM   1036 N N   . ASP B 1 52 ? 28.149  -14.913 2.471   1.00 33.79  ? 47  ASP B N   1 
ATOM   1037 C CA  . ASP B 1 52 ? 27.627  -15.907 3.400   1.00 36.24  ? 47  ASP B CA  1 
ATOM   1038 C C   . ASP B 1 52 ? 26.111  -15.798 3.252   1.00 36.20  ? 47  ASP B C   1 
ATOM   1039 O O   . ASP B 1 52 ? 25.627  -14.962 2.488   1.00 32.52  ? 47  ASP B O   1 
ATOM   1040 C CB  . ASP B 1 52 ? 28.050  -15.629 4.849   1.00 38.35  ? 47  ASP B CB  1 
ATOM   1041 C CG  . ASP B 1 52 ? 27.688  -14.240 5.317   1.00 42.65  ? 47  ASP B CG  1 
ATOM   1042 O OD1 . ASP B 1 52 ? 26.632  -13.720 4.907   1.00 42.26  ? 47  ASP B OD1 1 
ATOM   1043 O OD2 . ASP B 1 52 ? 28.459  -13.675 6.117   1.00 44.69  ? 47  ASP B OD2 1 
ATOM   1044 N N   . THR B 1 53 ? 25.354  -16.622 3.972   1.00 35.92  ? 48  THR B N   1 
ATOM   1045 C CA  . THR B 1 53 ? 23.893  -16.589 3.836   1.00 32.73  ? 48  THR B CA  1 
ATOM   1046 C C   . THR B 1 53 ? 23.261  -15.281 4.324   1.00 30.17  ? 48  THR B C   1 
ATOM   1047 O O   . THR B 1 53 ? 22.280  -14.824 3.753   1.00 28.53  ? 48  THR B O   1 
ATOM   1048 C CB  . THR B 1 53 ? 23.215  -17.816 4.539   1.00 33.02  ? 48  THR B CB  1 
ATOM   1049 O OG1 . THR B 1 53 ? 23.380  -17.724 5.955   1.00 44.57  ? 48  THR B OG1 1 
ATOM   1050 C CG2 . THR B 1 53 ? 23.853  -19.114 4.071   1.00 34.36  ? 48  THR B CG2 1 
ATOM   1051 N N   . ALA B 1 54 ? 23.823  -14.664 5.357   1.00 27.64  ? 49  ALA B N   1 
ATOM   1052 C CA  . ALA B 1 54 ? 23.265  -13.407 5.851   1.00 29.12  ? 49  ALA B CA  1 
ATOM   1053 C C   . ALA B 1 54 ? 23.362  -12.320 4.775   1.00 28.71  ? 49  ALA B C   1 
ATOM   1054 O O   . ALA B 1 54 ? 22.440  -11.526 4.603   1.00 26.88  ? 49  ALA B O   1 
ATOM   1055 C CB  . ALA B 1 54 ? 24.000  -12.959 7.117   1.00 30.99  ? 49  ALA B CB  1 
ATOM   1056 N N   . ALA B 1 55 ? 24.485  -12.292 4.059   1.00 27.22  ? 50  ALA B N   1 
ATOM   1057 C CA  . ALA B 1 55 ? 24.717  -11.322 2.993   1.00 28.51  ? 50  ALA B CA  1 
ATOM   1058 C C   . ALA B 1 55 ? 23.815  -11.591 1.793   1.00 28.03  ? 50  ALA B C   1 
ATOM   1059 O O   . ALA B 1 55 ? 23.300  -10.666 1.179   1.00 24.57  ? 50  ALA B O   1 
ATOM   1060 C CB  . ALA B 1 55 ? 26.158  -11.366 2.567   1.00 29.32  ? 50  ALA B CB  1 
ATOM   1061 N N   . TYR B 1 56 ? 23.641  -12.858 1.450   1.00 25.48  ? 51  TYR B N   1 
ATOM   1062 C CA  . TYR B 1 56 ? 22.775  -13.236 0.343   1.00 28.34  ? 51  TYR B CA  1 
ATOM   1063 C C   . TYR B 1 56 ? 21.349  -12.772 0.616   1.00 24.76  ? 51  TYR B C   1 
ATOM   1064 O O   . TYR B 1 56 ? 20.662  -12.280 -0.278  1.00 22.61  ? 51  TYR B O   1 
ATOM   1065 C CB  . TYR B 1 56 ? 22.765  -14.754 0.170   1.00 31.43  ? 51  TYR B CB  1 
ATOM   1066 C CG  . TYR B 1 56 ? 21.743  -15.212 -0.832  1.00 38.75  ? 51  TYR B CG  1 
ATOM   1067 C CD1 . TYR B 1 56 ? 21.828  -14.809 -2.161  1.00 42.63  ? 51  TYR B CD1 1 
ATOM   1068 C CD2 . TYR B 1 56 ? 20.673  -16.015 -0.453  1.00 46.27  ? 51  TYR B CD2 1 
ATOM   1069 C CE1 . TYR B 1 56 ? 20.879  -15.182 -3.096  1.00 47.78  ? 51  TYR B CE1 1 
ATOM   1070 C CE2 . TYR B 1 56 ? 19.706  -16.400 -1.385  1.00 50.03  ? 51  TYR B CE2 1 
ATOM   1071 C CZ  . TYR B 1 56 ? 19.822  -15.974 -2.708  1.00 50.79  ? 51  TYR B CZ  1 
ATOM   1072 O OH  . TYR B 1 56 ? 18.892  -16.340 -3.657  1.00 55.98  ? 51  TYR B OH  1 
ATOM   1073 N N   . ARG B 1 57 ? 20.898  -12.961 1.850   1.00 23.62  ? 52  ARG B N   1 
ATOM   1074 C CA  . ARG B 1 57 ? 19.560  -12.556 2.248   1.00 25.14  ? 52  ARG B CA  1 
ATOM   1075 C C   . ARG B 1 57 ? 19.394  -11.051 2.158   1.00 25.89  ? 52  ARG B C   1 
ATOM   1076 O O   . ARG B 1 57 ? 18.357  -10.564 1.709   1.00 25.09  ? 52  ARG B O   1 
ATOM   1077 C CB  . ARG B 1 57 ? 19.265  -13.033 3.669   1.00 26.60  ? 52  ARG B CB  1 
ATOM   1078 C CG  . ARG B 1 57 ? 18.898  -14.508 3.717   1.00 28.32  ? 52  ARG B CG  1 
ATOM   1079 C CD  . ARG B 1 57 ? 18.991  -15.098 5.111   1.00 35.65  ? 52  ARG B CD  1 
ATOM   1080 N NE  . ARG B 1 57 ? 18.381  -16.422 5.167   1.00 43.72  ? 52  ARG B NE  1 
ATOM   1081 C CZ  . ARG B 1 57 ? 18.476  -17.243 6.207   1.00 47.98  ? 52  ARG B CZ  1 
ATOM   1082 N NH1 . ARG B 1 57 ? 19.168  -16.878 7.278   1.00 52.39  ? 52  ARG B NH1 1 
ATOM   1083 N NH2 . ARG B 1 57 ? 17.869  -18.423 6.182   1.00 47.90  ? 52  ARG B NH2 1 
ATOM   1084 N N   . GLU B 1 58 ? 20.417  -10.318 2.584   1.00 23.40  ? 53  GLU B N   1 
ATOM   1085 C CA  . GLU B 1 58 ? 20.380  -8.862  2.535   1.00 23.89  ? 53  GLU B CA  1 
ATOM   1086 C C   . GLU B 1 58 ? 20.424  -8.391  1.074   1.00 21.58  ? 53  GLU B C   1 
ATOM   1087 O O   . GLU B 1 58 ? 19.781  -7.413  0.713   1.00 20.34  ? 53  GLU B O   1 
ATOM   1088 C CB  . GLU B 1 58 ? 21.550  -8.279  3.328   1.00 21.03  ? 53  GLU B CB  1 
ATOM   1089 C CG  . GLU B 1 58 ? 21.382  -6.806  3.645   1.00 31.71  ? 53  GLU B CG  1 
ATOM   1090 C CD  . GLU B 1 58 ? 22.485  -6.267  4.539   1.00 31.91  ? 53  GLU B CD  1 
ATOM   1091 O OE1 . GLU B 1 58 ? 23.655  -6.252  4.094   1.00 30.21  ? 53  GLU B OE1 1 
ATOM   1092 O OE2 . GLU B 1 58 ? 22.178  -5.859  5.683   1.00 37.84  ? 53  GLU B OE2 1 
ATOM   1093 N N   . ALA B 1 59 ? 21.184  -9.092  0.237   1.00 18.97  ? 54  ALA B N   1 
ATOM   1094 C CA  . ALA B 1 59 ? 21.274  -8.772  -1.184  1.00 22.57  ? 54  ALA B CA  1 
ATOM   1095 C C   . ALA B 1 59 ? 19.897  -8.956  -1.826  1.00 19.55  ? 54  ALA B C   1 
ATOM   1096 O O   . ALA B 1 59 ? 19.488  -8.158  -2.675  1.00 22.83  ? 54  ALA B O   1 
ATOM   1097 C CB  . ALA B 1 59 ? 22.287  -9.681  -1.866  1.00 18.54  ? 54  ALA B CB  1 
ATOM   1098 N N   . ALA B 1 60 ? 19.189  -10.013 -1.437  1.00 17.92  ? 55  ALA B N   1 
ATOM   1099 C CA  . ALA B 1 60 ? 17.860  -10.259 -1.980  1.00 20.43  ? 55  ALA B CA  1 
ATOM   1100 C C   . ALA B 1 60 ? 16.920  -9.126  -1.581  1.00 23.13  ? 55  ALA B C   1 
ATOM   1101 O O   . ALA B 1 60 ? 16.093  -8.692  -2.368  1.00 22.95  ? 55  ALA B O   1 
ATOM   1102 C CB  . ALA B 1 60 ? 17.319  -11.579 -1.473  1.00 18.87  ? 55  ALA B CB  1 
ATOM   1103 N N   . CYS B 1 61 ? 17.059  -8.647  -0.351  1.00 21.38  ? 56  CYS B N   1 
ATOM   1104 C CA  . CYS B 1 61 ? 16.214  -7.563  0.143   1.00 21.20  ? 56  CYS B CA  1 
ATOM   1105 C C   . CYS B 1 61 ? 16.457  -6.281  -0.623  1.00 22.61  ? 56  CYS B C   1 
ATOM   1106 O O   . CYS B 1 61 ? 15.512  -5.580  -0.957  1.00 19.69  ? 56  CYS B O   1 
ATOM   1107 C CB  . CYS B 1 61 ? 16.447  -7.310  1.636   1.00 22.65  ? 56  CYS B CB  1 
ATOM   1108 S SG  . CYS B 1 61 ? 15.838  -8.610  2.727   1.00 27.31  ? 56  CYS B SG  1 
ATOM   1109 N N   . SER B 1 62 ? 17.719  -5.975  -0.910  1.00 19.24  ? 57  SER B N   1 
ATOM   1110 C CA  . SER B 1 62 ? 18.045  -4.759  -1.656  1.00 18.14  ? 57  SER B CA  1 
ATOM   1111 C C   . SER B 1 62 ? 17.480  -4.846  -3.077  1.00 17.30  ? 57  SER B C   1 
ATOM   1112 O O   . SER B 1 62 ? 17.031  -3.837  -3.645  1.00 21.89  ? 57  SER B O   1 
ATOM   1113 C CB  . SER B 1 62 ? 19.564  -4.537  -1.704  1.00 16.97  ? 57  SER B CB  1 
ATOM   1114 O OG  . SER B 1 62 ? 20.201  -5.504  -2.527  1.00 23.63  ? 57  SER B OG  1 
ATOM   1115 N N   . GLN B 1 63 ? 17.492  -6.053  -3.640  1.00 19.05  ? 58  GLN B N   1 
ATOM   1116 C CA  . GLN B 1 63 ? 16.979  -6.277  -4.983  1.00 21.17  ? 58  GLN B CA  1 
ATOM   1117 C C   . GLN B 1 63 ? 15.473  -6.091  -5.014  1.00 19.75  ? 58  GLN B C   1 
ATOM   1118 O O   . GLN B 1 63 ? 14.930  -5.559  -5.971  1.00 20.96  ? 58  GLN B O   1 
ATOM   1119 C CB  . GLN B 1 63 ? 17.329  -7.684  -5.454  1.00 26.61  ? 58  GLN B CB  1 
ATOM   1120 C CG  . GLN B 1 63 ? 18.085  -7.720  -6.767  1.00 42.70  ? 58  GLN B CG  1 
ATOM   1121 C CD  . GLN B 1 63 ? 17.569  -8.809  -7.689  1.00 47.06  ? 58  GLN B CD  1 
ATOM   1122 O OE1 . GLN B 1 63 ? 18.064  -8.989  -8.796  1.00 51.83  ? 58  GLN B OE1 1 
ATOM   1123 N NE2 . GLN B 1 63 ? 16.557  -9.537  -7.236  1.00 50.15  ? 58  GLN B NE2 1 
ATOM   1124 N N   . LEU B 1 64 ? 14.798  -6.531  -3.960  1.00 19.90  ? 59  LEU B N   1 
ATOM   1125 C CA  . LEU B 1 64 ? 13.347  -6.398  -3.880  1.00 22.11  ? 59  LEU B CA  1 
ATOM   1126 C C   . LEU B 1 64 ? 12.998  -4.928  -3.645  1.00 24.64  ? 59  LEU B C   1 
ATOM   1127 O O   . LEU B 1 64 ? 12.077  -4.395  -4.270  1.00 21.29  ? 59  LEU B O   1 
ATOM   1128 C CB  . LEU B 1 64 ? 12.788  -7.238  -2.729  1.00 21.40  ? 59  LEU B CB  1 
ATOM   1129 C CG  . LEU B 1 64 ? 11.373  -7.811  -2.863  1.00 30.30  ? 59  LEU B CG  1 
ATOM   1130 C CD1 . LEU B 1 64 ? 10.756  -7.918  -1.468  1.00 24.85  ? 59  LEU B CD1 1 
ATOM   1131 C CD2 . LEU B 1 64 ? 10.511  -6.945  -3.760  1.00 27.64  ? 59  LEU B CD2 1 
ATOM   1132 N N   . ALA B 1 65 ? 13.737  -4.279  -2.746  1.00 22.57  ? 60  ALA B N   1 
ATOM   1133 C CA  . ALA B 1 65 ? 13.501  -2.875  -2.452  1.00 23.72  ? 60  ALA B CA  1 
ATOM   1134 C C   . ALA B 1 65 ? 13.632  -2.084  -3.760  1.00 22.41  ? 60  ALA B C   1 
ATOM   1135 O O   . ALA B 1 65 ? 12.819  -1.209  -4.057  1.00 21.81  ? 60  ALA B O   1 
ATOM   1136 C CB  . ALA B 1 65 ? 14.506  -2.375  -1.412  1.00 25.76  ? 60  ALA B CB  1 
ATOM   1137 N N   . LYS B 1 66 ? 14.652  -2.407  -4.549  1.00 18.25  ? 61  LYS B N   1 
ATOM   1138 C CA  . LYS B 1 66 ? 14.872  -1.728  -5.820  1.00 17.51  ? 61  LYS B CA  1 
ATOM   1139 C C   . LYS B 1 66 ? 13.733  -1.955  -6.825  1.00 20.70  ? 61  LYS B C   1 
ATOM   1140 O O   . LYS B 1 66 ? 13.300  -1.006  -7.479  1.00 24.84  ? 61  LYS B O   1 
ATOM   1141 C CB  . LYS B 1 66 ? 16.195  -2.173  -6.445  1.00 21.88  ? 61  LYS B CB  1 
ATOM   1142 C CG  . LYS B 1 66 ? 16.558  -1.387  -7.688  1.00 26.56  ? 61  LYS B CG  1 
ATOM   1143 C CD  . LYS B 1 66 ? 16.607  0.104   -7.381  1.00 32.00  ? 61  LYS B CD  1 
ATOM   1144 C CE  . LYS B 1 66 ? 16.982  0.908   -8.604  1.00 37.79  ? 61  LYS B CE  1 
ATOM   1145 N NZ  . LYS B 1 66 ? 16.799  2.368   -8.361  1.00 42.42  ? 61  LYS B NZ  1 
ATOM   1146 N N   . ALA B 1 67 ? 13.252  -3.194  -6.954  1.00 18.72  ? 62  ALA B N   1 
ATOM   1147 C CA  . ALA B 1 67 ? 12.165  -3.512  -7.877  1.00 22.82  ? 62  ALA B CA  1 
ATOM   1148 C C   . ALA B 1 67 ? 10.896  -2.741  -7.490  1.00 24.31  ? 62  ALA B C   1 
ATOM   1149 O O   . ALA B 1 67 ? 10.109  -2.323  -8.349  1.00 25.27  ? 62  ALA B O   1 
ATOM   1150 C CB  . ALA B 1 67 ? 11.896  -4.996  -7.858  1.00 22.56  ? 62  ALA B CB  1 
ATOM   1151 N N   . MET B 1 68 ? 10.693  -2.575  -6.186  1.00 22.92  ? 63  MET B N   1 
ATOM   1152 C CA  . MET B 1 68 ? 9.535   -1.844  -5.670  1.00 25.78  ? 63  MET B CA  1 
ATOM   1153 C C   . MET B 1 68 ? 9.661   -0.343  -5.960  1.00 27.57  ? 63  MET B C   1 
ATOM   1154 O O   . MET B 1 68 ? 8.675   0.287   -6.335  1.00 30.67  ? 63  MET B O   1 
ATOM   1155 C CB  . MET B 1 68 ? 9.395   -2.088  -4.166  1.00 25.50  ? 63  MET B CB  1 
ATOM   1156 C CG  . MET B 1 68 ? 8.912   -3.489  -3.806  1.00 29.26  ? 63  MET B CG  1 
ATOM   1157 S SD  . MET B 1 68 ? 9.110   -3.836  -2.053  1.00 32.58  ? 63  MET B SD  1 
ATOM   1158 C CE  . MET B 1 68 ? 8.047   -2.561  -1.327  1.00 34.77  ? 63  MET B CE  1 
ATOM   1159 N N   . GLU B 1 69 ? 10.865  0.213   -5.785  1.00 25.71  ? 64  GLU B N   1 
ATOM   1160 C CA  . GLU B 1 69 ? 11.136  1.632   -6.045  1.00 29.77  ? 64  GLU B CA  1 
ATOM   1161 C C   . GLU B 1 69 ? 10.809  1.925   -7.508  1.00 31.08  ? 64  GLU B C   1 
ATOM   1162 O O   . GLU B 1 69 ? 10.155  2.913   -7.831  1.00 29.58  ? 64  GLU B O   1 
ATOM   1163 C CB  . GLU B 1 69 ? 12.625  1.961   -5.769  1.00 30.18  ? 64  GLU B CB  1 
ATOM   1164 C CG  . GLU B 1 69 ? 13.166  3.328   -6.315  1.00 40.95  ? 64  GLU B CG  1 
ATOM   1165 C CD  . GLU B 1 69 ? 12.597  4.518   -5.567  1.00 43.28  ? 64  GLU B CD  1 
ATOM   1166 O OE1 . GLU B 1 69 ? 11.719  4.251   -4.723  1.00 45.08  ? 64  GLU B OE1 1 
ATOM   1167 O OE2 . GLU B 1 69 ? 12.996  5.695   -5.804  1.00 46.77  ? 64  GLU B OE2 1 
ATOM   1168 N N   . THR B 1 70 ? 11.283  1.051   -8.388  1.00 28.56  ? 65  THR B N   1 
ATOM   1169 C CA  . THR B 1 70 ? 11.072  1.179   -9.821  1.00 29.21  ? 65  THR B CA  1 
ATOM   1170 C C   . THR B 1 70 ? 9.579   1.142   -10.130 1.00 32.07  ? 65  THR B C   1 
ATOM   1171 O O   . THR B 1 70 ? 9.045   2.021   -10.818 1.00 33.01  ? 65  THR B O   1 
ATOM   1172 C CB  . THR B 1 70 ? 11.799  0.038   -10.558 1.00 30.45  ? 65  THR B CB  1 
ATOM   1173 O OG1 . THR B 1 70 ? 13.210  0.238   -10.450 1.00 34.98  ? 65  THR B OG1 1 
ATOM   1174 C CG2 . THR B 1 70 ? 11.420  -0.004  -12.011 1.00 31.32  ? 65  THR B CG2 1 
ATOM   1175 N N   . PHE B 1 71 ? 8.907   0.117   -9.616  1.00 29.70  ? 66  PHE B N   1 
ATOM   1176 C CA  . PHE B 1 71 ? 7.473   -0.034  -9.821  1.00 30.08  ? 66  PHE B CA  1 
ATOM   1177 C C   . PHE B 1 71 ? 6.741   1.241   -9.393  1.00 33.65  ? 66  PHE B C   1 
ATOM   1178 O O   . PHE B 1 71 ? 5.973   1.814   -10.149 1.00 30.59  ? 66  PHE B O   1 
ATOM   1179 C CB  . PHE B 1 71 ? 6.965   -1.219  -9.013  1.00 26.65  ? 66  PHE B CB  1 
ATOM   1180 C CG  . PHE B 1 71 ? 5.492   -1.413  -9.108  1.00 28.35  ? 66  PHE B CG  1 
ATOM   1181 C CD1 . PHE B 1 71 ? 4.941   -2.096  -10.177 1.00 26.17  ? 66  PHE B CD1 1 
ATOM   1182 C CD2 . PHE B 1 71 ? 4.647   -0.879  -8.144  1.00 31.28  ? 66  PHE B CD2 1 
ATOM   1183 C CE1 . PHE B 1 71 ? 3.567   -2.244  -10.288 1.00 30.09  ? 66  PHE B CE1 1 
ATOM   1184 C CE2 . PHE B 1 71 ? 3.266   -1.021  -8.248  1.00 32.18  ? 66  PHE B CE2 1 
ATOM   1185 C CZ  . PHE B 1 71 ? 2.726   -1.705  -9.323  1.00 32.80  ? 66  PHE B CZ  1 
ATOM   1186 N N   . ASN B 1 72 ? 7.001   1.696   -8.179  1.00 31.91  ? 67  ASN B N   1 
ATOM   1187 C CA  . ASN B 1 72 ? 6.358   2.892   -7.666  1.00 36.82  ? 67  ASN B CA  1 
ATOM   1188 C C   . ASN B 1 72 ? 6.784   4.206   -8.349  1.00 39.61  ? 67  ASN B C   1 
ATOM   1189 O O   . ASN B 1 72 ? 5.974   4.872   -8.996  1.00 42.87  ? 67  ASN B O   1 
ATOM   1190 C CB  . ASN B 1 72 ? 6.624   2.976   -6.162  1.00 29.96  ? 67  ASN B CB  1 
ATOM   1191 C CG  . ASN B 1 72 ? 5.874   4.106   -5.496  1.00 26.20  ? 67  ASN B CG  1 
ATOM   1192 O OD1 . ASN B 1 72 ? 6.476   4.997   -4.902  1.00 35.32  ? 67  ASN B OD1 1 
ATOM   1193 N ND2 . ASN B 1 72 ? 4.552   4.072   -5.582  1.00 29.48  ? 67  ASN B ND2 1 
ATOM   1194 N N   . HIS B 1 73 ? 8.057   4.566   -8.206  1.00 45.51  ? 68  HIS B N   1 
ATOM   1195 C CA  . HIS B 1 73 ? 8.604   5.813   -8.748  1.00 49.38  ? 68  HIS B CA  1 
ATOM   1196 C C   . HIS B 1 73 ? 8.897   5.916   -10.228 1.00 54.88  ? 68  HIS B C   1 
ATOM   1197 O O   . HIS B 1 73 ? 8.869   7.016   -10.777 1.00 56.75  ? 68  HIS B O   1 
ATOM   1198 C CB  . HIS B 1 73 ? 9.877   6.194   -7.997  1.00 47.27  ? 68  HIS B CB  1 
ATOM   1199 C CG  . HIS B 1 73 ? 9.620   6.745   -6.637  1.00 47.46  ? 68  HIS B CG  1 
ATOM   1200 N ND1 . HIS B 1 73 ? 10.562  6.721   -5.633  1.00 53.34  ? 68  HIS B ND1 1 
ATOM   1201 C CD2 . HIS B 1 73 ? 8.512   7.312   -6.105  1.00 51.66  ? 68  HIS B CD2 1 
ATOM   1202 C CE1 . HIS B 1 73 ? 10.040  7.242   -4.535  1.00 51.36  ? 68  HIS B CE1 1 
ATOM   1203 N NE2 . HIS B 1 73 ? 8.798   7.609   -4.795  1.00 54.73  ? 68  HIS B NE2 1 
ATOM   1204 N N   . ASN B 1 74 ? 9.190   4.801   -10.887 1.00 61.66  ? 69  ASN B N   1 
ATOM   1205 C CA  . ASN B 1 74 ? 9.496   4.868   -12.312 1.00 68.11  ? 69  ASN B CA  1 
ATOM   1206 C C   . ASN B 1 74 ? 8.281   4.739   -13.205 1.00 70.79  ? 69  ASN B C   1 
ATOM   1207 O O   . ASN B 1 74 ? 7.560   5.714   -13.420 1.00 72.70  ? 69  ASN B O   1 
ATOM   1208 C CB  . ASN B 1 74 ? 10.546  3.822   -12.686 1.00 69.15  ? 69  ASN B CB  1 
ATOM   1209 C CG  . ASN B 1 74 ? 11.932  4.223   -12.230 1.00 72.05  ? 69  ASN B CG  1 
ATOM   1210 O OD1 . ASN B 1 74 ? 12.462  5.248   -12.662 1.00 73.78  ? 69  ASN B OD1 1 
ATOM   1211 N ND2 . ASN B 1 74 ? 12.526  3.427   -11.343 1.00 74.30  ? 69  ASN B ND2 1 
ATOM   1212 N N   . ASN B 1 75 ? 8.048   3.546   -13.732 1.00 73.39  ? 70  ASN B N   1 
ATOM   1213 C CA  . ASN B 1 75 ? 6.903   3.358   -14.604 1.00 76.38  ? 70  ASN B CA  1 
ATOM   1214 C C   . ASN B 1 75 ? 5.671   2.985   -13.802 1.00 75.64  ? 70  ASN B C   1 
ATOM   1215 O O   . ASN B 1 75 ? 4.695   3.745   -13.751 1.00 75.46  ? 70  ASN B O   1 
ATOM   1216 C CB  . ASN B 1 75 ? 7.214   2.285   -15.650 1.00 78.66  ? 70  ASN B CB  1 
ATOM   1217 C CG  . ASN B 1 75 ? 8.302   2.717   -16.617 1.00 81.87  ? 70  ASN B CG  1 
ATOM   1218 O OD1 . ASN B 1 75 ? 8.116   3.650   -17.409 1.00 82.86  ? 70  ASN B OD1 1 
ATOM   1219 N ND2 . ASN B 1 75 ? 9.454   2.049   -16.551 1.00 83.18  ? 70  ASN B ND2 1 
ATOM   1220 N N   . GLY B 1 76 ? 5.727   1.820   -13.165 1.00 75.34  ? 71  GLY B N   1 
ATOM   1221 C CA  . GLY B 1 76 ? 4.598   1.359   -12.384 1.00 74.72  ? 71  GLY B CA  1 
ATOM   1222 C C   . GLY B 1 76 ? 3.823   0.322   -13.165 1.00 73.97  ? 71  GLY B C   1 
ATOM   1223 O O   . GLY B 1 76 ? 2.591   0.237   -13.065 1.00 75.93  ? 71  GLY B O   1 
ATOM   1224 N N   . ASN B 1 77 ? 4.551   -0.467  -13.950 1.00 72.48  ? 72  ASN B N   1 
ATOM   1225 C CA  . ASN B 1 77 ? 3.931   -1.505  -14.762 1.00 70.51  ? 72  ASN B CA  1 
ATOM   1226 C C   . ASN B 1 77 ? 4.118   -2.855  -14.082 1.00 67.10  ? 72  ASN B C   1 
ATOM   1227 O O   . ASN B 1 77 ? 5.242   -3.218  -13.721 1.00 68.83  ? 72  ASN B O   1 
ATOM   1228 C CB  . ASN B 1 77 ? 4.559   -1.519  -16.157 1.00 72.45  ? 72  ASN B CB  1 
ATOM   1229 C CG  . ASN B 1 77 ? 3.697   -2.242  -17.174 1.00 75.56  ? 72  ASN B CG  1 
ATOM   1230 O OD1 . ASN B 1 77 ? 4.052   -2.324  -18.355 1.00 76.74  ? 72  ASN B OD1 1 
ATOM   1231 N ND2 . ASN B 1 77 ? 2.554   -2.769  -16.723 1.00 75.92  ? 72  ASN B ND2 1 
ATOM   1232 N N   . ASP B 1 78 ? 3.021   -3.586  -13.896 1.00 61.05  ? 73  ASP B N   1 
ATOM   1233 C CA  . ASP B 1 78 ? 3.083   -4.890  -13.248 1.00 57.89  ? 73  ASP B CA  1 
ATOM   1234 C C   . ASP B 1 78 ? 4.243   -5.712  -13.773 1.00 54.19  ? 73  ASP B C   1 
ATOM   1235 O O   . ASP B 1 78 ? 4.213   -6.189  -14.900 1.00 54.18  ? 73  ASP B O   1 
ATOM   1236 C CB  . ASP B 1 78 ? 1.774   -5.631  -13.457 1.00 58.68  ? 73  ASP B CB  1 
ATOM   1237 C CG  . ASP B 1 78 ? 0.696   -5.158  -12.517 1.00 61.30  ? 73  ASP B CG  1 
ATOM   1238 O OD1 . ASP B 1 78 ? 0.617   -3.932  -12.273 1.00 61.86  ? 73  ASP B OD1 1 
ATOM   1239 O OD2 . ASP B 1 78 ? -0.074  -6.010  -12.030 1.00 62.58  ? 73  ASP B OD2 1 
ATOM   1240 N N   . VAL B 1 79 ? 5.263   -5.887  -12.942 1.00 48.92  ? 74  VAL B N   1 
ATOM   1241 C CA  . VAL B 1 79 ? 6.448   -6.624  -13.351 1.00 44.12  ? 74  VAL B CA  1 
ATOM   1242 C C   . VAL B 1 79 ? 6.756   -7.825  -12.463 1.00 38.12  ? 74  VAL B C   1 
ATOM   1243 O O   . VAL B 1 79 ? 6.412   -7.845  -11.289 1.00 35.45  ? 74  VAL B O   1 
ATOM   1244 C CB  . VAL B 1 79 ? 7.671   -5.686  -13.369 1.00 45.53  ? 74  VAL B CB  1 
ATOM   1245 C CG1 . VAL B 1 79 ? 8.018   -5.257  -11.950 1.00 48.51  ? 74  VAL B CG1 1 
ATOM   1246 C CG2 . VAL B 1 79 ? 8.839   -6.371  -14.050 1.00 48.55  ? 74  VAL B CG2 1 
ATOM   1247 N N   . LEU B 1 80 ? 7.403   -8.833  -13.037 1.00 31.67  ? 75  LEU B N   1 
ATOM   1248 C CA  . LEU B 1 80 ? 7.769   -10.030 -12.293 1.00 34.15  ? 75  LEU B CA  1 
ATOM   1249 C C   . LEU B 1 80 ? 9.013   -9.765  -11.453 1.00 33.43  ? 75  LEU B C   1 
ATOM   1250 O O   . LEU B 1 80 ? 9.959   -9.126  -11.913 1.00 32.44  ? 75  LEU B O   1 
ATOM   1251 C CB  . LEU B 1 80 ? 8.050   -11.192 -13.253 1.00 34.80  ? 75  LEU B CB  1 
ATOM   1252 C CG  . LEU B 1 80 ? 8.671   -12.459 -12.661 1.00 31.69  ? 75  LEU B CG  1 
ATOM   1253 C CD1 . LEU B 1 80 ? 7.697   -13.138 -11.738 1.00 37.10  ? 75  LEU B CD1 1 
ATOM   1254 C CD2 . LEU B 1 80 ? 9.050   -13.408 -13.776 1.00 38.52  ? 75  LEU B CD2 1 
ATOM   1255 N N   . TYR B 1 81 ? 9.003   -10.225 -10.208 1.00 31.05  ? 76  TYR B N   1 
ATOM   1256 C CA  . TYR B 1 81 ? 10.174  -10.063 -9.364  1.00 32.61  ? 76  TYR B CA  1 
ATOM   1257 C C   . TYR B 1 81 ? 10.880  -11.412 -9.301  1.00 32.94  ? 76  TYR B C   1 
ATOM   1258 O O   . TYR B 1 81 ? 10.260  -12.439 -9.008  1.00 31.96  ? 76  TYR B O   1 
ATOM   1259 C CB  . TYR B 1 81 ? 9.813   -9.617  -7.947  1.00 29.18  ? 76  TYR B CB  1 
ATOM   1260 C CG  . TYR B 1 81 ? 10.999  -9.720  -7.010  1.00 27.31  ? 76  TYR B CG  1 
ATOM   1261 C CD1 . TYR B 1 81 ? 12.075  -8.841  -7.114  1.00 24.06  ? 76  TYR B CD1 1 
ATOM   1262 C CD2 . TYR B 1 81 ? 11.088  -10.762 -6.084  1.00 23.48  ? 76  TYR B CD2 1 
ATOM   1263 C CE1 . TYR B 1 81 ? 13.207  -9.002  -6.326  1.00 27.90  ? 76  TYR B CE1 1 
ATOM   1264 C CE2 . TYR B 1 81 ? 12.219  -10.935 -5.296  1.00 29.79  ? 76  TYR B CE2 1 
ATOM   1265 C CZ  . TYR B 1 81 ? 13.275  -10.057 -5.425  1.00 25.99  ? 76  TYR B CZ  1 
ATOM   1266 O OH  . TYR B 1 81 ? 14.417  -10.264 -4.685  1.00 32.83  ? 76  TYR B OH  1 
ATOM   1267 N N   . GLN B 1 82 ? 12.180  -11.390 -9.591  1.00 36.08  ? 77  GLN B N   1 
ATOM   1268 C CA  . GLN B 1 82 ? 13.025  -12.585 -9.590  1.00 39.92  ? 77  GLN B CA  1 
ATOM   1269 C C   . GLN B 1 82 ? 14.131  -12.402 -8.553  1.00 36.29  ? 77  GLN B C   1 
ATOM   1270 O O   . GLN B 1 82 ? 14.915  -11.446 -8.637  1.00 35.48  ? 77  GLN B O   1 
ATOM   1271 C CB  . GLN B 1 82 ? 13.666  -12.770 -10.974 1.00 40.99  ? 77  GLN B CB  1 
ATOM   1272 C CG  . GLN B 1 82 ? 12.693  -13.036 -12.112 1.00 51.15  ? 77  GLN B CG  1 
ATOM   1273 C CD  . GLN B 1 82 ? 12.371  -14.511 -12.261 1.00 53.50  ? 77  GLN B CD  1 
ATOM   1274 O OE1 . GLN B 1 82 ? 12.276  -15.245 -11.271 1.00 57.79  ? 77  GLN B OE1 1 
ATOM   1275 N NE2 . GLN B 1 82 ? 12.191  -14.955 -13.504 1.00 58.20  ? 77  GLN B NE2 1 
ATOM   1276 N N   . PRO B 1 83 ? 14.203  -13.294 -7.551  1.00 37.90  ? 78  PRO B N   1 
ATOM   1277 C CA  . PRO B 1 83 ? 15.266  -13.130 -6.556  1.00 37.84  ? 78  PRO B CA  1 
ATOM   1278 C C   . PRO B 1 83 ? 16.635  -13.356 -7.218  1.00 38.24  ? 78  PRO B C   1 
ATOM   1279 O O   . PRO B 1 83 ? 16.717  -13.870 -8.341  1.00 35.94  ? 78  PRO B O   1 
ATOM   1280 C CB  . PRO B 1 83 ? 14.916  -14.185 -5.500  1.00 35.70  ? 78  PRO B CB  1 
ATOM   1281 C CG  . PRO B 1 83 ? 14.198  -15.229 -6.274  1.00 40.30  ? 78  PRO B CG  1 
ATOM   1282 C CD  . PRO B 1 83 ? 13.334  -14.434 -7.216  1.00 40.21  ? 78  PRO B CD  1 
ATOM   1283 N N   . PRO B 1 84 ? 17.727  -12.950 -6.558  1.00 38.89  ? 79  PRO B N   1 
ATOM   1284 C CA  . PRO B 1 84 ? 19.005  -13.189 -7.231  1.00 40.75  ? 79  PRO B CA  1 
ATOM   1285 C C   . PRO B 1 84 ? 19.362  -14.675 -7.237  1.00 43.18  ? 79  PRO B C   1 
ATOM   1286 O O   . PRO B 1 84 ? 19.092  -15.378 -6.265  1.00 43.90  ? 79  PRO B O   1 
ATOM   1287 C CB  . PRO B 1 84 ? 19.983  -12.344 -6.418  1.00 42.88  ? 79  PRO B CB  1 
ATOM   1288 C CG  . PRO B 1 84 ? 19.374  -12.335 -5.052  1.00 42.23  ? 79  PRO B CG  1 
ATOM   1289 C CD  . PRO B 1 84 ? 17.907  -12.160 -5.327  1.00 39.08  ? 79  PRO B CD  1 
ATOM   1290 N N   . THR B 1 85 ? 19.923  -15.163 -8.344  1.00 43.52  ? 80  THR B N   1 
ATOM   1291 C CA  . THR B 1 85 ? 20.332  -16.569 -8.419  1.00 45.66  ? 80  THR B CA  1 
ATOM   1292 C C   . THR B 1 85 ? 21.789  -16.625 -8.007  1.00 46.47  ? 80  THR B C   1 
ATOM   1293 O O   . THR B 1 85 ? 22.475  -15.603 -7.993  1.00 46.85  ? 80  THR B O   1 
ATOM   1294 C CB  . THR B 1 85 ? 20.221  -17.161 -9.840  1.00 46.02  ? 80  THR B CB  1 
ATOM   1295 O OG1 . THR B 1 85 ? 21.007  -16.380 -10.748 1.00 50.93  ? 80  THR B OG1 1 
ATOM   1296 C CG2 . THR B 1 85 ? 18.779  -17.202 -10.290 1.00 48.28  ? 80  THR B CG2 1 
ATOM   1297 N N   . ALA B 1 86 ? 22.276  -17.813 -7.681  1.00 47.56  ? 81  ALA B N   1 
ATOM   1298 C CA  . ALA B 1 86 ? 23.655  -17.909 -7.261  1.00 50.02  ? 81  ALA B CA  1 
ATOM   1299 C C   . ALA B 1 86 ? 24.349  -19.202 -7.607  1.00 49.43  ? 81  ALA B C   1 
ATOM   1300 O O   . ALA B 1 86 ? 23.745  -20.269 -7.693  1.00 46.06  ? 81  ALA B O   1 
ATOM   1301 C CB  . ALA B 1 86 ? 23.751  -17.669 -5.765  1.00 47.91  ? 81  ALA B CB  1 
ATOM   1302 N N   . SER B 1 87 ? 25.648  -19.075 -7.825  1.00 53.09  ? 82  SER B N   1 
ATOM   1303 C CA  . SER B 1 87 ? 26.484  -20.220 -8.105  1.00 57.43  ? 82  SER B CA  1 
ATOM   1304 C C   . SER B 1 87 ? 26.948  -20.557 -6.696  1.00 58.78  ? 82  SER B C   1 
ATOM   1305 O O   . SER B 1 87 ? 27.742  -19.834 -6.083  1.00 58.67  ? 82  SER B O   1 
ATOM   1306 C CB  . SER B 1 87 ? 27.628  -19.913 -9.060  1.00 20.00  ? 82  SER B CB  1 
ATOM   1307 N N   . VAL B 1 88 ? 26.397  -21.633 -6.160  1.00 62.63  ? 83  VAL B N   1 
ATOM   1308 C CA  . VAL B 1 88 ? 26.728  -22.044 -4.813  1.00 65.46  ? 83  VAL B CA  1 
ATOM   1309 C C   . VAL B 1 88 ? 27.991  -22.875 -4.808  1.00 66.86  ? 83  VAL B C   1 
ATOM   1310 O O   . VAL B 1 88 ? 28.244  -23.654 -5.724  1.00 68.04  ? 83  VAL B O   1 
ATOM   1311 C CB  . VAL B 1 88 ? 25.574  -22.854 -4.196  1.00 65.58  ? 83  VAL B CB  1 
ATOM   1312 C CG1 . VAL B 1 88 ? 25.824  -23.090 -2.714  1.00 67.31  ? 83  VAL B CG1 1 
ATOM   1313 C CG2 . VAL B 1 88 ? 24.259  -22.119 -4.415  1.00 66.21  ? 83  VAL B CG2 1 
ATOM   1314 N N   . THR B 1 89 ? 28.792  -22.679 -3.770  1.00 70.04  ? 84  THR B N   1 
ATOM   1315 C CA  . THR B 1 89 ? 30.034  -23.403 -3.603  1.00 72.05  ? 84  THR B CA  1 
ATOM   1316 C C   . THR B 1 89 ? 30.000  -24.092 -2.240  1.00 73.71  ? 84  THR B C   1 
ATOM   1317 O O   . THR B 1 89 ? 30.038  -23.437 -1.195  1.00 73.47  ? 84  THR B O   1 
ATOM   1318 C CB  . THR B 1 89 ? 31.241  -22.445 -3.699  1.00 72.69  ? 84  THR B CB  1 
ATOM   1319 O OG1 . THR B 1 89 ? 31.025  -21.309 -2.852  1.00 74.50  ? 84  THR B OG1 1 
ATOM   1320 C CG2 . THR B 1 89 ? 31.420  -21.966 -5.133  1.00 73.45  ? 84  THR B CG2 1 
ATOM   1321 N N   . THR B 1 90 ? 29.899  -25.420 -2.263  1.00 75.78  ? 85  THR B N   1 
ATOM   1322 C CA  . THR B 1 90 ? 29.852  -26.212 -1.036  1.00 77.47  ? 85  THR B CA  1 
ATOM   1323 C C   . THR B 1 90 ? 31.228  -26.324 -0.382  1.00 78.63  ? 85  THR B C   1 
ATOM   1324 O O   . THR B 1 90 ? 31.703  -25.296 0.156   1.00 78.22  ? 85  THR B O   1 
ATOM   1325 C CB  . THR B 1 90 ? 29.321  -27.643 -1.305  1.00 77.77  ? 85  THR B CB  1 
ATOM   1326 O OG1 . THR B 1 90 ? 30.174  -28.300 -2.253  1.00 76.91  ? 85  THR B OG1 1 
ATOM   1327 C CG2 . THR B 1 90 ? 27.893  -27.598 -1.837  1.00 76.42  ? 85  THR B CG2 1 
HETATM 1328 O O   . HOH C 2 .  ? -10.469 17.004  3.039   1.00 34.84  ? 90  HOH A O   1 
HETATM 1329 O O   . HOH C 2 .  ? -2.131  4.028   -6.070  1.00 50.37  ? 91  HOH A O   1 
HETATM 1330 O O   . HOH C 2 .  ? -1.551  9.499   -0.142  1.00 30.15  ? 92  HOH A O   1 
HETATM 1331 O O   . HOH C 2 .  ? -15.846 -4.240  -5.156  1.00 34.20  ? 93  HOH A O   1 
HETATM 1332 O O   . HOH C 2 .  ? -1.972  5.068   10.605  1.00 48.69  ? 94  HOH A O   1 
HETATM 1333 O O   . HOH C 2 .  ? -13.246 -8.629  9.570   1.00 66.56  ? 95  HOH A O   1 
HETATM 1334 O O   . HOH C 2 .  ? 1.414   2.351   -2.136  1.00 50.61  ? 96  HOH A O   1 
HETATM 1335 O O   . HOH C 2 .  ? -4.992  -2.244  14.513  1.00 28.98  ? 97  HOH A O   1 
HETATM 1336 O O   . HOH C 2 .  ? -17.660 15.341  13.303  1.00 34.52  ? 98  HOH A O   1 
HETATM 1337 O O   . HOH C 2 .  ? -12.968 -3.376  -4.568  1.00 32.21  ? 99  HOH A O   1 
HETATM 1338 O O   . HOH C 2 .  ? -9.638  17.470  0.870   1.00 60.40  ? 100 HOH A O   1 
HETATM 1339 O O   . HOH C 2 .  ? -4.403  9.325   2.379   1.00 40.27  ? 101 HOH A O   1 
HETATM 1340 O O   . HOH C 2 .  ? -13.423 -3.530  8.292   1.00 37.34  ? 102 HOH A O   1 
HETATM 1341 O O   . HOH C 2 .  ? -1.453  -8.252  7.090   1.00 53.81  ? 103 HOH A O   1 
HETATM 1342 O O   . HOH C 2 .  ? -36.737 22.810  3.040   1.00 58.90  ? 104 HOH A O   1 
HETATM 1343 O O   . HOH C 2 .  ? -9.709  6.381   -5.458  1.00 36.91  ? 105 HOH A O   1 
HETATM 1344 O O   . HOH C 2 .  ? -19.801 8.064   15.479  1.00 56.17  ? 106 HOH A O   1 
HETATM 1345 O O   . HOH C 2 .  ? -6.526  -3.392  12.645  1.00 38.51  ? 107 HOH A O   1 
HETATM 1346 O O   . HOH C 2 .  ? -4.572  5.193   -6.170  1.00 33.83  ? 108 HOH A O   1 
HETATM 1347 O O   . HOH C 2 .  ? -18.406 4.100   7.400   1.00 33.57  ? 109 HOH A O   1 
HETATM 1348 O O   . HOH C 2 .  ? -17.192 13.372  -7.600  1.00 44.48  ? 110 HOH A O   1 
HETATM 1349 O O   . HOH C 2 .  ? -3.831  9.111   8.701   1.00 40.07  ? 111 HOH A O   1 
HETATM 1350 O O   . HOH C 2 .  ? -9.090  15.238  -1.359  1.00 52.17  ? 112 HOH A O   1 
HETATM 1351 O O   . HOH C 2 .  ? -10.671 3.875   14.889  1.00 44.87  ? 113 HOH A O   1 
HETATM 1352 O O   . HOH C 2 .  ? -8.904  -3.563  -6.102  1.00 47.14  ? 114 HOH A O   1 
HETATM 1353 O O   . HOH C 2 .  ? -14.579 -0.556  7.503   1.00 42.07  ? 115 HOH A O   1 
HETATM 1354 O O   . HOH C 2 .  ? -15.797 12.483  13.421  1.00 39.67  ? 116 HOH A O   1 
HETATM 1355 O O   . HOH C 2 .  ? -17.810 12.689  -3.380  1.00 39.74  ? 117 HOH A O   1 
HETATM 1356 O O   . HOH C 2 .  ? -8.593  10.994  -5.374  1.00 50.56  ? 118 HOH A O   1 
HETATM 1357 O O   . HOH C 2 .  ? -1.227  14.676  7.945   1.00 46.67  ? 119 HOH A O   1 
HETATM 1358 O O   . HOH C 2 .  ? -6.682  -1.958  16.837  1.00 51.70  ? 120 HOH A O   1 
HETATM 1359 O O   . HOH C 2 .  ? -15.749 8.315   14.605  1.00 51.97  ? 121 HOH A O   1 
HETATM 1360 O O   . HOH C 2 .  ? -16.092 5.481   16.077  1.00 86.44  ? 122 HOH A O   1 
HETATM 1361 O O   . HOH C 2 .  ? -3.974  15.806  9.002   1.00 41.29  ? 123 HOH A O   1 
HETATM 1362 O O   . HOH C 2 .  ? -18.347 0.294   5.200   1.00 47.82  ? 124 HOH A O   1 
HETATM 1363 O O   . HOH C 2 .  ? -30.537 19.943  7.169   1.00 75.65  ? 125 HOH A O   1 
HETATM 1364 O O   . HOH C 2 .  ? -14.422 -5.562  1.105   1.00 178.25 ? 126 HOH A O   1 
HETATM 1365 O O   . HOH C 2 .  ? -6.221  17.085  8.317   1.00 37.24  ? 127 HOH A O   1 
HETATM 1366 O O   . HOH C 2 .  ? -2.303  3.203   5.907   1.00 43.91  ? 128 HOH A O   1 
HETATM 1367 O O   . HOH C 2 .  ? -0.521  11.001  9.033   1.00 50.50  ? 129 HOH A O   1 
HETATM 1368 O O   . HOH C 2 .  ? -3.033  -5.241  -8.261  1.00 40.31  ? 130 HOH A O   1 
HETATM 1369 O O   . HOH C 2 .  ? -16.093 14.840  4.375   1.00 81.46  ? 131 HOH A O   1 
HETATM 1370 O O   . HOH C 2 .  ? -19.204 19.505  -9.241  1.00 62.08  ? 132 HOH A O   1 
HETATM 1371 O O   . HOH C 2 .  ? -10.443 -5.602  8.705   1.00 54.84  ? 133 HOH A O   1 
HETATM 1372 O O   . HOH C 2 .  ? -25.163 -0.191  -2.216  1.00 68.12  ? 134 HOH A O   1 
HETATM 1373 O O   . HOH C 2 .  ? -4.256  -2.523  5.021   1.00 51.72  ? 135 HOH A O   1 
HETATM 1374 O O   . HOH C 2 .  ? -7.123  -6.000  14.692  1.00 51.08  ? 136 HOH A O   1 
HETATM 1375 O O   . HOH C 2 .  ? -17.127 -0.350  7.189   1.00 35.78  ? 138 HOH A O   1 
HETATM 1376 O O   . HOH C 2 .  ? -0.684  8.021   4.453   1.00 56.13  ? 139 HOH A O   1 
HETATM 1377 O O   . HOH C 2 .  ? -29.024 11.309  -2.241  1.00 58.72  ? 140 HOH A O   1 
HETATM 1378 O O   . HOH C 2 .  ? -20.180 2.079   4.969   1.00 52.72  ? 141 HOH A O   1 
HETATM 1379 O O   . HOH C 2 .  ? -8.153  16.911  10.443  1.00 48.89  ? 142 HOH A O   1 
HETATM 1380 O O   . HOH C 2 .  ? 0.482   1.293   -4.516  1.00 45.87  ? 143 HOH A O   1 
HETATM 1381 O O   . HOH C 2 .  ? -7.347  -5.800  -9.230  1.00 63.47  ? 144 HOH A O   1 
HETATM 1382 O O   . HOH C 2 .  ? -26.713 7.707   13.305  1.00 56.61  ? 145 HOH A O   1 
HETATM 1383 O O   . HOH C 2 .  ? -13.659 13.944  -7.712  1.00 56.49  ? 146 HOH A O   1 
HETATM 1384 O O   . HOH C 2 .  ? -13.424 8.912   13.372  1.00 57.71  ? 147 HOH A O   1 
HETATM 1385 O O   . HOH C 2 .  ? -3.446  -2.387  2.599   1.00 50.08  ? 148 HOH A O   1 
HETATM 1386 O O   . HOH C 2 .  ? -5.919  14.587  -1.828  1.00 39.68  ? 149 HOH A O   1 
HETATM 1387 O O   . HOH C 2 .  ? -32.503 9.215   1.728   1.00 55.90  ? 150 HOH A O   1 
HETATM 1388 O O   . HOH C 2 .  ? -15.284 -7.323  -4.831  1.00 55.12  ? 151 HOH A O   1 
HETATM 1389 O O   . HOH C 2 .  ? -12.689 21.298  7.748   1.00 62.76  ? 152 HOH A O   1 
HETATM 1390 O O   . HOH C 2 .  ? -16.605 -3.321  -7.357  1.00 45.21  ? 153 HOH A O   1 
HETATM 1391 O O   . HOH C 2 .  ? -17.710 2.290   8.826   1.00 41.43  ? 154 HOH A O   1 
HETATM 1392 O O   . HOH C 2 .  ? -1.655  -8.951  3.656   1.00 48.28  ? 155 HOH A O   1 
HETATM 1393 O O   . HOH C 2 .  ? -32.031 20.192  -1.444  1.00 65.44  ? 156 HOH A O   1 
HETATM 1394 O O   . HOH C 2 .  ? -6.388  4.824   7.763   1.00 43.47  ? 157 HOH A O   1 
HETATM 1395 O O   . HOH C 2 .  ? -9.333  4.050   -6.224  1.00 51.07  ? 158 HOH A O   1 
HETATM 1396 O O   . HOH D 2 .  ? 22.771  -1.844  -11.363 1.00 109.37 ? 90  HOH B O   1 
HETATM 1397 O O   . HOH D 2 .  ? 16.981  -2.606  6.531   1.00 31.16  ? 91  HOH B O   1 
HETATM 1398 O O   . HOH D 2 .  ? 11.707  -1.890  10.958  1.00 64.74  ? 92  HOH B O   1 
HETATM 1399 O O   . HOH D 2 .  ? 3.654   1.341   5.205   1.00 40.71  ? 93  HOH B O   1 
HETATM 1400 O O   . HOH D 2 .  ? 2.545   -13.682 -8.111  1.00 30.97  ? 94  HOH B O   1 
HETATM 1401 O O   . HOH D 2 .  ? 15.109  5.835   -8.347  1.00 54.86  ? 95  HOH B O   1 
HETATM 1402 O O   . HOH D 2 .  ? 17.259  3.994   6.512   1.00 34.37  ? 96  HOH B O   1 
HETATM 1403 O O   . HOH D 2 .  ? 20.080  -4.001  1.260   1.00 153.86 ? 97  HOH B O   1 
HETATM 1404 O O   . HOH D 2 .  ? 19.440  2.806   -5.619  1.00 47.27  ? 98  HOH B O   1 
HETATM 1405 O O   . HOH D 2 .  ? 19.089  -18.496 1.087   0.50 43.58  ? 99  HOH B O   1 
HETATM 1406 O O   . HOH D 2 .  ? 5.509   0.515   6.708   1.00 29.87  ? 100 HOH B O   1 
HETATM 1407 O O   . HOH D 2 .  ? 14.693  6.116   5.686   1.00 39.81  ? 101 HOH B O   1 
HETATM 1408 O O   . HOH D 2 .  ? 2.771   -8.697  5.954   1.00 42.35  ? 102 HOH B O   1 
HETATM 1409 O O   . HOH D 2 .  ? 24.989  0.454   -2.442  1.00 29.13  ? 103 HOH B O   1 
HETATM 1410 O O   . HOH D 2 .  ? 1.984   -12.002 -4.239  1.00 49.06  ? 104 HOH B O   1 
HETATM 1411 O O   . HOH D 2 .  ? 11.576  -6.845  -10.775 1.00 50.07  ? 105 HOH B O   1 
HETATM 1412 O O   . HOH D 2 .  ? 19.000  2.532   -10.658 1.00 75.48  ? 106 HOH B O   1 
HETATM 1413 O O   . HOH D 2 .  ? 6.166   3.604   3.912   1.00 58.07  ? 107 HOH B O   1 
HETATM 1414 O O   . HOH D 2 .  ? 19.136  4.669   3.911   1.00 42.38  ? 108 HOH B O   1 
HETATM 1415 O O   . HOH D 2 .  ? 27.219  -11.197 6.013   1.00 64.21  ? 109 HOH B O   1 
HETATM 1416 O O   . HOH D 2 .  ? 24.702  3.194   -3.831  1.00 58.31  ? 110 HOH B O   1 
HETATM 1417 O O   . HOH D 2 .  ? 15.278  -5.206  -9.159  1.00 39.32  ? 111 HOH B O   1 
HETATM 1418 O O   . HOH D 2 .  ? 30.186  -5.087  -3.204  1.00 34.73  ? 112 HOH B O   1 
HETATM 1419 O O   . HOH D 2 .  ? 32.864  -15.755 1.984   1.00 53.12  ? 113 HOH B O   1 
HETATM 1420 O O   . HOH D 2 .  ? 10.150  -2.752  -10.582 1.00 32.38  ? 114 HOH B O   1 
HETATM 1421 O O   . HOH D 2 .  ? 8.158   -1.464  -12.852 1.00 45.33  ? 115 HOH B O   1 
HETATM 1422 O O   . HOH D 2 .  ? 7.568   -8.996  -16.023 1.00 56.95  ? 116 HOH B O   1 
HETATM 1423 O O   . HOH D 2 .  ? 24.428  -2.391  8.026   1.00 57.56  ? 117 HOH B O   1 
HETATM 1424 O O   . HOH D 2 .  ? 12.150  -13.193 8.149   1.00 42.77  ? 118 HOH B O   1 
HETATM 1425 O O   . HOH D 2 .  ? 22.131  1.619   -3.889  1.00 34.30  ? 119 HOH B O   1 
HETATM 1426 O O   . HOH D 2 .  ? 1.854   -11.145 -6.653  1.00 30.51  ? 120 HOH B O   1 
HETATM 1427 O O   . HOH D 2 .  ? 15.818  -12.326 2.530   1.00 41.56  ? 121 HOH B O   1 
HETATM 1428 O O   . HOH D 2 .  ? 32.714  -5.198  -5.966  1.00 35.20  ? 122 HOH B O   1 
HETATM 1429 O O   . HOH D 2 .  ? 25.312  -5.933  -12.567 1.00 49.47  ? 123 HOH B O   1 
HETATM 1430 O O   . HOH D 2 .  ? 6.668   -16.100 2.570   1.00 75.87  ? 124 HOH B O   1 
HETATM 1431 O O   . HOH D 2 .  ? 5.715   -14.297 4.145   1.00 51.99  ? 125 HOH B O   1 
HETATM 1432 O O   . HOH D 2 .  ? 10.044  -8.418  8.700   1.00 57.93  ? 126 HOH B O   1 
HETATM 1433 O O   . HOH D 2 .  ? -2.093  -4.564  -0.522  1.00 110.84 ? 127 HOH B O   1 
HETATM 1434 O O   . HOH D 2 .  ? -0.329  -9.428  -12.765 1.00 59.72  ? 128 HOH B O   1 
HETATM 1435 O O   . HOH D 2 .  ? -0.803  -9.083  -6.475  1.00 49.31  ? 129 HOH B O   1 
HETATM 1436 O O   . HOH D 2 .  ? -3.083  -2.394  -11.556 1.00 52.58  ? 130 HOH B O   1 
HETATM 1437 O O   . HOH D 2 .  ? 8.803   3.932   -4.242  1.00 46.82  ? 131 HOH B O   1 
HETATM 1438 O O   . HOH D 2 .  ? 8.221   0.730   4.152   1.00 42.94  ? 132 HOH B O   1 
HETATM 1439 O O   . HOH D 2 .  ? 10.379  5.247   1.148   1.00 40.90  ? 133 HOH B O   1 
HETATM 1440 O O   . HOH D 2 .  ? 27.473  -6.252  -13.888 1.00 52.28  ? 134 HOH B O   1 
HETATM 1441 O O   . HOH D 2 .  ? 26.627  -18.531 6.510   1.00 54.67  ? 135 HOH B O   1 
HETATM 1442 O O   . HOH D 2 .  ? 25.336  -9.206  6.209   1.00 53.60  ? 136 HOH B O   1 
HETATM 1443 O O   . HOH D 2 .  ? 8.586   -6.739  -17.256 1.00 55.07  ? 137 HOH B O   1 
HETATM 1444 O O   . HOH D 2 .  ? 3.269   -14.255 -3.724  1.00 45.69  ? 138 HOH B O   1 
HETATM 1445 O O   . HOH D 2 .  ? 6.962   8.886   -10.668 1.00 33.79  ? 139 HOH B O   1 
HETATM 1446 O O   . HOH D 2 .  ? 27.616  -8.106  2.944   1.00 34.62  ? 140 HOH B O   1 
HETATM 1447 O O   . HOH D 2 .  ? 14.281  -7.743  -10.061 1.00 66.49  ? 141 HOH B O   1 
HETATM 1448 O O   . HOH D 2 .  ? 26.588  -30.209 -1.704  1.00 48.44  ? 142 HOH B O   1 
HETATM 1449 O O   . HOH D 2 .  ? 23.368  4.259   -1.552  1.00 62.03  ? 143 HOH B O   1 
HETATM 1450 O O   . HOH D 2 .  ? 4.760   3.966   -1.223  1.00 36.61  ? 144 HOH B O   1 
HETATM 1451 O O   . HOH D 2 .  ? 11.320  -17.486 1.838   1.00 52.98  ? 145 HOH B O   1 
HETATM 1452 O O   . HOH D 2 .  ? 1.158   -0.497  -14.810 1.00 55.00  ? 146 HOH B O   1 
HETATM 1453 O O   . HOH D 2 .  ? 20.069  2.525   -8.013  1.00 51.86  ? 147 HOH B O   1 
HETATM 1454 O O   . HOH D 2 .  ? 2.119   1.689   -6.356  1.00 57.41  ? 148 HOH B O   1 
HETATM 1455 O O   . HOH D 2 .  ? 21.020  -13.380 8.566   1.00 49.65  ? 149 HOH B O   1 
HETATM 1456 O O   . HOH D 2 .  ? 18.542  -8.613  5.946   1.00 55.55  ? 150 HOH B O   1 
HETATM 1457 O O   . HOH D 2 .  ? 8.541   -8.096  6.899   1.00 56.41  ? 151 HOH B O   1 
HETATM 1458 O O   . HOH D 2 .  ? 7.901   7.912   -1.914  1.00 41.93  ? 152 HOH B O   1 
HETATM 1459 O O   . HOH D 2 .  ? 29.822  -12.726 2.765   1.00 51.96  ? 153 HOH B O   1 
HETATM 1460 O O   . HOH D 2 .  ? -7.123  -7.535  -1.627  1.00 38.52  ? 154 HOH B O   1 
HETATM 1461 O O   . HOH D 2 .  ? 31.215  -6.852  -9.716  1.00 50.01  ? 155 HOH B O   1 
HETATM 1462 O O   . HOH D 2 .  ? -1.675  -4.070  3.012   1.00 51.88  ? 156 HOH B O   1 
HETATM 1463 O O   . HOH D 2 .  ? -1.714  -3.966  -10.342 1.00 47.09  ? 157 HOH B O   1 
HETATM 1464 O O   . HOH D 2 .  ? 13.518  0.056   11.226  1.00 59.09  ? 158 HOH B O   1 
HETATM 1465 O O   . HOH D 2 .  ? 10.723  -3.685  9.238   1.00 38.96  ? 159 HOH B O   1 
HETATM 1466 O O   . HOH D 2 .  ? 4.711   -5.123  -18.564 1.00 57.72  ? 160 HOH B O   1 
HETATM 1467 O O   . HOH D 2 .  ? 24.018  -0.020  -14.940 1.00 54.13  ? 161 HOH B O   1 
HETATM 1468 O O   . HOH D 2 .  ? 28.865  -12.182 -6.069  1.00 48.12  ? 162 HOH B O   1 
HETATM 1469 O O   . HOH D 2 .  ? 27.688  -12.677 8.434   1.00 53.22  ? 163 HOH B O   1 
HETATM 1470 O O   . HOH D 2 .  ? 1.484   -6.434  4.905   1.00 35.84  ? 164 HOH B O   1 
HETATM 1471 O O   . HOH D 2 .  ? 16.706  -4.215  8.305   1.00 54.49  ? 165 HOH B O   1 
HETATM 1472 O O   . HOH D 2 .  ? 25.636  -15.896 6.988   1.00 35.42  ? 166 HOH B O   1 
HETATM 1473 O O   . HOH D 2 .  ? 19.523  -6.408  7.150   1.00 47.21  ? 167 HOH B O   1 
HETATM 1474 O O   . HOH D 2 .  ? 12.065  -4.475  -11.692 1.00 38.31  ? 168 HOH B O   1 
HETATM 1475 O O   . HOH D 2 .  ? 11.404  -5.724  8.013   1.00 54.93  ? 169 HOH B O   1 
HETATM 1476 O O   . HOH D 2 .  ? 9.906   7.743   3.268   1.00 67.03  ? 170 HOH B O   1 
HETATM 1477 O O   . HOH D 2 .  ? 20.556  -10.702 6.326   1.00 39.37  ? 171 HOH B O   1 
HETATM 1478 O O   . HOH D 2 .  ? 14.757  -1.993  -11.011 1.00 39.39  ? 172 HOH B O   1 
HETATM 1479 O O   . HOH D 2 .  ? 0.795   -10.267 -2.456  1.00 55.19  ? 173 HOH B O   1 
# 
